data_3IY7
# 
_entry.id   3IY7 
# 
_audit_conform.dict_name       mmcif_pdbx.dic 
_audit_conform.dict_version    5.397 
_audit_conform.dict_location   http://mmcif.pdb.org/dictionaries/ascii/mmcif_pdbx.dic 
# 
loop_
_database_2.database_id 
_database_2.database_code 
_database_2.pdbx_database_accession 
_database_2.pdbx_DOI 
PDB   3IY7         pdb_00003iy7 10.2210/pdb3iy7/pdb 
RCSB  RCSB160013   ?            ?                   
WWPDB D_1000160013 ?            ?                   
# 
loop_
_pdbx_audit_revision_history.ordinal 
_pdbx_audit_revision_history.data_content_type 
_pdbx_audit_revision_history.major_revision 
_pdbx_audit_revision_history.minor_revision 
_pdbx_audit_revision_history.revision_date 
1 'Structure model' 1 0 2009-05-12 
2 'Structure model' 1 1 2011-07-13 
3 'Structure model' 1 2 2018-07-18 
4 'Structure model' 1 3 2024-10-30 
# 
_pdbx_audit_revision_details.ordinal             1 
_pdbx_audit_revision_details.revision_ordinal    1 
_pdbx_audit_revision_details.data_content_type   'Structure model' 
_pdbx_audit_revision_details.provider            repository 
_pdbx_audit_revision_details.type                'Initial release' 
_pdbx_audit_revision_details.description         ? 
_pdbx_audit_revision_details.details             ? 
# 
loop_
_pdbx_audit_revision_group.ordinal 
_pdbx_audit_revision_group.revision_ordinal 
_pdbx_audit_revision_group.data_content_type 
_pdbx_audit_revision_group.group 
1 2 'Structure model' 'Version format compliance' 
2 3 'Structure model' 'Data collection'           
3 4 'Structure model' 'Data collection'           
4 4 'Structure model' 'Database references'       
5 4 'Structure model' 'Structure summary'         
# 
loop_
_pdbx_audit_revision_category.ordinal 
_pdbx_audit_revision_category.revision_ordinal 
_pdbx_audit_revision_category.data_content_type 
_pdbx_audit_revision_category.category 
1 3 'Structure model' em_software               
2 4 'Structure model' chem_comp_atom            
3 4 'Structure model' chem_comp_bond            
4 4 'Structure model' database_2                
5 4 'Structure model' pdbx_entry_details        
6 4 'Structure model' pdbx_modification_feature 
# 
loop_
_pdbx_audit_revision_item.ordinal 
_pdbx_audit_revision_item.revision_ordinal 
_pdbx_audit_revision_item.data_content_type 
_pdbx_audit_revision_item.item 
1 3 'Structure model' '_em_software.image_processing_id'    
2 4 'Structure model' '_database_2.pdbx_DOI'                
3 4 'Structure model' '_database_2.pdbx_database_accession' 
# 
_pdbx_database_status.status_code                     REL 
_pdbx_database_status.entry_id                        3IY7 
_pdbx_database_status.recvd_initial_deposition_date   2009-04-09 
_pdbx_database_status.deposit_site                    RCSB 
_pdbx_database_status.process_site                    RCSB 
_pdbx_database_status.status_code_sf                  ? 
_pdbx_database_status.status_code_mr                  ? 
_pdbx_database_status.SG_entry                        ? 
_pdbx_database_status.pdb_format_compatible           Y 
_pdbx_database_status.status_code_cs                  ? 
_pdbx_database_status.methods_development_category    ? 
_pdbx_database_status.status_code_nmr_data            ? 
# 
_pdbx_database_related.db_name        EMDB 
_pdbx_database_related.db_id          EMD-5112 
_pdbx_database_related.content_type   'associated EM volume' 
_pdbx_database_related.details        
;the cryoEM reconstruction   
of the virus-Fab F complex
;
# 
loop_
_audit_author.name 
_audit_author.pdbx_ordinal 
'Hafenstein, S.' 1 
'Bowman, V.D.'   2 
'Sun, T.'        3 
'Nelson, C.D.'   4 
'Palermo, L.M.'  5 
'Chipman, P.R.'  6 
'Battisti, A.J.' 7 
'Parrish, C.R.'  8 
'Rossmann, M.G.' 9 
# 
_citation.id                        primary 
_citation.title                     'Structural comparison of different antibodies interacting with parvovirus capsids' 
_citation.journal_abbrev            J.Virol. 
_citation.journal_volume            83 
_citation.page_first                5556 
_citation.page_last                 5566 
_citation.year                      2009 
_citation.journal_id_ASTM           JOVIAM 
_citation.country                   US 
_citation.journal_id_ISSN           0022-538X 
_citation.journal_id_CSD            0825 
_citation.book_publisher            ? 
_citation.pdbx_database_id_PubMed   19321620 
_citation.pdbx_database_id_DOI      10.1128/JVI.02532-08 
# 
loop_
_citation_author.citation_id 
_citation_author.name 
_citation_author.ordinal 
_citation_author.identifier_ORCID 
primary 'Hafenstein, S.' 1 ? 
primary 'Bowman, V.D.'   2 ? 
primary 'Sun, T.'        3 ? 
primary 'Nelson, C.D.'   4 ? 
primary 'Palermo, L.M.'  5 ? 
primary 'Chipman, P.R.'  6 ? 
primary 'Battisti, A.J.' 7 ? 
primary 'Parrish, C.R.'  8 ? 
primary 'Rossmann, M.G.' 9 ? 
# 
loop_
_entity.id 
_entity.type 
_entity.src_method 
_entity.pdbx_description 
_entity.formula_weight 
_entity.pdbx_number_of_molecules 
_entity.pdbx_ec 
_entity.pdbx_mutation 
_entity.pdbx_fragment 
_entity.details 
1 polymer nat 'fragment from neutralizing antibody F (light chain)' 11685.065 1 ? ? 'FAb F' ? 
2 polymer nat 'fragment from neutralizing antibody F (heavy chain)' 12725.310 1 ? ? ?       ? 
# 
loop_
_entity_poly.entity_id 
_entity_poly.type 
_entity_poly.nstd_linkage 
_entity_poly.nstd_monomer 
_entity_poly.pdbx_seq_one_letter_code 
_entity_poly.pdbx_seq_one_letter_code_can 
_entity_poly.pdbx_strand_id 
_entity_poly.pdbx_target_identifier 
1 'polypeptide(L)' no no 
;LMTQIPSLLSASVGDRVTLNCKASHNINKNLEWYQQKLGEAPKLLIYYANNLQTGISSRFSGSGSGTDYTLTISSLQPED
VATYYCYQYNSGHTFGAGTKLELKRA
;
;LMTQIPSLLSASVGDRVTLNCKASHNINKNLEWYQQKLGEAPKLLIYYANNLQTGISSRFSGSGSGTDYTLTISSLQPED
VATYYCYQYNSGHTFGAGTKLELKRA
;
A ? 
2 'polypeptide(L)' no no 
;SGPGLVQPSQTLSLTCTVSGFSLTSYGVSWVRQPPGKGLEWIGTMWNDGDTDYHSALRSRLSISRDSSKSQVLLKMNSLQ
TEDTAMYFCARSQLPGYNLRGWFVYWGQGTLVIVS
;
;SGPGLVQPSQTLSLTCTVSGFSLTSYGVSWVRQPPGKGLEWIGTMWNDGDTDYHSALRSRLSISRDSSKSQVLLKMNSLQ
TEDTAMYFCARSQLPGYNLRGWFVYWGQGTLVIVS
;
B ? 
# 
loop_
_entity_poly_seq.entity_id 
_entity_poly_seq.num 
_entity_poly_seq.mon_id 
_entity_poly_seq.hetero 
1 1   LEU n 
1 2   MET n 
1 3   THR n 
1 4   GLN n 
1 5   ILE n 
1 6   PRO n 
1 7   SER n 
1 8   LEU n 
1 9   LEU n 
1 10  SER n 
1 11  ALA n 
1 12  SER n 
1 13  VAL n 
1 14  GLY n 
1 15  ASP n 
1 16  ARG n 
1 17  VAL n 
1 18  THR n 
1 19  LEU n 
1 20  ASN n 
1 21  CYS n 
1 22  LYS n 
1 23  ALA n 
1 24  SER n 
1 25  HIS n 
1 26  ASN n 
1 27  ILE n 
1 28  ASN n 
1 29  LYS n 
1 30  ASN n 
1 31  LEU n 
1 32  GLU n 
1 33  TRP n 
1 34  TYR n 
1 35  GLN n 
1 36  GLN n 
1 37  LYS n 
1 38  LEU n 
1 39  GLY n 
1 40  GLU n 
1 41  ALA n 
1 42  PRO n 
1 43  LYS n 
1 44  LEU n 
1 45  LEU n 
1 46  ILE n 
1 47  TYR n 
1 48  TYR n 
1 49  ALA n 
1 50  ASN n 
1 51  ASN n 
1 52  LEU n 
1 53  GLN n 
1 54  THR n 
1 55  GLY n 
1 56  ILE n 
1 57  SER n 
1 58  SER n 
1 59  ARG n 
1 60  PHE n 
1 61  SER n 
1 62  GLY n 
1 63  SER n 
1 64  GLY n 
1 65  SER n 
1 66  GLY n 
1 67  THR n 
1 68  ASP n 
1 69  TYR n 
1 70  THR n 
1 71  LEU n 
1 72  THR n 
1 73  ILE n 
1 74  SER n 
1 75  SER n 
1 76  LEU n 
1 77  GLN n 
1 78  PRO n 
1 79  GLU n 
1 80  ASP n 
1 81  VAL n 
1 82  ALA n 
1 83  THR n 
1 84  TYR n 
1 85  TYR n 
1 86  CYS n 
1 87  TYR n 
1 88  GLN n 
1 89  TYR n 
1 90  ASN n 
1 91  SER n 
1 92  GLY n 
1 93  HIS n 
1 94  THR n 
1 95  PHE n 
1 96  GLY n 
1 97  ALA n 
1 98  GLY n 
1 99  THR n 
1 100 LYS n 
1 101 LEU n 
1 102 GLU n 
1 103 LEU n 
1 104 LYS n 
1 105 ARG n 
1 106 ALA n 
2 1   SER n 
2 2   GLY n 
2 3   PRO n 
2 4   GLY n 
2 5   LEU n 
2 6   VAL n 
2 7   GLN n 
2 8   PRO n 
2 9   SER n 
2 10  GLN n 
2 11  THR n 
2 12  LEU n 
2 13  SER n 
2 14  LEU n 
2 15  THR n 
2 16  CYS n 
2 17  THR n 
2 18  VAL n 
2 19  SER n 
2 20  GLY n 
2 21  PHE n 
2 22  SER n 
2 23  LEU n 
2 24  THR n 
2 25  SER n 
2 26  TYR n 
2 27  GLY n 
2 28  VAL n 
2 29  SER n 
2 30  TRP n 
2 31  VAL n 
2 32  ARG n 
2 33  GLN n 
2 34  PRO n 
2 35  PRO n 
2 36  GLY n 
2 37  LYS n 
2 38  GLY n 
2 39  LEU n 
2 40  GLU n 
2 41  TRP n 
2 42  ILE n 
2 43  GLY n 
2 44  THR n 
2 45  MET n 
2 46  TRP n 
2 47  ASN n 
2 48  ASP n 
2 49  GLY n 
2 50  ASP n 
2 51  THR n 
2 52  ASP n 
2 53  TYR n 
2 54  HIS n 
2 55  SER n 
2 56  ALA n 
2 57  LEU n 
2 58  ARG n 
2 59  SER n 
2 60  ARG n 
2 61  LEU n 
2 62  SER n 
2 63  ILE n 
2 64  SER n 
2 65  ARG n 
2 66  ASP n 
2 67  SER n 
2 68  SER n 
2 69  LYS n 
2 70  SER n 
2 71  GLN n 
2 72  VAL n 
2 73  LEU n 
2 74  LEU n 
2 75  LYS n 
2 76  MET n 
2 77  ASN n 
2 78  SER n 
2 79  LEU n 
2 80  GLN n 
2 81  THR n 
2 82  GLU n 
2 83  ASP n 
2 84  THR n 
2 85  ALA n 
2 86  MET n 
2 87  TYR n 
2 88  PHE n 
2 89  CYS n 
2 90  ALA n 
2 91  ARG n 
2 92  SER n 
2 93  GLN n 
2 94  LEU n 
2 95  PRO n 
2 96  GLY n 
2 97  TYR n 
2 98  ASN n 
2 99  LEU n 
2 100 ARG n 
2 101 GLY n 
2 102 TRP n 
2 103 PHE n 
2 104 VAL n 
2 105 TYR n 
2 106 TRP n 
2 107 GLY n 
2 108 GLN n 
2 109 GLY n 
2 110 THR n 
2 111 LEU n 
2 112 VAL n 
2 113 ILE n 
2 114 VAL n 
2 115 SER n 
# 
loop_
_entity_src_nat.entity_id 
_entity_src_nat.pdbx_src_id 
_entity_src_nat.pdbx_alt_source_flag 
_entity_src_nat.pdbx_beg_seq_num 
_entity_src_nat.pdbx_end_seq_num 
_entity_src_nat.common_name 
_entity_src_nat.pdbx_organism_scientific 
_entity_src_nat.pdbx_ncbi_taxonomy_id 
_entity_src_nat.genus 
_entity_src_nat.species 
_entity_src_nat.strain 
_entity_src_nat.tissue 
_entity_src_nat.tissue_fraction 
_entity_src_nat.pdbx_secretion 
_entity_src_nat.pdbx_fragment 
_entity_src_nat.pdbx_variant 
_entity_src_nat.pdbx_cell_line 
_entity_src_nat.pdbx_atcc 
_entity_src_nat.pdbx_cellular_location 
_entity_src_nat.pdbx_organ 
_entity_src_nat.pdbx_organelle 
_entity_src_nat.pdbx_cell 
_entity_src_nat.pdbx_plasmid_name 
_entity_src_nat.pdbx_plasmid_details 
_entity_src_nat.details 
1 1 sample ? ? ? 'Rattus norvegicus' 10116 ? ? ? ? ? ? ? ? ? ? ? ? ? ? ? ? ? 
2 1 sample ? ? ? 'Rattus norvegicus' 10116 ? ? ? ? ? ? ? ? ? ? ? ? ? ? ? ? ? 
# 
loop_
_chem_comp.id 
_chem_comp.type 
_chem_comp.mon_nstd_flag 
_chem_comp.name 
_chem_comp.pdbx_synonyms 
_chem_comp.formula 
_chem_comp.formula_weight 
ALA 'L-peptide linking' y ALANINE         ? 'C3 H7 N O2'     89.093  
ARG 'L-peptide linking' y ARGININE        ? 'C6 H15 N4 O2 1' 175.209 
ASN 'L-peptide linking' y ASPARAGINE      ? 'C4 H8 N2 O3'    132.118 
ASP 'L-peptide linking' y 'ASPARTIC ACID' ? 'C4 H7 N O4'     133.103 
CYS 'L-peptide linking' y CYSTEINE        ? 'C3 H7 N O2 S'   121.158 
GLN 'L-peptide linking' y GLUTAMINE       ? 'C5 H10 N2 O3'   146.144 
GLU 'L-peptide linking' y 'GLUTAMIC ACID' ? 'C5 H9 N O4'     147.129 
GLY 'peptide linking'   y GLYCINE         ? 'C2 H5 N O2'     75.067  
HIS 'L-peptide linking' y HISTIDINE       ? 'C6 H10 N3 O2 1' 156.162 
ILE 'L-peptide linking' y ISOLEUCINE      ? 'C6 H13 N O2'    131.173 
LEU 'L-peptide linking' y LEUCINE         ? 'C6 H13 N O2'    131.173 
LYS 'L-peptide linking' y LYSINE          ? 'C6 H15 N2 O2 1' 147.195 
MET 'L-peptide linking' y METHIONINE      ? 'C5 H11 N O2 S'  149.211 
PHE 'L-peptide linking' y PHENYLALANINE   ? 'C9 H11 N O2'    165.189 
PRO 'L-peptide linking' y PROLINE         ? 'C5 H9 N O2'     115.130 
SER 'L-peptide linking' y SERINE          ? 'C3 H7 N O3'     105.093 
THR 'L-peptide linking' y THREONINE       ? 'C4 H9 N O3'     119.119 
TRP 'L-peptide linking' y TRYPTOPHAN      ? 'C11 H12 N2 O2'  204.225 
TYR 'L-peptide linking' y TYROSINE        ? 'C9 H11 N O3'    181.189 
VAL 'L-peptide linking' y VALINE          ? 'C5 H11 N O2'    117.146 
# 
loop_
_pdbx_poly_seq_scheme.asym_id 
_pdbx_poly_seq_scheme.entity_id 
_pdbx_poly_seq_scheme.seq_id 
_pdbx_poly_seq_scheme.mon_id 
_pdbx_poly_seq_scheme.ndb_seq_num 
_pdbx_poly_seq_scheme.pdb_seq_num 
_pdbx_poly_seq_scheme.auth_seq_num 
_pdbx_poly_seq_scheme.pdb_mon_id 
_pdbx_poly_seq_scheme.auth_mon_id 
_pdbx_poly_seq_scheme.pdb_strand_id 
_pdbx_poly_seq_scheme.pdb_ins_code 
_pdbx_poly_seq_scheme.hetero 
A 1 1   LEU 1   1   1   LEU LEU A . n 
A 1 2   MET 2   2   2   MET MET A . n 
A 1 3   THR 3   3   3   THR THR A . n 
A 1 4   GLN 4   4   4   GLN GLN A . n 
A 1 5   ILE 5   5   5   ILE ILE A . n 
A 1 6   PRO 6   6   6   PRO PRO A . n 
A 1 7   SER 7   7   7   SER SER A . n 
A 1 8   LEU 8   8   8   LEU LEU A . n 
A 1 9   LEU 9   9   9   LEU LEU A . n 
A 1 10  SER 10  10  10  SER SER A . n 
A 1 11  ALA 11  11  11  ALA ALA A . n 
A 1 12  SER 12  12  12  SER SER A . n 
A 1 13  VAL 13  13  13  VAL VAL A . n 
A 1 14  GLY 14  14  14  GLY GLY A . n 
A 1 15  ASP 15  15  15  ASP ASP A . n 
A 1 16  ARG 16  16  16  ARG ARG A . n 
A 1 17  VAL 17  17  17  VAL VAL A . n 
A 1 18  THR 18  18  18  THR THR A . n 
A 1 19  LEU 19  19  19  LEU LEU A . n 
A 1 20  ASN 20  20  20  ASN ASN A . n 
A 1 21  CYS 21  21  21  CYS CYS A . n 
A 1 22  LYS 22  22  22  LYS LYS A . n 
A 1 23  ALA 23  23  23  ALA ALA A . n 
A 1 24  SER 24  24  24  SER SER A . n 
A 1 25  HIS 25  25  25  HIS HIS A . n 
A 1 26  ASN 26  26  26  ASN ASN A . n 
A 1 27  ILE 27  27  27  ILE ILE A . n 
A 1 28  ASN 28  28  28  ASN ASN A . n 
A 1 29  LYS 29  29  29  LYS LYS A . n 
A 1 30  ASN 30  30  30  ASN ASN A . n 
A 1 31  LEU 31  31  31  LEU LEU A . n 
A 1 32  GLU 32  32  32  GLU GLU A . n 
A 1 33  TRP 33  33  33  TRP TRP A . n 
A 1 34  TYR 34  34  34  TYR TYR A . n 
A 1 35  GLN 35  35  35  GLN GLN A . n 
A 1 36  GLN 36  36  36  GLN GLN A . n 
A 1 37  LYS 37  37  37  LYS LYS A . n 
A 1 38  LEU 38  38  38  LEU LEU A . n 
A 1 39  GLY 39  39  39  GLY GLY A . n 
A 1 40  GLU 40  40  40  GLU GLU A . n 
A 1 41  ALA 41  41  41  ALA ALA A . n 
A 1 42  PRO 42  42  42  PRO PRO A . n 
A 1 43  LYS 43  43  43  LYS LYS A . n 
A 1 44  LEU 44  44  44  LEU LEU A . n 
A 1 45  LEU 45  45  45  LEU LEU A . n 
A 1 46  ILE 46  46  46  ILE ILE A . n 
A 1 47  TYR 47  47  47  TYR TYR A . n 
A 1 48  TYR 48  48  48  TYR TYR A . n 
A 1 49  ALA 49  49  49  ALA ALA A . n 
A 1 50  ASN 50  50  50  ASN ASN A . n 
A 1 51  ASN 51  51  51  ASN ASN A . n 
A 1 52  LEU 52  52  52  LEU LEU A . n 
A 1 53  GLN 53  53  53  GLN GLN A . n 
A 1 54  THR 54  54  54  THR THR A . n 
A 1 55  GLY 55  55  55  GLY GLY A . n 
A 1 56  ILE 56  56  56  ILE ILE A . n 
A 1 57  SER 57  57  57  SER SER A . n 
A 1 58  SER 58  58  58  SER SER A . n 
A 1 59  ARG 59  59  59  ARG ARG A . n 
A 1 60  PHE 60  60  60  PHE PHE A . n 
A 1 61  SER 61  61  61  SER SER A . n 
A 1 62  GLY 62  62  62  GLY GLY A . n 
A 1 63  SER 63  63  63  SER SER A . n 
A 1 64  GLY 64  64  64  GLY GLY A . n 
A 1 65  SER 65  65  65  SER SER A . n 
A 1 66  GLY 66  66  66  GLY GLY A . n 
A 1 67  THR 67  67  67  THR THR A . n 
A 1 68  ASP 68  68  68  ASP ASP A . n 
A 1 69  TYR 69  69  69  TYR TYR A . n 
A 1 70  THR 70  70  70  THR THR A . n 
A 1 71  LEU 71  71  71  LEU LEU A . n 
A 1 72  THR 72  72  72  THR THR A . n 
A 1 73  ILE 73  73  73  ILE ILE A . n 
A 1 74  SER 74  74  74  SER SER A . n 
A 1 75  SER 75  75  75  SER SER A . n 
A 1 76  LEU 76  76  76  LEU LEU A . n 
A 1 77  GLN 77  77  77  GLN GLN A . n 
A 1 78  PRO 78  78  78  PRO PRO A . n 
A 1 79  GLU 79  79  79  GLU GLU A . n 
A 1 80  ASP 80  80  80  ASP ASP A . n 
A 1 81  VAL 81  81  81  VAL VAL A . n 
A 1 82  ALA 82  82  82  ALA ALA A . n 
A 1 83  THR 83  83  83  THR THR A . n 
A 1 84  TYR 84  84  84  TYR TYR A . n 
A 1 85  TYR 85  85  85  TYR TYR A . n 
A 1 86  CYS 86  86  86  CYS CYS A . n 
A 1 87  TYR 87  87  87  TYR TYR A . n 
A 1 88  GLN 88  88  88  GLN GLN A . n 
A 1 89  TYR 89  89  89  TYR TYR A . n 
A 1 90  ASN 90  90  90  ASN ASN A . n 
A 1 91  SER 91  91  91  SER SER A . n 
A 1 92  GLY 92  92  92  GLY GLY A . n 
A 1 93  HIS 93  93  93  HIS HIS A . n 
A 1 94  THR 94  94  94  THR THR A . n 
A 1 95  PHE 95  95  95  PHE PHE A . n 
A 1 96  GLY 96  96  96  GLY GLY A . n 
A 1 97  ALA 97  97  97  ALA ALA A . n 
A 1 98  GLY 98  98  98  GLY GLY A . n 
A 1 99  THR 99  99  99  THR THR A . n 
A 1 100 LYS 100 100 100 LYS LYS A . n 
A 1 101 LEU 101 101 101 LEU LEU A . n 
A 1 102 GLU 102 102 102 GLU GLU A . n 
A 1 103 LEU 103 103 103 LEU LEU A . n 
A 1 104 LYS 104 104 104 LYS LYS A . n 
A 1 105 ARG 105 105 105 ARG ARG A . n 
A 1 106 ALA 106 106 106 ALA ALA A . n 
B 2 1   SER 1   107 107 SER SER B . n 
B 2 2   GLY 2   108 108 GLY GLY B . n 
B 2 3   PRO 3   109 109 PRO PRO B . n 
B 2 4   GLY 4   110 110 GLY GLY B . n 
B 2 5   LEU 5   111 111 LEU LEU B . n 
B 2 6   VAL 6   112 112 VAL VAL B . n 
B 2 7   GLN 7   113 113 GLN GLN B . n 
B 2 8   PRO 8   114 114 PRO PRO B . n 
B 2 9   SER 9   115 115 SER SER B . n 
B 2 10  GLN 10  116 116 GLN GLN B . n 
B 2 11  THR 11  117 117 THR THR B . n 
B 2 12  LEU 12  118 118 LEU LEU B . n 
B 2 13  SER 13  119 119 SER SER B . n 
B 2 14  LEU 14  120 120 LEU LEU B . n 
B 2 15  THR 15  121 121 THR THR B . n 
B 2 16  CYS 16  122 122 CYS CYS B . n 
B 2 17  THR 17  123 123 THR THR B . n 
B 2 18  VAL 18  124 124 VAL VAL B . n 
B 2 19  SER 19  125 125 SER SER B . n 
B 2 20  GLY 20  126 126 GLY GLY B . n 
B 2 21  PHE 21  127 127 PHE PHE B . n 
B 2 22  SER 22  128 128 SER SER B . n 
B 2 23  LEU 23  129 129 LEU LEU B . n 
B 2 24  THR 24  130 130 THR THR B . n 
B 2 25  SER 25  131 131 SER SER B . n 
B 2 26  TYR 26  132 132 TYR TYR B . n 
B 2 27  GLY 27  133 133 GLY GLY B . n 
B 2 28  VAL 28  134 134 VAL VAL B . n 
B 2 29  SER 29  135 135 SER SER B . n 
B 2 30  TRP 30  136 136 TRP TRP B . n 
B 2 31  VAL 31  137 137 VAL VAL B . n 
B 2 32  ARG 32  138 138 ARG ARG B . n 
B 2 33  GLN 33  139 139 GLN GLN B . n 
B 2 34  PRO 34  140 140 PRO PRO B . n 
B 2 35  PRO 35  141 141 PRO PRO B . n 
B 2 36  GLY 36  142 142 GLY GLY B . n 
B 2 37  LYS 37  143 143 LYS LYS B . n 
B 2 38  GLY 38  144 144 GLY GLY B . n 
B 2 39  LEU 39  145 145 LEU LEU B . n 
B 2 40  GLU 40  146 146 GLU GLU B . n 
B 2 41  TRP 41  147 147 TRP TRP B . n 
B 2 42  ILE 42  148 148 ILE ILE B . n 
B 2 43  GLY 43  149 149 GLY GLY B . n 
B 2 44  THR 44  150 150 THR THR B . n 
B 2 45  MET 45  151 151 MET MET B . n 
B 2 46  TRP 46  152 152 TRP TRP B . n 
B 2 47  ASN 47  153 153 ASN ASN B . n 
B 2 48  ASP 48  154 154 ASP ASP B . n 
B 2 49  GLY 49  155 155 GLY GLY B . n 
B 2 50  ASP 50  156 156 ASP ASP B . n 
B 2 51  THR 51  157 157 THR THR B . n 
B 2 52  ASP 52  158 158 ASP ASP B . n 
B 2 53  TYR 53  159 159 TYR TYR B . n 
B 2 54  HIS 54  160 160 HIS HIS B . n 
B 2 55  SER 55  161 161 SER SER B . n 
B 2 56  ALA 56  162 162 ALA ALA B . n 
B 2 57  LEU 57  163 163 LEU LEU B . n 
B 2 58  ARG 58  164 164 ARG ARG B . n 
B 2 59  SER 59  165 165 SER SER B . n 
B 2 60  ARG 60  166 166 ARG ARG B . n 
B 2 61  LEU 61  167 167 LEU LEU B . n 
B 2 62  SER 62  168 168 SER SER B . n 
B 2 63  ILE 63  169 169 ILE ILE B . n 
B 2 64  SER 64  170 170 SER SER B . n 
B 2 65  ARG 65  171 171 ARG ARG B . n 
B 2 66  ASP 66  172 172 ASP ASP B . n 
B 2 67  SER 67  173 173 SER SER B . n 
B 2 68  SER 68  174 174 SER SER B . n 
B 2 69  LYS 69  175 175 LYS LYS B . n 
B 2 70  SER 70  176 176 SER SER B . n 
B 2 71  GLN 71  177 177 GLN GLN B . n 
B 2 72  VAL 72  178 178 VAL VAL B . n 
B 2 73  LEU 73  179 179 LEU LEU B . n 
B 2 74  LEU 74  180 180 LEU LEU B . n 
B 2 75  LYS 75  181 181 LYS LYS B . n 
B 2 76  MET 76  182 182 MET MET B . n 
B 2 77  ASN 77  183 183 ASN ASN B . n 
B 2 78  SER 78  184 184 SER SER B . n 
B 2 79  LEU 79  185 185 LEU LEU B . n 
B 2 80  GLN 80  186 186 GLN GLN B . n 
B 2 81  THR 81  187 187 THR THR B . n 
B 2 82  GLU 82  188 188 GLU GLU B . n 
B 2 83  ASP 83  189 189 ASP ASP B . n 
B 2 84  THR 84  190 190 THR THR B . n 
B 2 85  ALA 85  191 191 ALA ALA B . n 
B 2 86  MET 86  192 192 MET MET B . n 
B 2 87  TYR 87  193 193 TYR TYR B . n 
B 2 88  PHE 88  194 194 PHE PHE B . n 
B 2 89  CYS 89  195 195 CYS CYS B . n 
B 2 90  ALA 90  196 196 ALA ALA B . n 
B 2 91  ARG 91  197 197 ARG ARG B . n 
B 2 92  SER 92  198 198 SER SER B . n 
B 2 93  GLN 93  199 199 GLN GLN B . n 
B 2 94  LEU 94  200 200 LEU LEU B . n 
B 2 95  PRO 95  201 201 PRO PRO B . n 
B 2 96  GLY 96  202 202 GLY GLY B . n 
B 2 97  TYR 97  203 203 TYR TYR B . n 
B 2 98  ASN 98  204 204 ASN ASN B . n 
B 2 99  LEU 99  205 205 LEU LEU B . n 
B 2 100 ARG 100 206 206 ARG ARG B . n 
B 2 101 GLY 101 207 207 GLY GLY B . n 
B 2 102 TRP 102 208 208 TRP TRP B . n 
B 2 103 PHE 103 209 209 PHE PHE B . n 
B 2 104 VAL 104 210 210 VAL VAL B . n 
B 2 105 TYR 105 211 211 TYR TYR B . n 
B 2 106 TRP 106 212 212 TRP TRP B . n 
B 2 107 GLY 107 213 213 GLY GLY B . n 
B 2 108 GLN 108 214 214 GLN GLN B . n 
B 2 109 GLY 109 215 215 GLY GLY B . n 
B 2 110 THR 110 216 216 THR THR B . n 
B 2 111 LEU 111 217 217 LEU LEU B . n 
B 2 112 VAL 112 218 218 VAL VAL B . n 
B 2 113 ILE 113 219 219 ILE ILE B . n 
B 2 114 VAL 114 220 220 VAL VAL B . n 
B 2 115 SER 115 221 221 SER SER B . n 
# 
_cell.entry_id           3IY7 
_cell.length_a           1.000 
_cell.length_b           1.000 
_cell.length_c           1.000 
_cell.angle_alpha        90.00 
_cell.angle_beta         90.00 
_cell.angle_gamma        90.00 
_cell.Z_PDB              1 
_cell.pdbx_unique_axis   ? 
_cell.length_a_esd       ? 
_cell.length_b_esd       ? 
_cell.length_c_esd       ? 
_cell.angle_alpha_esd    ? 
_cell.angle_beta_esd     ? 
_cell.angle_gamma_esd    ? 
# 
_symmetry.entry_id                         3IY7 
_symmetry.space_group_name_H-M             'P 1' 
_symmetry.pdbx_full_space_group_name_H-M   ? 
_symmetry.cell_setting                     ? 
_symmetry.Int_Tables_number                1 
_symmetry.space_group_name_Hall            ? 
# 
_exptl.entry_id          3IY7 
_exptl.method            'ELECTRON MICROSCOPY' 
_exptl.crystals_number   ? 
# 
_exptl_crystal.id                    1 
_exptl_crystal.density_meas          ? 
_exptl_crystal.density_Matthews      ? 
_exptl_crystal.density_percent_sol   ? 
_exptl_crystal.description           ? 
# 
_diffrn.id                     1 
_diffrn.ambient_temp           ? 
_diffrn.ambient_temp_details   ? 
_diffrn.crystal_id             1 
# 
_diffrn_radiation.diffrn_id                        1 
_diffrn_radiation.wavelength_id                    1 
_diffrn_radiation.pdbx_monochromatic_or_laue_m_l   M 
_diffrn_radiation.monochromator                    ? 
_diffrn_radiation.pdbx_diffrn_protocol             'SINGLE WAVELENGTH' 
_diffrn_radiation.pdbx_scattering_type             ? 
# 
_diffrn_radiation_wavelength.id           1 
_diffrn_radiation_wavelength.wavelength   . 
_diffrn_radiation_wavelength.wt           1.0 
# 
_refine_hist.pdbx_refine_id                   'ELECTRON MICROSCOPY' 
_refine_hist.cycle_id                         LAST 
_refine_hist.pdbx_number_atoms_protein        1717 
_refine_hist.pdbx_number_atoms_nucleic_acid   0 
_refine_hist.pdbx_number_atoms_ligand         0 
_refine_hist.number_atoms_solvent             0 
_refine_hist.number_atoms_total               1717 
_refine_hist.d_res_high                       . 
_refine_hist.d_res_low                        . 
# 
_struct.entry_id                  3IY7 
_struct.title                     
'Variable domains of the computer generated model (WAM) of Fab F fitted into the cryoEM reconstruction of the virus-Fab F complex' 
_struct.pdbx_model_details        ? 
_struct.pdbx_CASP_flag            ? 
_struct.pdbx_model_type_details   ? 
# 
_struct_keywords.entry_id        3IY7 
_struct_keywords.pdbx_keywords   'IMMUNE SYSTEM' 
_struct_keywords.text            'cryoEM, neutralizing antibody, parvovirus, canine, feline, fab footprint, IMMUNE SYSTEM' 
# 
loop_
_struct_asym.id 
_struct_asym.pdbx_blank_PDB_chainid_flag 
_struct_asym.pdbx_modified 
_struct_asym.entity_id 
_struct_asym.details 
A N N 1 ? 
B N N 2 ? 
# 
loop_
_struct_ref.id 
_struct_ref.db_name 
_struct_ref.db_code 
_struct_ref.pdbx_db_accession 
_struct_ref.entity_id 
_struct_ref.pdbx_align_begin 
_struct_ref.pdbx_seq_one_letter_code 
_struct_ref.pdbx_db_isoform 
1 PDB 3IY7 3IY7 1 1 
;LMTQIPSLLSASVGDRVTLNCKASHNINKNLEWYQQKLGEAPKLLIYYANNLQTGISSRFSGSGSGTDYTLTISSLQPED
VATYYCYQYNSGHTFGAGTKLELKRA
;
? 
2 PDB 3IY7 3IY7 2 1 
;SGPGLVQPSQTLSLTCTVSGFSLTSYGVSWVRQPPGKGLEWIGTMWNDGDTDYHSALRSRLSISRDSSKSQVLLKMNSLQ
TEDTAMYFCARSQLPGYNLRGWFVYWGQGTLVIVS
;
? 
# 
loop_
_struct_ref_seq.align_id 
_struct_ref_seq.ref_id 
_struct_ref_seq.pdbx_PDB_id_code 
_struct_ref_seq.pdbx_strand_id 
_struct_ref_seq.seq_align_beg 
_struct_ref_seq.pdbx_seq_align_beg_ins_code 
_struct_ref_seq.seq_align_end 
_struct_ref_seq.pdbx_seq_align_end_ins_code 
_struct_ref_seq.pdbx_db_accession 
_struct_ref_seq.db_align_beg 
_struct_ref_seq.pdbx_db_align_beg_ins_code 
_struct_ref_seq.db_align_end 
_struct_ref_seq.pdbx_db_align_end_ins_code 
_struct_ref_seq.pdbx_auth_seq_align_beg 
_struct_ref_seq.pdbx_auth_seq_align_end 
1 1 3IY7 A 1 ? 106 ? 3IY7 1   ? 106 ? 1   106 
2 2 3IY7 B 1 ? 115 ? 3IY7 107 ? 221 ? 107 221 
# 
_pdbx_struct_assembly.id                   1 
_pdbx_struct_assembly.details              author_defined_assembly 
_pdbx_struct_assembly.method_details       ? 
_pdbx_struct_assembly.oligomeric_details   dimeric 
_pdbx_struct_assembly.oligomeric_count     2 
# 
_pdbx_struct_assembly_gen.assembly_id       1 
_pdbx_struct_assembly_gen.oper_expression   1 
_pdbx_struct_assembly_gen.asym_id_list      A,B 
# 
_pdbx_struct_oper_list.id                   1 
_pdbx_struct_oper_list.type                 'identity operation' 
_pdbx_struct_oper_list.name                 1_555 
_pdbx_struct_oper_list.symmetry_operation   x,y,z 
_pdbx_struct_oper_list.matrix[1][1]         1.0000000000 
_pdbx_struct_oper_list.matrix[1][2]         0.0000000000 
_pdbx_struct_oper_list.matrix[1][3]         0.0000000000 
_pdbx_struct_oper_list.vector[1]            0.0000000000 
_pdbx_struct_oper_list.matrix[2][1]         0.0000000000 
_pdbx_struct_oper_list.matrix[2][2]         1.0000000000 
_pdbx_struct_oper_list.matrix[2][3]         0.0000000000 
_pdbx_struct_oper_list.vector[2]            0.0000000000 
_pdbx_struct_oper_list.matrix[3][1]         0.0000000000 
_pdbx_struct_oper_list.matrix[3][2]         0.0000000000 
_pdbx_struct_oper_list.matrix[3][3]         1.0000000000 
_pdbx_struct_oper_list.vector[3]            0.0000000000 
# 
_struct_biol.id        1 
_struct_biol.details   ? 
# 
loop_
_struct_conf.conf_type_id 
_struct_conf.id 
_struct_conf.pdbx_PDB_helix_id 
_struct_conf.beg_label_comp_id 
_struct_conf.beg_label_asym_id 
_struct_conf.beg_label_seq_id 
_struct_conf.pdbx_beg_PDB_ins_code 
_struct_conf.end_label_comp_id 
_struct_conf.end_label_asym_id 
_struct_conf.end_label_seq_id 
_struct_conf.pdbx_end_PDB_ins_code 
_struct_conf.beg_auth_comp_id 
_struct_conf.beg_auth_asym_id 
_struct_conf.beg_auth_seq_id 
_struct_conf.end_auth_comp_id 
_struct_conf.end_auth_asym_id 
_struct_conf.end_auth_seq_id 
_struct_conf.pdbx_PDB_helix_class 
_struct_conf.details 
_struct_conf.pdbx_PDB_helix_length 
HELX_P HELX_P1 1 GLN A 77 ? VAL A 81 ? GLN A 77  VAL A 81  5 ? 5 
HELX_P HELX_P2 2 SER B 55 ? ARG B 58 ? SER B 161 ARG B 164 5 ? 4 
HELX_P HELX_P3 3 GLN B 80 ? THR B 84 ? GLN B 186 THR B 190 5 ? 5 
# 
_struct_conf_type.id          HELX_P 
_struct_conf_type.criteria    ? 
_struct_conf_type.reference   ? 
# 
loop_
_struct_conn.id 
_struct_conn.conn_type_id 
_struct_conn.pdbx_leaving_atom_flag 
_struct_conn.pdbx_PDB_id 
_struct_conn.ptnr1_label_asym_id 
_struct_conn.ptnr1_label_comp_id 
_struct_conn.ptnr1_label_seq_id 
_struct_conn.ptnr1_label_atom_id 
_struct_conn.pdbx_ptnr1_label_alt_id 
_struct_conn.pdbx_ptnr1_PDB_ins_code 
_struct_conn.pdbx_ptnr1_standard_comp_id 
_struct_conn.ptnr1_symmetry 
_struct_conn.ptnr2_label_asym_id 
_struct_conn.ptnr2_label_comp_id 
_struct_conn.ptnr2_label_seq_id 
_struct_conn.ptnr2_label_atom_id 
_struct_conn.pdbx_ptnr2_label_alt_id 
_struct_conn.pdbx_ptnr2_PDB_ins_code 
_struct_conn.ptnr1_auth_asym_id 
_struct_conn.ptnr1_auth_comp_id 
_struct_conn.ptnr1_auth_seq_id 
_struct_conn.ptnr2_auth_asym_id 
_struct_conn.ptnr2_auth_comp_id 
_struct_conn.ptnr2_auth_seq_id 
_struct_conn.ptnr2_symmetry 
_struct_conn.pdbx_ptnr3_label_atom_id 
_struct_conn.pdbx_ptnr3_label_seq_id 
_struct_conn.pdbx_ptnr3_label_comp_id 
_struct_conn.pdbx_ptnr3_label_asym_id 
_struct_conn.pdbx_ptnr3_label_alt_id 
_struct_conn.pdbx_ptnr3_PDB_ins_code 
_struct_conn.details 
_struct_conn.pdbx_dist_value 
_struct_conn.pdbx_value_order 
_struct_conn.pdbx_role 
disulf1 disulf ? ? A CYS 21 SG ? ? ? 1_555 A CYS 86 SG ? ? A CYS 21  A CYS 86  1_555 ? ? ? ? ? ? ? 2.499 ? ? 
disulf2 disulf ? ? B CYS 16 SG ? ? ? 1_555 B CYS 89 SG ? ? B CYS 122 B CYS 195 1_555 ? ? ? ? ? ? ? 2.532 ? ? 
# 
_struct_conn_type.id          disulf 
_struct_conn_type.criteria    ? 
_struct_conn_type.reference   ? 
# 
loop_
_pdbx_modification_feature.ordinal 
_pdbx_modification_feature.label_comp_id 
_pdbx_modification_feature.label_asym_id 
_pdbx_modification_feature.label_seq_id 
_pdbx_modification_feature.label_alt_id 
_pdbx_modification_feature.modified_residue_label_comp_id 
_pdbx_modification_feature.modified_residue_label_asym_id 
_pdbx_modification_feature.modified_residue_label_seq_id 
_pdbx_modification_feature.modified_residue_label_alt_id 
_pdbx_modification_feature.auth_comp_id 
_pdbx_modification_feature.auth_asym_id 
_pdbx_modification_feature.auth_seq_id 
_pdbx_modification_feature.PDB_ins_code 
_pdbx_modification_feature.symmetry 
_pdbx_modification_feature.modified_residue_auth_comp_id 
_pdbx_modification_feature.modified_residue_auth_asym_id 
_pdbx_modification_feature.modified_residue_auth_seq_id 
_pdbx_modification_feature.modified_residue_PDB_ins_code 
_pdbx_modification_feature.modified_residue_symmetry 
_pdbx_modification_feature.comp_id_linking_atom 
_pdbx_modification_feature.modified_residue_id_linking_atom 
_pdbx_modification_feature.modified_residue_id 
_pdbx_modification_feature.ref_pcm_id 
_pdbx_modification_feature.ref_comp_id 
_pdbx_modification_feature.type 
_pdbx_modification_feature.category 
1 CYS A 21 ? CYS A 86 ? CYS A 21  ? 1_555 CYS A 86  ? 1_555 SG SG . . . None 'Disulfide bridge' 
2 CYS B 16 ? CYS B 89 ? CYS B 122 ? 1_555 CYS B 195 ? 1_555 SG SG . . . None 'Disulfide bridge' 
# 
_struct_mon_prot_cis.pdbx_id                1 
_struct_mon_prot_cis.label_comp_id          ILE 
_struct_mon_prot_cis.label_seq_id           5 
_struct_mon_prot_cis.label_asym_id          A 
_struct_mon_prot_cis.label_alt_id           . 
_struct_mon_prot_cis.pdbx_PDB_ins_code      ? 
_struct_mon_prot_cis.auth_comp_id           ILE 
_struct_mon_prot_cis.auth_seq_id            5 
_struct_mon_prot_cis.auth_asym_id           A 
_struct_mon_prot_cis.pdbx_label_comp_id_2   PRO 
_struct_mon_prot_cis.pdbx_label_seq_id_2    6 
_struct_mon_prot_cis.pdbx_label_asym_id_2   A 
_struct_mon_prot_cis.pdbx_PDB_ins_code_2    ? 
_struct_mon_prot_cis.pdbx_auth_comp_id_2    PRO 
_struct_mon_prot_cis.pdbx_auth_seq_id_2     6 
_struct_mon_prot_cis.pdbx_auth_asym_id_2    A 
_struct_mon_prot_cis.pdbx_PDB_model_num     1 
_struct_mon_prot_cis.pdbx_omega_angle       2.78 
# 
loop_
_struct_sheet.id 
_struct_sheet.type 
_struct_sheet.number_strands 
_struct_sheet.details 
A ? 4 ? 
B ? 6 ? 
C ? 4 ? 
D ? 6 ? 
E ? 4 ? 
F ? 3 ? 
# 
loop_
_struct_sheet_order.sheet_id 
_struct_sheet_order.range_id_1 
_struct_sheet_order.range_id_2 
_struct_sheet_order.offset 
_struct_sheet_order.sense 
A 1 2 ? anti-parallel 
A 2 3 ? anti-parallel 
A 3 4 ? anti-parallel 
B 1 2 ? parallel      
B 2 3 ? anti-parallel 
B 3 4 ? anti-parallel 
B 4 5 ? anti-parallel 
B 5 6 ? anti-parallel 
C 1 2 ? parallel      
C 2 3 ? anti-parallel 
C 3 4 ? anti-parallel 
D 1 2 ? parallel      
D 2 3 ? anti-parallel 
D 3 4 ? anti-parallel 
D 4 5 ? anti-parallel 
D 5 6 ? anti-parallel 
E 1 2 ? parallel      
E 2 3 ? anti-parallel 
E 3 4 ? anti-parallel 
F 1 2 ? anti-parallel 
F 2 3 ? anti-parallel 
# 
loop_
_struct_sheet_range.sheet_id 
_struct_sheet_range.id 
_struct_sheet_range.beg_label_comp_id 
_struct_sheet_range.beg_label_asym_id 
_struct_sheet_range.beg_label_seq_id 
_struct_sheet_range.pdbx_beg_PDB_ins_code 
_struct_sheet_range.end_label_comp_id 
_struct_sheet_range.end_label_asym_id 
_struct_sheet_range.end_label_seq_id 
_struct_sheet_range.pdbx_end_PDB_ins_code 
_struct_sheet_range.beg_auth_comp_id 
_struct_sheet_range.beg_auth_asym_id 
_struct_sheet_range.beg_auth_seq_id 
_struct_sheet_range.end_auth_comp_id 
_struct_sheet_range.end_auth_asym_id 
_struct_sheet_range.end_auth_seq_id 
A 1 MET A 2   ? ILE A 5   ? MET A 2   ILE A 5   
A 2 VAL A 17  ? ALA A 23  ? VAL A 17  ALA A 23  
A 3 ASP A 68  ? ILE A 73  ? ASP A 68  ILE A 73  
A 4 PHE A 60  ? SER A 65  ? PHE A 60  SER A 65  
B 1 LEU A 8   ? SER A 12  ? LEU A 8   SER A 12  
B 2 THR A 99  ? LYS A 104 ? THR A 99  LYS A 104 
B 3 ALA A 82  ? GLN A 88  ? ALA A 82  GLN A 88  
B 4 LEU A 31  ? GLN A 36  ? LEU A 31  GLN A 36  
B 5 LYS A 43  ? TYR A 47  ? LYS A 43  TYR A 47  
B 6 ASN A 51  ? LEU A 52  ? ASN A 51  LEU A 52  
C 1 LEU A 8   ? SER A 12  ? LEU A 8   SER A 12  
C 2 THR A 99  ? LYS A 104 ? THR A 99  LYS A 104 
C 3 ALA A 82  ? GLN A 88  ? ALA A 82  GLN A 88  
C 4 THR A 94  ? PHE A 95  ? THR A 94  PHE A 95  
D 1 GLY B 4   ? VAL B 6   ? GLY B 110 VAL B 112 
D 2 LEU B 111 ? VAL B 114 ? LEU B 217 VAL B 220 
D 3 ALA B 85  ? GLN B 93  ? ALA B 191 GLN B 199 
D 4 VAL B 28  ? GLN B 33  ? VAL B 134 GLN B 139 
D 5 GLU B 40  ? MET B 45  ? GLU B 146 MET B 151 
D 6 THR B 51  ? TYR B 53  ? THR B 157 TYR B 159 
E 1 GLY B 4   ? VAL B 6   ? GLY B 110 VAL B 112 
E 2 LEU B 111 ? VAL B 114 ? LEU B 217 VAL B 220 
E 3 ALA B 85  ? GLN B 93  ? ALA B 191 GLN B 199 
E 4 TRP B 102 ? TYR B 105 ? TRP B 208 TYR B 211 
F 1 LEU B 12  ? THR B 17  ? LEU B 118 THR B 123 
F 2 GLN B 71  ? MET B 76  ? GLN B 177 MET B 182 
F 3 LEU B 61  ? ASP B 66  ? LEU B 167 ASP B 172 
# 
loop_
_pdbx_struct_sheet_hbond.sheet_id 
_pdbx_struct_sheet_hbond.range_id_1 
_pdbx_struct_sheet_hbond.range_id_2 
_pdbx_struct_sheet_hbond.range_1_label_atom_id 
_pdbx_struct_sheet_hbond.range_1_label_comp_id 
_pdbx_struct_sheet_hbond.range_1_label_asym_id 
_pdbx_struct_sheet_hbond.range_1_label_seq_id 
_pdbx_struct_sheet_hbond.range_1_PDB_ins_code 
_pdbx_struct_sheet_hbond.range_1_auth_atom_id 
_pdbx_struct_sheet_hbond.range_1_auth_comp_id 
_pdbx_struct_sheet_hbond.range_1_auth_asym_id 
_pdbx_struct_sheet_hbond.range_1_auth_seq_id 
_pdbx_struct_sheet_hbond.range_2_label_atom_id 
_pdbx_struct_sheet_hbond.range_2_label_comp_id 
_pdbx_struct_sheet_hbond.range_2_label_asym_id 
_pdbx_struct_sheet_hbond.range_2_label_seq_id 
_pdbx_struct_sheet_hbond.range_2_PDB_ins_code 
_pdbx_struct_sheet_hbond.range_2_auth_atom_id 
_pdbx_struct_sheet_hbond.range_2_auth_comp_id 
_pdbx_struct_sheet_hbond.range_2_auth_asym_id 
_pdbx_struct_sheet_hbond.range_2_auth_seq_id 
A 1 2 N ILE A 5   ? N ILE A 5   O ASN A 20  ? O ASN A 20  
A 2 3 N LEU A 19  ? N LEU A 19  O LEU A 71  ? O LEU A 71  
A 3 4 O THR A 70  ? O THR A 70  N SER A 63  ? N SER A 63  
B 1 2 N ALA A 11  ? N ALA A 11  O LYS A 104 ? O LYS A 104 
B 2 3 O LEU A 101 ? O LEU A 101 N ALA A 82  ? N ALA A 82  
B 3 4 O TYR A 87  ? O TYR A 87  N GLU A 32  ? N GLU A 32  
B 4 5 N TRP A 33  ? N TRP A 33  O ILE A 46  ? O ILE A 46  
B 5 6 N TYR A 47  ? N TYR A 47  O ASN A 51  ? O ASN A 51  
C 1 2 N ALA A 11  ? N ALA A 11  O LYS A 104 ? O LYS A 104 
C 2 3 O LEU A 101 ? O LEU A 101 N ALA A 82  ? N ALA A 82  
C 3 4 N GLN A 88  ? N GLN A 88  O THR A 94  ? O THR A 94  
D 1 2 N VAL B 6   ? N VAL B 112 O ILE B 113 ? O ILE B 219 
D 2 3 O VAL B 112 ? O VAL B 218 N ALA B 85  ? N ALA B 191 
D 3 4 O MET B 86  ? O MET B 192 N GLN B 33  ? N GLN B 139 
D 4 5 N ARG B 32  ? N ARG B 138 O GLU B 40  ? O GLU B 146 
D 5 6 N THR B 44  ? N THR B 150 O ASP B 52  ? O ASP B 158 
E 1 2 N VAL B 6   ? N VAL B 112 O ILE B 113 ? O ILE B 219 
E 2 3 O VAL B 112 ? O VAL B 218 N ALA B 85  ? N ALA B 191 
E 3 4 N ARG B 91  ? N ARG B 197 O VAL B 104 ? O VAL B 210 
F 1 2 N LEU B 14  ? N LEU B 120 O LEU B 74  ? O LEU B 180 
F 2 3 O LEU B 73  ? O LEU B 179 N SER B 64  ? N SER B 170 
# 
_pdbx_entry_details.entry_id                   3IY7 
_pdbx_entry_details.compound_details           ? 
_pdbx_entry_details.source_details             ? 
_pdbx_entry_details.nonpolymer_details         ? 
_pdbx_entry_details.sequence_details           ? 
_pdbx_entry_details.has_ligand_of_interest     ? 
_pdbx_entry_details.has_protein_modification   Y 
# 
loop_
_pdbx_validate_rmsd_bond.id 
_pdbx_validate_rmsd_bond.PDB_model_num 
_pdbx_validate_rmsd_bond.auth_atom_id_1 
_pdbx_validate_rmsd_bond.auth_asym_id_1 
_pdbx_validate_rmsd_bond.auth_comp_id_1 
_pdbx_validate_rmsd_bond.auth_seq_id_1 
_pdbx_validate_rmsd_bond.PDB_ins_code_1 
_pdbx_validate_rmsd_bond.label_alt_id_1 
_pdbx_validate_rmsd_bond.auth_atom_id_2 
_pdbx_validate_rmsd_bond.auth_asym_id_2 
_pdbx_validate_rmsd_bond.auth_comp_id_2 
_pdbx_validate_rmsd_bond.auth_seq_id_2 
_pdbx_validate_rmsd_bond.PDB_ins_code_2 
_pdbx_validate_rmsd_bond.label_alt_id_2 
_pdbx_validate_rmsd_bond.bond_value 
_pdbx_validate_rmsd_bond.bond_target_value 
_pdbx_validate_rmsd_bond.bond_deviation 
_pdbx_validate_rmsd_bond.bond_standard_deviation 
_pdbx_validate_rmsd_bond.linker_flag 
1 1 N  B VAL 112 ? ? CA  B VAL 112 ? ? 1.306 1.459 -0.153 0.020 N 
2 1 CD B GLN 116 ? ? NE2 B GLN 116 ? ? 1.119 1.324 -0.205 0.025 N 
# 
loop_
_pdbx_validate_rmsd_angle.id 
_pdbx_validate_rmsd_angle.PDB_model_num 
_pdbx_validate_rmsd_angle.auth_atom_id_1 
_pdbx_validate_rmsd_angle.auth_asym_id_1 
_pdbx_validate_rmsd_angle.auth_comp_id_1 
_pdbx_validate_rmsd_angle.auth_seq_id_1 
_pdbx_validate_rmsd_angle.PDB_ins_code_1 
_pdbx_validate_rmsd_angle.label_alt_id_1 
_pdbx_validate_rmsd_angle.auth_atom_id_2 
_pdbx_validate_rmsd_angle.auth_asym_id_2 
_pdbx_validate_rmsd_angle.auth_comp_id_2 
_pdbx_validate_rmsd_angle.auth_seq_id_2 
_pdbx_validate_rmsd_angle.PDB_ins_code_2 
_pdbx_validate_rmsd_angle.label_alt_id_2 
_pdbx_validate_rmsd_angle.auth_atom_id_3 
_pdbx_validate_rmsd_angle.auth_asym_id_3 
_pdbx_validate_rmsd_angle.auth_comp_id_3 
_pdbx_validate_rmsd_angle.auth_seq_id_3 
_pdbx_validate_rmsd_angle.PDB_ins_code_3 
_pdbx_validate_rmsd_angle.label_alt_id_3 
_pdbx_validate_rmsd_angle.angle_value 
_pdbx_validate_rmsd_angle.angle_target_value 
_pdbx_validate_rmsd_angle.angle_deviation 
_pdbx_validate_rmsd_angle.angle_standard_deviation 
_pdbx_validate_rmsd_angle.linker_flag 
1  1 CA  A VAL 17  ? ? CB  A VAL 17  ? ? CG2 A VAL 17  ? ? 97.24  110.90 -13.66 1.50 N 
2  1 N   A LEU 19  ? ? CA  A LEU 19  ? ? CB  A LEU 19  ? ? 128.36 110.40 17.96  2.00 N 
3  1 ND1 A HIS 25  ? ? CE1 A HIS 25  ? ? NE2 A HIS 25  ? ? 120.22 111.50 8.72   1.30 N 
4  1 CG1 A ILE 27  ? ? CB  A ILE 27  ? ? CG2 A ILE 27  ? ? 125.49 111.40 14.09  2.20 N 
5  1 CB  A GLU 32  ? ? CA  A GLU 32  ? ? C   A GLU 32  ? ? 95.00  110.40 -15.40 2.00 N 
6  1 CB  A TYR 48  ? ? CA  A TYR 48  ? ? C   A TYR 48  ? ? 124.24 110.40 13.84  2.00 N 
7  1 N   A TYR 48  ? ? CA  A TYR 48  ? ? CB  A TYR 48  ? ? 121.47 110.60 10.87  1.80 N 
8  1 ND1 A HIS 93  ? ? CE1 A HIS 93  ? ? NE2 A HIS 93  ? ? 120.09 111.50 8.59   1.30 N 
9  1 N   A LEU 103 ? ? CA  A LEU 103 ? ? CB  A LEU 103 ? ? 95.06  110.40 -15.34 2.00 N 
10 1 CA  A LEU 103 ? ? CB  A LEU 103 ? ? CG  A LEU 103 ? ? 98.79  115.30 -16.51 2.30 N 
11 1 CG1 B VAL 112 ? ? CB  B VAL 112 ? ? CG2 B VAL 112 ? ? 92.73  110.90 -18.17 1.60 N 
12 1 CA  B VAL 112 ? ? CB  B VAL 112 ? ? CG1 B VAL 112 ? ? 126.97 110.90 16.07  1.50 N 
13 1 N   B VAL 112 ? ? CA  B VAL 112 ? ? C   B VAL 112 ? ? 129.04 111.00 18.04  2.70 N 
14 1 CA  B VAL 112 ? ? C   B VAL 112 ? ? O   B VAL 112 ? ? 103.99 120.10 -16.11 2.10 N 
15 1 CA  B VAL 112 ? ? C   B VAL 112 ? ? N   B GLN 113 ? ? 133.91 117.20 16.71  2.20 Y 
16 1 N   B GLN 116 ? ? CA  B GLN 116 ? ? CB  B GLN 116 ? ? 121.51 110.60 10.91  1.80 N 
17 1 OE1 B GLN 116 ? ? CD  B GLN 116 ? ? NE2 B GLN 116 ? ? 106.49 121.90 -15.41 2.30 N 
18 1 CB  B CYS 122 ? ? CA  B CYS 122 ? ? C   B CYS 122 ? ? 123.49 111.50 11.99  1.20 N 
19 1 CA  B VAL 124 ? ? CB  B VAL 124 ? ? CG1 B VAL 124 ? ? 120.44 110.90 9.54   1.50 N 
20 1 CA  B PRO 140 ? ? N   B PRO 140 ? ? CD  B PRO 140 ? ? 99.82  111.70 -11.88 1.40 N 
21 1 O   B GLY 144 ? ? C   B GLY 144 ? ? N   B LEU 145 ? ? 106.59 122.70 -16.11 1.60 Y 
22 1 CG1 B ILE 148 ? ? CB  B ILE 148 ? ? CG2 B ILE 148 ? ? 97.85  111.40 -13.55 2.20 N 
23 1 CB  B MET 151 ? ? CA  B MET 151 ? ? C   B MET 151 ? ? 95.81  110.40 -14.59 2.00 N 
24 1 CB  B ALA 162 ? ? CA  B ALA 162 ? ? C   B ALA 162 ? ? 98.41  110.10 -11.69 1.50 N 
25 1 N   B ALA 162 ? ? CA  B ALA 162 ? ? CB  B ALA 162 ? ? 127.54 110.10 17.44  1.40 N 
26 1 CG1 B VAL 178 ? ? CB  B VAL 178 ? ? CG2 B VAL 178 ? ? 97.60  110.90 -13.30 1.60 N 
27 1 CD1 B TRP 208 ? ? NE1 B TRP 208 ? ? CE2 B TRP 208 ? ? 103.48 109.00 -5.52  0.90 N 
28 1 CA  B VAL 210 ? ? CB  B VAL 210 ? ? CG2 B VAL 210 ? ? 122.50 110.90 11.60  1.50 N 
29 1 CB  B TYR 211 ? ? CA  B TYR 211 ? ? C   B TYR 211 ? ? 95.35  110.40 -15.05 2.00 N 
# 
loop_
_pdbx_validate_torsion.id 
_pdbx_validate_torsion.PDB_model_num 
_pdbx_validate_torsion.auth_comp_id 
_pdbx_validate_torsion.auth_asym_id 
_pdbx_validate_torsion.auth_seq_id 
_pdbx_validate_torsion.PDB_ins_code 
_pdbx_validate_torsion.label_alt_id 
_pdbx_validate_torsion.phi 
_pdbx_validate_torsion.psi 
1  1 ASN A 28  ? ? 51.92   -108.18 
2  1 LEU A 45  ? ? -121.60 -60.26  
3  1 TYR A 48  ? ? 36.15   61.66   
4  1 ALA A 49  ? ? 86.40   -56.76  
5  1 ASN A 50  ? ? -159.94 43.31   
6  1 LEU A 52  ? ? -24.78  116.99  
7  1 SER A 58  ? ? -69.17  5.12    
8  1 ALA A 82  ? ? 147.42  -162.45 
9  1 HIS A 93  ? ? 89.88   59.16   
10 1 PRO B 109 ? ? -85.67  -157.82 
11 1 SER B 115 ? ? 106.73  -13.60  
12 1 GLN B 116 ? ? -69.51  -177.10 
13 1 SER B 165 ? ? 85.65   -9.95   
14 1 ALA B 191 ? ? 169.70  172.69  
15 1 LEU B 200 ? ? -151.39 -44.22  
16 1 PRO B 201 ? ? 20.93   62.16   
17 1 TYR B 203 ? ? 98.59   4.94    
18 1 LEU B 205 ? ? -33.52  135.89  
19 1 TRP B 212 ? ? 173.59  4.31    
20 1 THR B 216 ? ? 162.61  102.07  
# 
_pdbx_validate_peptide_omega.id               1 
_pdbx_validate_peptide_omega.PDB_model_num    1 
_pdbx_validate_peptide_omega.auth_comp_id_1   SER 
_pdbx_validate_peptide_omega.auth_asym_id_1   B 
_pdbx_validate_peptide_omega.auth_seq_id_1    125 
_pdbx_validate_peptide_omega.PDB_ins_code_1   ? 
_pdbx_validate_peptide_omega.label_alt_id_1   ? 
_pdbx_validate_peptide_omega.auth_comp_id_2   GLY 
_pdbx_validate_peptide_omega.auth_asym_id_2   B 
_pdbx_validate_peptide_omega.auth_seq_id_2    126 
_pdbx_validate_peptide_omega.PDB_ins_code_2   ? 
_pdbx_validate_peptide_omega.label_alt_id_2   ? 
_pdbx_validate_peptide_omega.omega            -83.93 
# 
_pdbx_validate_chiral.id              1 
_pdbx_validate_chiral.PDB_model_num   1 
_pdbx_validate_chiral.auth_atom_id    CA 
_pdbx_validate_chiral.label_alt_id    ? 
_pdbx_validate_chiral.auth_asym_id    A 
_pdbx_validate_chiral.auth_comp_id    LEU 
_pdbx_validate_chiral.auth_seq_id     19 
_pdbx_validate_chiral.PDB_ins_code    ? 
_pdbx_validate_chiral.details         PLANAR 
_pdbx_validate_chiral.omega           . 
# 
loop_
_pdbx_validate_planes.id 
_pdbx_validate_planes.PDB_model_num 
_pdbx_validate_planes.auth_comp_id 
_pdbx_validate_planes.auth_asym_id 
_pdbx_validate_planes.auth_seq_id 
_pdbx_validate_planes.PDB_ins_code 
_pdbx_validate_planes.label_alt_id 
_pdbx_validate_planes.rmsd 
_pdbx_validate_planes.type 
1 1 GLN B 116 ? ? 0.113 'SIDE CHAIN' 
2 1 HIS B 160 ? ? 0.134 'SIDE CHAIN' 
# 
loop_
_pdbx_validate_main_chain_plane.id 
_pdbx_validate_main_chain_plane.PDB_model_num 
_pdbx_validate_main_chain_plane.auth_comp_id 
_pdbx_validate_main_chain_plane.auth_asym_id 
_pdbx_validate_main_chain_plane.auth_seq_id 
_pdbx_validate_main_chain_plane.PDB_ins_code 
_pdbx_validate_main_chain_plane.label_alt_id 
_pdbx_validate_main_chain_plane.improper_torsion_angle 
1 1 SER B 125 ? ? -12.30 
2 1 GLY B 144 ? ? 17.28  
# 
_em_3d_fitting.id                1 
_em_3d_fitting.entry_id          3IY7 
_em_3d_fitting.ref_protocol      ? 
_em_3d_fitting.ref_space         REAL 
_em_3d_fitting.overall_b_value   ? 
_em_3d_fitting.target_criteria   ? 
_em_3d_fitting.details           ? 
_em_3d_fitting.method            ? 
# 
_em_3d_reconstruction.entry_id                    3IY7 
_em_3d_reconstruction.id                          1 
_em_3d_reconstruction.resolution_method           'FSC 0.5 CUT-OFF' 
_em_3d_reconstruction.symmetry_type               POINT 
_em_3d_reconstruction.image_processing_id         1 
_em_3d_reconstruction.method                      'common lines' 
_em_3d_reconstruction.resolution                  14 
_em_3d_reconstruction.num_particles               1769 
_em_3d_reconstruction.nominal_pixel_size          ? 
_em_3d_reconstruction.actual_pixel_size           ? 
_em_3d_reconstruction.magnification_calibration   ? 
_em_3d_reconstruction.details                     ? 
_em_3d_reconstruction.num_class_averages          ? 
_em_3d_reconstruction.algorithm                   ? 
# 
_em_buffer.id            1 
_em_buffer.specimen_id   1 
_em_buffer.name          ? 
_em_buffer.pH            7.5 
_em_buffer.details       '10mM Tris-HCL' 
# 
loop_
_em_entity_assembly.id 
_em_entity_assembly.name 
_em_entity_assembly.type 
_em_entity_assembly.parent_id 
_em_entity_assembly.synonym 
_em_entity_assembly.details 
_em_entity_assembly.oligomeric_details 
1 'Fab fragment from MAb F interacting with feline panleukopenia virus (FPV)' COMPLEX 0 ?   ? ? 
2 'feline panleukopenia virus'                                                VIRUS   1 FPV ? ? 
# 
_em_image_scans.entry_id                3IY7 
_em_image_scans.id                      1 
_em_image_scans.image_recording_id      1 
_em_image_scans.number_digital_images   93 
_em_image_scans.scanner_model           'ZEISS SCAI' 
_em_image_scans.sampling_size           7 
_em_image_scans.od_range                0.9 
_em_image_scans.quant_bit_size          ? 
_em_image_scans.details                 'scanned at 7 microns and bin averaged to 14' 
_em_image_scans.citation_id             ? 
# 
_em_imaging.entry_id                        3IY7 
_em_imaging.id                              1 
_em_imaging.microscope_model                'FEI/PHILIPS CM300FEG/T' 
_em_imaging.illumination_mode               'FLOOD BEAM' 
_em_imaging.electron_source                 'TUNGSTEN HAIRPIN' 
_em_imaging.specimen_id                     1 
_em_imaging.specimen_holder_type            'side mounted nitrogen cooled' 
_em_imaging.specimen_holder_model           'GATAN LIQUID NITROGEN' 
_em_imaging.accelerating_voltage            300 
_em_imaging.mode                            'BRIGHT FIELD' 
_em_imaging.nominal_defocus_min             1.0 
_em_imaging.nominal_defocus_max             7.3 
_em_imaging.tilt_angle_min                  0.0 
_em_imaging.tilt_angle_max                  0.0 
_em_imaging.nominal_magnification           45000 
_em_imaging.calibrated_magnification        47190 
_em_imaging.temperature                     93 
_em_imaging.recording_temperature_minimum   83 
_em_imaging.recording_temperature_maximum   83 
_em_imaging.detector_distance               0.0 
_em_imaging.date                            2004-09-15 
_em_imaging.electron_beam_tilt_params       ? 
_em_imaging.astigmatism                     'objective lens astigmatism was corrected at 100,000 times magnification' 
_em_imaging.details                         ? 
_em_imaging.nominal_cs                      ? 
_em_imaging.citation_id                     ? 
# 
_em_virus_entity.id                    1 
_em_virus_entity.virus_host_category   VERTEBRATES 
_em_virus_entity.entity_assembly_id    1 
_em_virus_entity.virus_type            VIRION 
_em_virus_entity.virus_isolate         STRAIN 
_em_virus_entity.empty                 YES 
_em_virus_entity.enveloped             NO 
_em_virus_entity.details               ? 
# 
_em_vitrification.entry_id              3IY7 
_em_vitrification.id                    1 
_em_vitrification.instrument            'HOMEMADE PLUNGER' 
_em_vitrification.cryogen_name          ETHANE 
_em_vitrification.humidity              ? 
_em_vitrification.temp                  120 
_em_vitrification.method                'blotted before plunging' 
_em_vitrification.time_resolved_state   ? 
_em_vitrification.details               ? 
_em_vitrification.citation_id           ? 
_em_vitrification.specimen_id           1 
# 
_em_experiment.reconstruction_method   'SINGLE PARTICLE' 
_em_experiment.entry_id                3IY7 
_em_experiment.id                      1 
_em_experiment.aggregation_state       PARTICLE 
_em_experiment.entity_assembly_id      1 
# 
_em_single_particle_entity.entry_id              3IY7 
_em_single_particle_entity.id                    1 
_em_single_particle_entity.point_symmetry        I 
_em_single_particle_entity.image_processing_id   1 
# 
loop_
_chem_comp_atom.comp_id 
_chem_comp_atom.atom_id 
_chem_comp_atom.type_symbol 
_chem_comp_atom.pdbx_aromatic_flag 
_chem_comp_atom.pdbx_stereo_config 
_chem_comp_atom.pdbx_ordinal 
ALA N    N N N 1   
ALA CA   C N S 2   
ALA C    C N N 3   
ALA O    O N N 4   
ALA CB   C N N 5   
ALA OXT  O N N 6   
ALA H    H N N 7   
ALA H2   H N N 8   
ALA HA   H N N 9   
ALA HB1  H N N 10  
ALA HB2  H N N 11  
ALA HB3  H N N 12  
ALA HXT  H N N 13  
ARG N    N N N 14  
ARG CA   C N S 15  
ARG C    C N N 16  
ARG O    O N N 17  
ARG CB   C N N 18  
ARG CG   C N N 19  
ARG CD   C N N 20  
ARG NE   N N N 21  
ARG CZ   C N N 22  
ARG NH1  N N N 23  
ARG NH2  N N N 24  
ARG OXT  O N N 25  
ARG H    H N N 26  
ARG H2   H N N 27  
ARG HA   H N N 28  
ARG HB2  H N N 29  
ARG HB3  H N N 30  
ARG HG2  H N N 31  
ARG HG3  H N N 32  
ARG HD2  H N N 33  
ARG HD3  H N N 34  
ARG HE   H N N 35  
ARG HH11 H N N 36  
ARG HH12 H N N 37  
ARG HH21 H N N 38  
ARG HH22 H N N 39  
ARG HXT  H N N 40  
ASN N    N N N 41  
ASN CA   C N S 42  
ASN C    C N N 43  
ASN O    O N N 44  
ASN CB   C N N 45  
ASN CG   C N N 46  
ASN OD1  O N N 47  
ASN ND2  N N N 48  
ASN OXT  O N N 49  
ASN H    H N N 50  
ASN H2   H N N 51  
ASN HA   H N N 52  
ASN HB2  H N N 53  
ASN HB3  H N N 54  
ASN HD21 H N N 55  
ASN HD22 H N N 56  
ASN HXT  H N N 57  
ASP N    N N N 58  
ASP CA   C N S 59  
ASP C    C N N 60  
ASP O    O N N 61  
ASP CB   C N N 62  
ASP CG   C N N 63  
ASP OD1  O N N 64  
ASP OD2  O N N 65  
ASP OXT  O N N 66  
ASP H    H N N 67  
ASP H2   H N N 68  
ASP HA   H N N 69  
ASP HB2  H N N 70  
ASP HB3  H N N 71  
ASP HD2  H N N 72  
ASP HXT  H N N 73  
CYS N    N N N 74  
CYS CA   C N R 75  
CYS C    C N N 76  
CYS O    O N N 77  
CYS CB   C N N 78  
CYS SG   S N N 79  
CYS OXT  O N N 80  
CYS H    H N N 81  
CYS H2   H N N 82  
CYS HA   H N N 83  
CYS HB2  H N N 84  
CYS HB3  H N N 85  
CYS HG   H N N 86  
CYS HXT  H N N 87  
GLN N    N N N 88  
GLN CA   C N S 89  
GLN C    C N N 90  
GLN O    O N N 91  
GLN CB   C N N 92  
GLN CG   C N N 93  
GLN CD   C N N 94  
GLN OE1  O N N 95  
GLN NE2  N N N 96  
GLN OXT  O N N 97  
GLN H    H N N 98  
GLN H2   H N N 99  
GLN HA   H N N 100 
GLN HB2  H N N 101 
GLN HB3  H N N 102 
GLN HG2  H N N 103 
GLN HG3  H N N 104 
GLN HE21 H N N 105 
GLN HE22 H N N 106 
GLN HXT  H N N 107 
GLU N    N N N 108 
GLU CA   C N S 109 
GLU C    C N N 110 
GLU O    O N N 111 
GLU CB   C N N 112 
GLU CG   C N N 113 
GLU CD   C N N 114 
GLU OE1  O N N 115 
GLU OE2  O N N 116 
GLU OXT  O N N 117 
GLU H    H N N 118 
GLU H2   H N N 119 
GLU HA   H N N 120 
GLU HB2  H N N 121 
GLU HB3  H N N 122 
GLU HG2  H N N 123 
GLU HG3  H N N 124 
GLU HE2  H N N 125 
GLU HXT  H N N 126 
GLY N    N N N 127 
GLY CA   C N N 128 
GLY C    C N N 129 
GLY O    O N N 130 
GLY OXT  O N N 131 
GLY H    H N N 132 
GLY H2   H N N 133 
GLY HA2  H N N 134 
GLY HA3  H N N 135 
GLY HXT  H N N 136 
HIS N    N N N 137 
HIS CA   C N S 138 
HIS C    C N N 139 
HIS O    O N N 140 
HIS CB   C N N 141 
HIS CG   C Y N 142 
HIS ND1  N Y N 143 
HIS CD2  C Y N 144 
HIS CE1  C Y N 145 
HIS NE2  N Y N 146 
HIS OXT  O N N 147 
HIS H    H N N 148 
HIS H2   H N N 149 
HIS HA   H N N 150 
HIS HB2  H N N 151 
HIS HB3  H N N 152 
HIS HD1  H N N 153 
HIS HD2  H N N 154 
HIS HE1  H N N 155 
HIS HE2  H N N 156 
HIS HXT  H N N 157 
ILE N    N N N 158 
ILE CA   C N S 159 
ILE C    C N N 160 
ILE O    O N N 161 
ILE CB   C N S 162 
ILE CG1  C N N 163 
ILE CG2  C N N 164 
ILE CD1  C N N 165 
ILE OXT  O N N 166 
ILE H    H N N 167 
ILE H2   H N N 168 
ILE HA   H N N 169 
ILE HB   H N N 170 
ILE HG12 H N N 171 
ILE HG13 H N N 172 
ILE HG21 H N N 173 
ILE HG22 H N N 174 
ILE HG23 H N N 175 
ILE HD11 H N N 176 
ILE HD12 H N N 177 
ILE HD13 H N N 178 
ILE HXT  H N N 179 
LEU N    N N N 180 
LEU CA   C N S 181 
LEU C    C N N 182 
LEU O    O N N 183 
LEU CB   C N N 184 
LEU CG   C N N 185 
LEU CD1  C N N 186 
LEU CD2  C N N 187 
LEU OXT  O N N 188 
LEU H    H N N 189 
LEU H2   H N N 190 
LEU HA   H N N 191 
LEU HB2  H N N 192 
LEU HB3  H N N 193 
LEU HG   H N N 194 
LEU HD11 H N N 195 
LEU HD12 H N N 196 
LEU HD13 H N N 197 
LEU HD21 H N N 198 
LEU HD22 H N N 199 
LEU HD23 H N N 200 
LEU HXT  H N N 201 
LYS N    N N N 202 
LYS CA   C N S 203 
LYS C    C N N 204 
LYS O    O N N 205 
LYS CB   C N N 206 
LYS CG   C N N 207 
LYS CD   C N N 208 
LYS CE   C N N 209 
LYS NZ   N N N 210 
LYS OXT  O N N 211 
LYS H    H N N 212 
LYS H2   H N N 213 
LYS HA   H N N 214 
LYS HB2  H N N 215 
LYS HB3  H N N 216 
LYS HG2  H N N 217 
LYS HG3  H N N 218 
LYS HD2  H N N 219 
LYS HD3  H N N 220 
LYS HE2  H N N 221 
LYS HE3  H N N 222 
LYS HZ1  H N N 223 
LYS HZ2  H N N 224 
LYS HZ3  H N N 225 
LYS HXT  H N N 226 
MET N    N N N 227 
MET CA   C N S 228 
MET C    C N N 229 
MET O    O N N 230 
MET CB   C N N 231 
MET CG   C N N 232 
MET SD   S N N 233 
MET CE   C N N 234 
MET OXT  O N N 235 
MET H    H N N 236 
MET H2   H N N 237 
MET HA   H N N 238 
MET HB2  H N N 239 
MET HB3  H N N 240 
MET HG2  H N N 241 
MET HG3  H N N 242 
MET HE1  H N N 243 
MET HE2  H N N 244 
MET HE3  H N N 245 
MET HXT  H N N 246 
PHE N    N N N 247 
PHE CA   C N S 248 
PHE C    C N N 249 
PHE O    O N N 250 
PHE CB   C N N 251 
PHE CG   C Y N 252 
PHE CD1  C Y N 253 
PHE CD2  C Y N 254 
PHE CE1  C Y N 255 
PHE CE2  C Y N 256 
PHE CZ   C Y N 257 
PHE OXT  O N N 258 
PHE H    H N N 259 
PHE H2   H N N 260 
PHE HA   H N N 261 
PHE HB2  H N N 262 
PHE HB3  H N N 263 
PHE HD1  H N N 264 
PHE HD2  H N N 265 
PHE HE1  H N N 266 
PHE HE2  H N N 267 
PHE HZ   H N N 268 
PHE HXT  H N N 269 
PRO N    N N N 270 
PRO CA   C N S 271 
PRO C    C N N 272 
PRO O    O N N 273 
PRO CB   C N N 274 
PRO CG   C N N 275 
PRO CD   C N N 276 
PRO OXT  O N N 277 
PRO H    H N N 278 
PRO HA   H N N 279 
PRO HB2  H N N 280 
PRO HB3  H N N 281 
PRO HG2  H N N 282 
PRO HG3  H N N 283 
PRO HD2  H N N 284 
PRO HD3  H N N 285 
PRO HXT  H N N 286 
SER N    N N N 287 
SER CA   C N S 288 
SER C    C N N 289 
SER O    O N N 290 
SER CB   C N N 291 
SER OG   O N N 292 
SER OXT  O N N 293 
SER H    H N N 294 
SER H2   H N N 295 
SER HA   H N N 296 
SER HB2  H N N 297 
SER HB3  H N N 298 
SER HG   H N N 299 
SER HXT  H N N 300 
THR N    N N N 301 
THR CA   C N S 302 
THR C    C N N 303 
THR O    O N N 304 
THR CB   C N R 305 
THR OG1  O N N 306 
THR CG2  C N N 307 
THR OXT  O N N 308 
THR H    H N N 309 
THR H2   H N N 310 
THR HA   H N N 311 
THR HB   H N N 312 
THR HG1  H N N 313 
THR HG21 H N N 314 
THR HG22 H N N 315 
THR HG23 H N N 316 
THR HXT  H N N 317 
TRP N    N N N 318 
TRP CA   C N S 319 
TRP C    C N N 320 
TRP O    O N N 321 
TRP CB   C N N 322 
TRP CG   C Y N 323 
TRP CD1  C Y N 324 
TRP CD2  C Y N 325 
TRP NE1  N Y N 326 
TRP CE2  C Y N 327 
TRP CE3  C Y N 328 
TRP CZ2  C Y N 329 
TRP CZ3  C Y N 330 
TRP CH2  C Y N 331 
TRP OXT  O N N 332 
TRP H    H N N 333 
TRP H2   H N N 334 
TRP HA   H N N 335 
TRP HB2  H N N 336 
TRP HB3  H N N 337 
TRP HD1  H N N 338 
TRP HE1  H N N 339 
TRP HE3  H N N 340 
TRP HZ2  H N N 341 
TRP HZ3  H N N 342 
TRP HH2  H N N 343 
TRP HXT  H N N 344 
TYR N    N N N 345 
TYR CA   C N S 346 
TYR C    C N N 347 
TYR O    O N N 348 
TYR CB   C N N 349 
TYR CG   C Y N 350 
TYR CD1  C Y N 351 
TYR CD2  C Y N 352 
TYR CE1  C Y N 353 
TYR CE2  C Y N 354 
TYR CZ   C Y N 355 
TYR OH   O N N 356 
TYR OXT  O N N 357 
TYR H    H N N 358 
TYR H2   H N N 359 
TYR HA   H N N 360 
TYR HB2  H N N 361 
TYR HB3  H N N 362 
TYR HD1  H N N 363 
TYR HD2  H N N 364 
TYR HE1  H N N 365 
TYR HE2  H N N 366 
TYR HH   H N N 367 
TYR HXT  H N N 368 
VAL N    N N N 369 
VAL CA   C N S 370 
VAL C    C N N 371 
VAL O    O N N 372 
VAL CB   C N N 373 
VAL CG1  C N N 374 
VAL CG2  C N N 375 
VAL OXT  O N N 376 
VAL H    H N N 377 
VAL H2   H N N 378 
VAL HA   H N N 379 
VAL HB   H N N 380 
VAL HG11 H N N 381 
VAL HG12 H N N 382 
VAL HG13 H N N 383 
VAL HG21 H N N 384 
VAL HG22 H N N 385 
VAL HG23 H N N 386 
VAL HXT  H N N 387 
# 
loop_
_chem_comp_bond.comp_id 
_chem_comp_bond.atom_id_1 
_chem_comp_bond.atom_id_2 
_chem_comp_bond.value_order 
_chem_comp_bond.pdbx_aromatic_flag 
_chem_comp_bond.pdbx_stereo_config 
_chem_comp_bond.pdbx_ordinal 
ALA N   CA   sing N N 1   
ALA N   H    sing N N 2   
ALA N   H2   sing N N 3   
ALA CA  C    sing N N 4   
ALA CA  CB   sing N N 5   
ALA CA  HA   sing N N 6   
ALA C   O    doub N N 7   
ALA C   OXT  sing N N 8   
ALA CB  HB1  sing N N 9   
ALA CB  HB2  sing N N 10  
ALA CB  HB3  sing N N 11  
ALA OXT HXT  sing N N 12  
ARG N   CA   sing N N 13  
ARG N   H    sing N N 14  
ARG N   H2   sing N N 15  
ARG CA  C    sing N N 16  
ARG CA  CB   sing N N 17  
ARG CA  HA   sing N N 18  
ARG C   O    doub N N 19  
ARG C   OXT  sing N N 20  
ARG CB  CG   sing N N 21  
ARG CB  HB2  sing N N 22  
ARG CB  HB3  sing N N 23  
ARG CG  CD   sing N N 24  
ARG CG  HG2  sing N N 25  
ARG CG  HG3  sing N N 26  
ARG CD  NE   sing N N 27  
ARG CD  HD2  sing N N 28  
ARG CD  HD3  sing N N 29  
ARG NE  CZ   sing N N 30  
ARG NE  HE   sing N N 31  
ARG CZ  NH1  sing N N 32  
ARG CZ  NH2  doub N N 33  
ARG NH1 HH11 sing N N 34  
ARG NH1 HH12 sing N N 35  
ARG NH2 HH21 sing N N 36  
ARG NH2 HH22 sing N N 37  
ARG OXT HXT  sing N N 38  
ASN N   CA   sing N N 39  
ASN N   H    sing N N 40  
ASN N   H2   sing N N 41  
ASN CA  C    sing N N 42  
ASN CA  CB   sing N N 43  
ASN CA  HA   sing N N 44  
ASN C   O    doub N N 45  
ASN C   OXT  sing N N 46  
ASN CB  CG   sing N N 47  
ASN CB  HB2  sing N N 48  
ASN CB  HB3  sing N N 49  
ASN CG  OD1  doub N N 50  
ASN CG  ND2  sing N N 51  
ASN ND2 HD21 sing N N 52  
ASN ND2 HD22 sing N N 53  
ASN OXT HXT  sing N N 54  
ASP N   CA   sing N N 55  
ASP N   H    sing N N 56  
ASP N   H2   sing N N 57  
ASP CA  C    sing N N 58  
ASP CA  CB   sing N N 59  
ASP CA  HA   sing N N 60  
ASP C   O    doub N N 61  
ASP C   OXT  sing N N 62  
ASP CB  CG   sing N N 63  
ASP CB  HB2  sing N N 64  
ASP CB  HB3  sing N N 65  
ASP CG  OD1  doub N N 66  
ASP CG  OD2  sing N N 67  
ASP OD2 HD2  sing N N 68  
ASP OXT HXT  sing N N 69  
CYS N   CA   sing N N 70  
CYS N   H    sing N N 71  
CYS N   H2   sing N N 72  
CYS CA  C    sing N N 73  
CYS CA  CB   sing N N 74  
CYS CA  HA   sing N N 75  
CYS C   O    doub N N 76  
CYS C   OXT  sing N N 77  
CYS CB  SG   sing N N 78  
CYS CB  HB2  sing N N 79  
CYS CB  HB3  sing N N 80  
CYS SG  HG   sing N N 81  
CYS OXT HXT  sing N N 82  
GLN N   CA   sing N N 83  
GLN N   H    sing N N 84  
GLN N   H2   sing N N 85  
GLN CA  C    sing N N 86  
GLN CA  CB   sing N N 87  
GLN CA  HA   sing N N 88  
GLN C   O    doub N N 89  
GLN C   OXT  sing N N 90  
GLN CB  CG   sing N N 91  
GLN CB  HB2  sing N N 92  
GLN CB  HB3  sing N N 93  
GLN CG  CD   sing N N 94  
GLN CG  HG2  sing N N 95  
GLN CG  HG3  sing N N 96  
GLN CD  OE1  doub N N 97  
GLN CD  NE2  sing N N 98  
GLN NE2 HE21 sing N N 99  
GLN NE2 HE22 sing N N 100 
GLN OXT HXT  sing N N 101 
GLU N   CA   sing N N 102 
GLU N   H    sing N N 103 
GLU N   H2   sing N N 104 
GLU CA  C    sing N N 105 
GLU CA  CB   sing N N 106 
GLU CA  HA   sing N N 107 
GLU C   O    doub N N 108 
GLU C   OXT  sing N N 109 
GLU CB  CG   sing N N 110 
GLU CB  HB2  sing N N 111 
GLU CB  HB3  sing N N 112 
GLU CG  CD   sing N N 113 
GLU CG  HG2  sing N N 114 
GLU CG  HG3  sing N N 115 
GLU CD  OE1  doub N N 116 
GLU CD  OE2  sing N N 117 
GLU OE2 HE2  sing N N 118 
GLU OXT HXT  sing N N 119 
GLY N   CA   sing N N 120 
GLY N   H    sing N N 121 
GLY N   H2   sing N N 122 
GLY CA  C    sing N N 123 
GLY CA  HA2  sing N N 124 
GLY CA  HA3  sing N N 125 
GLY C   O    doub N N 126 
GLY C   OXT  sing N N 127 
GLY OXT HXT  sing N N 128 
HIS N   CA   sing N N 129 
HIS N   H    sing N N 130 
HIS N   H2   sing N N 131 
HIS CA  C    sing N N 132 
HIS CA  CB   sing N N 133 
HIS CA  HA   sing N N 134 
HIS C   O    doub N N 135 
HIS C   OXT  sing N N 136 
HIS CB  CG   sing N N 137 
HIS CB  HB2  sing N N 138 
HIS CB  HB3  sing N N 139 
HIS CG  ND1  sing Y N 140 
HIS CG  CD2  doub Y N 141 
HIS ND1 CE1  doub Y N 142 
HIS ND1 HD1  sing N N 143 
HIS CD2 NE2  sing Y N 144 
HIS CD2 HD2  sing N N 145 
HIS CE1 NE2  sing Y N 146 
HIS CE1 HE1  sing N N 147 
HIS NE2 HE2  sing N N 148 
HIS OXT HXT  sing N N 149 
ILE N   CA   sing N N 150 
ILE N   H    sing N N 151 
ILE N   H2   sing N N 152 
ILE CA  C    sing N N 153 
ILE CA  CB   sing N N 154 
ILE CA  HA   sing N N 155 
ILE C   O    doub N N 156 
ILE C   OXT  sing N N 157 
ILE CB  CG1  sing N N 158 
ILE CB  CG2  sing N N 159 
ILE CB  HB   sing N N 160 
ILE CG1 CD1  sing N N 161 
ILE CG1 HG12 sing N N 162 
ILE CG1 HG13 sing N N 163 
ILE CG2 HG21 sing N N 164 
ILE CG2 HG22 sing N N 165 
ILE CG2 HG23 sing N N 166 
ILE CD1 HD11 sing N N 167 
ILE CD1 HD12 sing N N 168 
ILE CD1 HD13 sing N N 169 
ILE OXT HXT  sing N N 170 
LEU N   CA   sing N N 171 
LEU N   H    sing N N 172 
LEU N   H2   sing N N 173 
LEU CA  C    sing N N 174 
LEU CA  CB   sing N N 175 
LEU CA  HA   sing N N 176 
LEU C   O    doub N N 177 
LEU C   OXT  sing N N 178 
LEU CB  CG   sing N N 179 
LEU CB  HB2  sing N N 180 
LEU CB  HB3  sing N N 181 
LEU CG  CD1  sing N N 182 
LEU CG  CD2  sing N N 183 
LEU CG  HG   sing N N 184 
LEU CD1 HD11 sing N N 185 
LEU CD1 HD12 sing N N 186 
LEU CD1 HD13 sing N N 187 
LEU CD2 HD21 sing N N 188 
LEU CD2 HD22 sing N N 189 
LEU CD2 HD23 sing N N 190 
LEU OXT HXT  sing N N 191 
LYS N   CA   sing N N 192 
LYS N   H    sing N N 193 
LYS N   H2   sing N N 194 
LYS CA  C    sing N N 195 
LYS CA  CB   sing N N 196 
LYS CA  HA   sing N N 197 
LYS C   O    doub N N 198 
LYS C   OXT  sing N N 199 
LYS CB  CG   sing N N 200 
LYS CB  HB2  sing N N 201 
LYS CB  HB3  sing N N 202 
LYS CG  CD   sing N N 203 
LYS CG  HG2  sing N N 204 
LYS CG  HG3  sing N N 205 
LYS CD  CE   sing N N 206 
LYS CD  HD2  sing N N 207 
LYS CD  HD3  sing N N 208 
LYS CE  NZ   sing N N 209 
LYS CE  HE2  sing N N 210 
LYS CE  HE3  sing N N 211 
LYS NZ  HZ1  sing N N 212 
LYS NZ  HZ2  sing N N 213 
LYS NZ  HZ3  sing N N 214 
LYS OXT HXT  sing N N 215 
MET N   CA   sing N N 216 
MET N   H    sing N N 217 
MET N   H2   sing N N 218 
MET CA  C    sing N N 219 
MET CA  CB   sing N N 220 
MET CA  HA   sing N N 221 
MET C   O    doub N N 222 
MET C   OXT  sing N N 223 
MET CB  CG   sing N N 224 
MET CB  HB2  sing N N 225 
MET CB  HB3  sing N N 226 
MET CG  SD   sing N N 227 
MET CG  HG2  sing N N 228 
MET CG  HG3  sing N N 229 
MET SD  CE   sing N N 230 
MET CE  HE1  sing N N 231 
MET CE  HE2  sing N N 232 
MET CE  HE3  sing N N 233 
MET OXT HXT  sing N N 234 
PHE N   CA   sing N N 235 
PHE N   H    sing N N 236 
PHE N   H2   sing N N 237 
PHE CA  C    sing N N 238 
PHE CA  CB   sing N N 239 
PHE CA  HA   sing N N 240 
PHE C   O    doub N N 241 
PHE C   OXT  sing N N 242 
PHE CB  CG   sing N N 243 
PHE CB  HB2  sing N N 244 
PHE CB  HB3  sing N N 245 
PHE CG  CD1  doub Y N 246 
PHE CG  CD2  sing Y N 247 
PHE CD1 CE1  sing Y N 248 
PHE CD1 HD1  sing N N 249 
PHE CD2 CE2  doub Y N 250 
PHE CD2 HD2  sing N N 251 
PHE CE1 CZ   doub Y N 252 
PHE CE1 HE1  sing N N 253 
PHE CE2 CZ   sing Y N 254 
PHE CE2 HE2  sing N N 255 
PHE CZ  HZ   sing N N 256 
PHE OXT HXT  sing N N 257 
PRO N   CA   sing N N 258 
PRO N   CD   sing N N 259 
PRO N   H    sing N N 260 
PRO CA  C    sing N N 261 
PRO CA  CB   sing N N 262 
PRO CA  HA   sing N N 263 
PRO C   O    doub N N 264 
PRO C   OXT  sing N N 265 
PRO CB  CG   sing N N 266 
PRO CB  HB2  sing N N 267 
PRO CB  HB3  sing N N 268 
PRO CG  CD   sing N N 269 
PRO CG  HG2  sing N N 270 
PRO CG  HG3  sing N N 271 
PRO CD  HD2  sing N N 272 
PRO CD  HD3  sing N N 273 
PRO OXT HXT  sing N N 274 
SER N   CA   sing N N 275 
SER N   H    sing N N 276 
SER N   H2   sing N N 277 
SER CA  C    sing N N 278 
SER CA  CB   sing N N 279 
SER CA  HA   sing N N 280 
SER C   O    doub N N 281 
SER C   OXT  sing N N 282 
SER CB  OG   sing N N 283 
SER CB  HB2  sing N N 284 
SER CB  HB3  sing N N 285 
SER OG  HG   sing N N 286 
SER OXT HXT  sing N N 287 
THR N   CA   sing N N 288 
THR N   H    sing N N 289 
THR N   H2   sing N N 290 
THR CA  C    sing N N 291 
THR CA  CB   sing N N 292 
THR CA  HA   sing N N 293 
THR C   O    doub N N 294 
THR C   OXT  sing N N 295 
THR CB  OG1  sing N N 296 
THR CB  CG2  sing N N 297 
THR CB  HB   sing N N 298 
THR OG1 HG1  sing N N 299 
THR CG2 HG21 sing N N 300 
THR CG2 HG22 sing N N 301 
THR CG2 HG23 sing N N 302 
THR OXT HXT  sing N N 303 
TRP N   CA   sing N N 304 
TRP N   H    sing N N 305 
TRP N   H2   sing N N 306 
TRP CA  C    sing N N 307 
TRP CA  CB   sing N N 308 
TRP CA  HA   sing N N 309 
TRP C   O    doub N N 310 
TRP C   OXT  sing N N 311 
TRP CB  CG   sing N N 312 
TRP CB  HB2  sing N N 313 
TRP CB  HB3  sing N N 314 
TRP CG  CD1  doub Y N 315 
TRP CG  CD2  sing Y N 316 
TRP CD1 NE1  sing Y N 317 
TRP CD1 HD1  sing N N 318 
TRP CD2 CE2  doub Y N 319 
TRP CD2 CE3  sing Y N 320 
TRP NE1 CE2  sing Y N 321 
TRP NE1 HE1  sing N N 322 
TRP CE2 CZ2  sing Y N 323 
TRP CE3 CZ3  doub Y N 324 
TRP CE3 HE3  sing N N 325 
TRP CZ2 CH2  doub Y N 326 
TRP CZ2 HZ2  sing N N 327 
TRP CZ3 CH2  sing Y N 328 
TRP CZ3 HZ3  sing N N 329 
TRP CH2 HH2  sing N N 330 
TRP OXT HXT  sing N N 331 
TYR N   CA   sing N N 332 
TYR N   H    sing N N 333 
TYR N   H2   sing N N 334 
TYR CA  C    sing N N 335 
TYR CA  CB   sing N N 336 
TYR CA  HA   sing N N 337 
TYR C   O    doub N N 338 
TYR C   OXT  sing N N 339 
TYR CB  CG   sing N N 340 
TYR CB  HB2  sing N N 341 
TYR CB  HB3  sing N N 342 
TYR CG  CD1  doub Y N 343 
TYR CG  CD2  sing Y N 344 
TYR CD1 CE1  sing Y N 345 
TYR CD1 HD1  sing N N 346 
TYR CD2 CE2  doub Y N 347 
TYR CD2 HD2  sing N N 348 
TYR CE1 CZ   doub Y N 349 
TYR CE1 HE1  sing N N 350 
TYR CE2 CZ   sing Y N 351 
TYR CE2 HE2  sing N N 352 
TYR CZ  OH   sing N N 353 
TYR OH  HH   sing N N 354 
TYR OXT HXT  sing N N 355 
VAL N   CA   sing N N 356 
VAL N   H    sing N N 357 
VAL N   H2   sing N N 358 
VAL CA  C    sing N N 359 
VAL CA  CB   sing N N 360 
VAL CA  HA   sing N N 361 
VAL C   O    doub N N 362 
VAL C   OXT  sing N N 363 
VAL CB  CG1  sing N N 364 
VAL CB  CG2  sing N N 365 
VAL CB  HB   sing N N 366 
VAL CG1 HG11 sing N N 367 
VAL CG1 HG12 sing N N 368 
VAL CG1 HG13 sing N N 369 
VAL CG2 HG21 sing N N 370 
VAL CG2 HG22 sing N N 371 
VAL CG2 HG23 sing N N 372 
VAL OXT HXT  sing N N 373 
# 
_em_ctf_correction.id        1 
_em_ctf_correction.details   robem 
_em_ctf_correction.type      . 
# 
_em_image_processing.id                   1 
_em_image_processing.image_recording_id   1 
_em_image_processing.details              ? 
# 
_em_image_recording.avg_electron_dose_per_image   26.3 
_em_image_recording.details                       ? 
_em_image_recording.id                            1 
_em_image_recording.film_or_detector_model        'KODAK SO-163 FILM' 
_em_image_recording.imaging_id                    1 
_em_image_recording.detector_mode                 ? 
_em_image_recording.average_exposure_time         ? 
_em_image_recording.num_diffraction_images        ? 
_em_image_recording.num_grids_imaged              ? 
_em_image_recording.num_real_images               ? 
# 
loop_
_em_software.id 
_em_software.name 
_em_software.version 
_em_software.category 
_em_software.details 
_em_software.image_processing_id 
1 EM3DR ? RECONSTRUCTION ? 1 
2 EMPFT ? RECONSTRUCTION ? 1 
# 
_em_specimen.experiment_id           1 
_em_specimen.id                      1 
_em_specimen.concentration           1 
_em_specimen.vitrification_applied   YES 
_em_specimen.staining_applied        NO 
_em_specimen.embedding_applied       NO 
_em_specimen.shadowing_applied       NO 
_em_specimen.details                 '10mM Tris-HCL' 
# 
_em_virus_natural_host.entity_assembly_id   1 
_em_virus_natural_host.id                   1 
_em_virus_natural_host.ncbi_tax_id          9685 
_em_virus_natural_host.organism             'Felis catus' 
_em_virus_natural_host.strain               ? 
# 
_em_virus_shell.entity_assembly_id   1 
_em_virus_shell.id                   1 
_em_virus_shell.name                 ? 
_em_virus_shell.diameter             ? 
_em_virus_shell.triangulation        1 
# 
_atom_sites.entry_id                    3IY7 
_atom_sites.fract_transf_matrix[1][1]   1.000000 
_atom_sites.fract_transf_matrix[1][2]   0.000000 
_atom_sites.fract_transf_matrix[1][3]   0.000000 
_atom_sites.fract_transf_matrix[2][1]   0.000000 
_atom_sites.fract_transf_matrix[2][2]   1.000000 
_atom_sites.fract_transf_matrix[2][3]   0.000000 
_atom_sites.fract_transf_matrix[3][1]   0.000000 
_atom_sites.fract_transf_matrix[3][2]   0.000000 
_atom_sites.fract_transf_matrix[3][3]   1.000000 
_atom_sites.fract_transf_vector[1]      0.00000 
_atom_sites.fract_transf_vector[2]      0.00000 
_atom_sites.fract_transf_vector[3]      0.00000 
# 
loop_
_atom_type.symbol 
C 
N 
O 
S 
# 
loop_
_atom_site.group_PDB 
_atom_site.id 
_atom_site.type_symbol 
_atom_site.label_atom_id 
_atom_site.label_alt_id 
_atom_site.label_comp_id 
_atom_site.label_asym_id 
_atom_site.label_entity_id 
_atom_site.label_seq_id 
_atom_site.pdbx_PDB_ins_code 
_atom_site.Cartn_x 
_atom_site.Cartn_y 
_atom_site.Cartn_z 
_atom_site.occupancy 
_atom_site.B_iso_or_equiv 
_atom_site.pdbx_formal_charge 
_atom_site.auth_seq_id 
_atom_site.auth_comp_id 
_atom_site.auth_asym_id 
_atom_site.auth_atom_id 
_atom_site.pdbx_PDB_model_num 
ATOM 1    N N   . LEU A 1 1   ? 11.511  -0.141  8.565   1.00 39.74  ? 1   LEU A N   1 
ATOM 2    C CA  . LEU A 1 1   ? 10.351  0.762   8.533   1.00 36.56  ? 1   LEU A CA  1 
ATOM 3    C C   . LEU A 1 1   ? 10.648  1.916   7.580   1.00 29.76  ? 1   LEU A C   1 
ATOM 4    O O   . LEU A 1 1   ? 11.636  1.826   6.851   1.00 25.87  ? 1   LEU A O   1 
ATOM 5    C CB  . LEU A 1 1   ? 10.118  1.346   9.927   1.00 47.07  ? 1   LEU A CB  1 
ATOM 6    C CG  . LEU A 1 1   ? 9.735   0.464   11.119  1.00 54.25  ? 1   LEU A CG  1 
ATOM 7    C CD1 . LEU A 1 1   ? 9.960   1.224   12.427  1.00 67.07  ? 1   LEU A CD1 1 
ATOM 8    C CD2 . LEU A 1 1   ? 8.290   -0.022  11.014  1.00 50.21  ? 1   LEU A CD2 1 
ATOM 9    N N   . MET A 1 2   ? 9.848   2.993   7.641   1.00 31.64  ? 2   MET A N   1 
ATOM 10   C CA  . MET A 1 2   ? 10.031  4.126   6.715   1.00 27.12  ? 2   MET A CA  1 
ATOM 11   C C   . MET A 1 2   ? 9.701   5.522   7.281   1.00 34.40  ? 2   MET A C   1 
ATOM 12   O O   . MET A 1 2   ? 8.814   5.653   8.131   1.00 43.14  ? 2   MET A O   1 
ATOM 13   C CB  . MET A 1 2   ? 9.100   3.939   5.523   1.00 19.60  ? 2   MET A CB  1 
ATOM 14   C CG  . MET A 1 2   ? 9.810   4.202   4.207   1.00 11.13  ? 2   MET A CG  1 
ATOM 15   S SD  . MET A 1 2   ? 10.644  2.692   3.807   1.00 10.03  ? 2   MET A SD  1 
ATOM 16   C CE  . MET A 1 2   ? 11.834  3.279   2.607   1.00 4.86   ? 2   MET A CE  1 
ATOM 17   N N   . THR A 1 3   ? 10.402  6.538   6.746   1.00 32.72  ? 3   THR A N   1 
ATOM 18   C CA  . THR A 1 3   ? 10.211  7.950   7.118   1.00 40.39  ? 3   THR A CA  1 
ATOM 19   C C   . THR A 1 3   ? 10.071  8.711   5.792   1.00 34.20  ? 3   THR A C   1 
ATOM 20   O O   . THR A 1 3   ? 10.904  8.563   4.893   1.00 27.44  ? 3   THR A O   1 
ATOM 21   C CB  . THR A 1 3   ? 11.420  8.505   7.924   1.00 47.08  ? 3   THR A CB  1 
ATOM 22   O OG1 . THR A 1 3   ? 11.422  8.107   9.302   1.00 56.44  ? 3   THR A OG1 1 
ATOM 23   C CG2 . THR A 1 3   ? 11.509  10.029  7.845   1.00 53.53  ? 3   THR A CG2 1 
ATOM 24   N N   . GLN A 1 4   ? 9.007   9.501   5.661   1.00 38.68  ? 4   GLN A N   1 
ATOM 25   C CA  . GLN A 1 4   ? 8.784   10.224  4.414   1.00 33.06  ? 4   GLN A CA  1 
ATOM 26   C C   . GLN A 1 4   ? 8.777   11.710  4.709   1.00 41.65  ? 4   GLN A C   1 
ATOM 27   O O   . GLN A 1 4   ? 8.099   12.171  5.630   1.00 51.34  ? 4   GLN A O   1 
ATOM 28   C CB  . GLN A 1 4   ? 7.427   9.794   3.855   1.00 30.73  ? 4   GLN A CB  1 
ATOM 29   C CG  . GLN A 1 4   ? 7.225   10.152  2.386   1.00 23.80  ? 4   GLN A CG  1 
ATOM 30   C CD  . GLN A 1 4   ? 6.021   9.425   1.835   1.00 21.12  ? 4   GLN A CD  1 
ATOM 31   O OE1 . GLN A 1 4   ? 5.560   8.418   2.360   1.00 21.50  ? 4   GLN A OE1 1 
ATOM 32   N NE2 . GLN A 1 4   ? 5.508   9.931   0.752   1.00 18.79  ? 4   GLN A NE2 1 
ATOM 33   N N   . ILE A 1 5   ? 9.572   12.454  3.960   1.00 40.08  ? 5   ILE A N   1 
ATOM 34   C CA  . ILE A 1 5   ? 9.613   13.893  4.177   1.00 49.31  ? 5   ILE A CA  1 
ATOM 35   C C   . ILE A 1 5   ? 9.629   14.455  2.767   1.00 43.95  ? 5   ILE A C   1 
ATOM 36   O O   . ILE A 1 5   ? 10.251  13.856  1.882   1.00 37.36  ? 5   ILE A O   1 
ATOM 37   C CB  . ILE A 1 5   ? 10.852  14.258  5.011   1.00 56.88  ? 5   ILE A CB  1 
ATOM 38   C CG1 . ILE A 1 5   ? 11.551  15.522  4.514   1.00 63.15  ? 5   ILE A CG1 1 
ATOM 39   C CG2 . ILE A 1 5   ? 11.870  13.126  5.105   1.00 51.16  ? 5   ILE A CG2 1 
ATOM 40   C CD1 . ILE A 1 5   ? 10.910  16.809  5.021   1.00 73.50  ? 5   ILE A CD1 1 
ATOM 41   N N   . PRO A 1 6   ? 8.916   15.547  2.469   1.00 49.34  ? 6   PRO A N   1 
ATOM 42   C CA  . PRO A 1 6   ? 8.116   16.345  3.414   1.00 58.56  ? 6   PRO A CA  1 
ATOM 43   C C   . PRO A 1 6   ? 6.669   15.866  3.572   1.00 56.64  ? 6   PRO A C   1 
ATOM 44   O O   . PRO A 1 6   ? 6.197   15.007  2.833   1.00 47.38  ? 6   PRO A O   1 
ATOM 45   C CB  . PRO A 1 6   ? 8.063   17.687  2.668   1.00 62.18  ? 6   PRO A CB  1 
ATOM 46   C CG  . PRO A 1 6   ? 7.924   17.232  1.215   1.00 52.71  ? 6   PRO A CG  1 
ATOM 47   C CD  . PRO A 1 6   ? 8.900   16.060  1.113   1.00 45.90  ? 6   PRO A CD  1 
ATOM 48   N N   . SER A 1 7   ? 5.973   16.453  4.548   1.00 66.65  ? 7   SER A N   1 
ATOM 49   C CA  . SER A 1 7   ? 4.585   16.074  4.807   1.00 67.38  ? 7   SER A CA  1 
ATOM 50   C C   . SER A 1 7   ? 3.682   16.730  3.760   1.00 64.90  ? 7   SER A C   1 
ATOM 51   O O   . SER A 1 7   ? 2.839   16.059  3.163   1.00 59.23  ? 7   SER A O   1 
ATOM 52   C CB  . SER A 1 7   ? 4.200   16.471  6.248   1.00 80.03  ? 7   SER A CB  1 
ATOM 53   O OG  . SER A 1 7   ? 4.881   15.732  7.273   1.00 83.83  ? 7   SER A OG  1 
ATOM 54   N N   . LEU A 1 8   ? 3.850   18.034  3.544   1.00 69.25  ? 8   LEU A N   1 
ATOM 55   C CA  . LEU A 1 8   ? 3.033   18.733  2.553   1.00 66.99  ? 8   LEU A CA  1 
ATOM 56   C C   . LEU A 1 8   ? 3.973   19.254  1.475   1.00 63.81  ? 8   LEU A C   1 
ATOM 57   O O   . LEU A 1 8   ? 5.148   19.506  1.754   1.00 66.96  ? 8   LEU A O   1 
ATOM 58   C CB  . LEU A 1 8   ? 2.370   19.920  3.257   1.00 76.64  ? 8   LEU A CB  1 
ATOM 59   C CG  . LEU A 1 8   ? 1.389   20.729  2.416   1.00 75.95  ? 8   LEU A CG  1 
ATOM 60   C CD1 . LEU A 1 8   ? 0.216   19.866  1.954   1.00 72.88  ? 8   LEU A CD1 1 
ATOM 61   C CD2 . LEU A 1 8   ? 0.898   21.906  3.246   1.00 83.16  ? 8   LEU A CD2 1 
ATOM 62   N N   . LEU A 1 9   ? 3.468   19.421  0.254   1.00 58.45  ? 9   LEU A N   1 
ATOM 63   C CA  . LEU A 1 9   ? 4.330   19.873  -0.834  1.00 56.53  ? 9   LEU A CA  1 
ATOM 64   C C   . LEU A 1 9   ? 3.540   20.743  -1.803  1.00 57.29  ? 9   LEU A C   1 
ATOM 65   O O   . LEU A 1 9   ? 2.866   20.229  -2.697  1.00 50.87  ? 9   LEU A O   1 
ATOM 66   C CB  . LEU A 1 9   ? 4.950   18.661  -1.532  1.00 48.41  ? 9   LEU A CB  1 
ATOM 67   C CG  . LEU A 1 9   ? 5.862   18.891  -2.730  1.00 47.86  ? 9   LEU A CG  1 
ATOM 68   C CD1 . LEU A 1 9   ? 6.892   19.997  -2.502  1.00 58.05  ? 9   LEU A CD1 1 
ATOM 69   C CD2 . LEU A 1 9   ? 6.510   17.530  -2.928  1.00 40.85  ? 9   LEU A CD2 1 
ATOM 70   N N   . SER A 1 10  ? 3.596   22.057  -1.596  1.00 64.68  ? 10  SER A N   1 
ATOM 71   C CA  . SER A 1 10  ? 2.912   22.959  -2.505  1.00 64.13  ? 10  SER A CA  1 
ATOM 72   C C   . SER A 1 10  ? 3.769   23.122  -3.739  1.00 63.62  ? 10  SER A C   1 
ATOM 73   O O   . SER A 1 10  ? 4.971   23.376  -3.638  1.00 68.84  ? 10  SER A O   1 
ATOM 74   C CB  . SER A 1 10  ? 2.437   24.234  -1.777  1.00 70.56  ? 10  SER A CB  1 
ATOM 75   O OG  . SER A 1 10  ? 3.393   25.120  -1.186  1.00 79.01  ? 10  SER A OG  1 
ATOM 76   N N   . ALA A 1 11  ? 3.175   22.903  -4.900  1.00 57.94  ? 11  ALA A N   1 
ATOM 77   C CA  . ALA A 1 11  ? 3.981   23.036  -6.094  1.00 58.77  ? 11  ALA A CA  1 
ATOM 78   C C   . ALA A 1 11  ? 3.178   23.635  -7.221  1.00 56.98  ? 11  ALA A C   1 
ATOM 79   O O   . ALA A 1 11  ? 1.960   23.529  -7.206  1.00 52.41  ? 11  ALA A O   1 
ATOM 80   C CB  . ALA A 1 11  ? 4.729   21.750  -6.402  1.00 54.33  ? 11  ALA A CB  1 
ATOM 81   N N   . SER A 1 12  ? 3.835   24.349  -8.126  1.00 61.47  ? 12  SER A N   1 
ATOM 82   C CA  . SER A 1 12  ? 3.103   25.024  -9.196  1.00 60.73  ? 12  SER A CA  1 
ATOM 83   C C   . SER A 1 12  ? 3.104   24.109  -10.396 1.00 56.59  ? 12  SER A C   1 
ATOM 84   O O   . SER A 1 12  ? 4.001   23.277  -10.522 1.00 55.48  ? 12  SER A O   1 
ATOM 85   C CB  . SER A 1 12  ? 3.813   26.323  -9.596  1.00 69.16  ? 12  SER A CB  1 
ATOM 86   O OG  . SER A 1 12  ? 3.632   27.369  -8.664  1.00 73.54  ? 12  SER A OG  1 
ATOM 87   N N   . VAL A 1 13  ? 2.120   24.259  -11.272 1.00 55.39  ? 13  VAL A N   1 
ATOM 88   C CA  . VAL A 1 13  ? 2.078   23.395  -12.448 1.00 53.26  ? 13  VAL A CA  1 
ATOM 89   C C   . VAL A 1 13  ? 3.335   23.638  -13.260 1.00 59.01  ? 13  VAL A C   1 
ATOM 90   O O   . VAL A 1 13  ? 3.815   24.767  -13.339 1.00 65.75  ? 13  VAL A O   1 
ATOM 91   C CB  . VAL A 1 13  ? 0.825   23.709  -13.266 1.00 54.79  ? 13  VAL A CB  1 
ATOM 92   C CG1 . VAL A 1 13  ? 0.808   23.021  -14.629 1.00 57.29  ? 13  VAL A CG1 1 
ATOM 93   C CG2 . VAL A 1 13  ? -0.450  23.390  -12.491 1.00 49.98  ? 13  VAL A CG2 1 
ATOM 94   N N   . GLY A 1 14  ? 3.938   22.576  -13.773 1.00 56.81  ? 14  GLY A N   1 
ATOM 95   C CA  . GLY A 1 14  ? 5.148   22.754  -14.554 1.00 62.55  ? 14  GLY A CA  1 
ATOM 96   C C   . GLY A 1 14  ? 6.361   22.536  -13.663 1.00 62.24  ? 14  GLY A C   1 
ATOM 97   O O   . GLY A 1 14  ? 7.401   22.111  -14.164 1.00 65.24  ? 14  GLY A O   1 
ATOM 98   N N   . ASP A 1 15  ? 6.228   22.812  -12.365 1.00 62.01  ? 15  ASP A N   1 
ATOM 99   C CA  . ASP A 1 15  ? 7.345   22.665  -11.427 1.00 64.95  ? 15  ASP A CA  1 
ATOM 100  C C   . ASP A 1 15  ? 7.800   21.224  -11.311 1.00 58.47  ? 15  ASP A C   1 
ATOM 101  O O   . ASP A 1 15  ? 7.128   20.306  -11.770 1.00 51.39  ? 15  ASP A O   1 
ATOM 102  C CB  . ASP A 1 15  ? 6.881   23.044  -10.016 1.00 64.87  ? 15  ASP A CB  1 
ATOM 103  C CG  . ASP A 1 15  ? 7.232   24.464  -9.602  1.00 74.28  ? 15  ASP A CG  1 
ATOM 104  O OD1 . ASP A 1 15  ? 7.705   25.250  -10.452 1.00 79.76  ? 15  ASP A OD1 1 
ATOM 105  O OD2 . ASP A 1 15  ? 7.046   24.797  -8.411  1.00 76.23  ? 15  ASP A OD2 1 
ATOM 106  N N   . ARG A 1 16  ? 8.929   21.041  -10.640 1.00 62.69  ? 16  ARG A N   1 
ATOM 107  C CA  . ARG A 1 16  ? 9.421   19.694  -10.411 1.00 57.92  ? 16  ARG A CA  1 
ATOM 108  C C   . ARG A 1 16  ? 9.223   19.485  -8.936  1.00 56.45  ? 16  ARG A C   1 
ATOM 109  O O   . ARG A 1 16  ? 9.190   20.462  -8.184  1.00 62.39  ? 16  ARG A O   1 
ATOM 110  C CB  . ARG A 1 16  ? 10.919  19.608  -10.709 1.00 64.96  ? 16  ARG A CB  1 
ATOM 111  C CG  . ARG A 1 16  ? 11.557  18.285  -10.278 1.00 61.21  ? 16  ARG A CG  1 
ATOM 112  C CD  . ARG A 1 16  ? 13.052  18.257  -10.569 1.00 69.89  ? 16  ARG A CD  1 
ATOM 113  N NE  . ARG A 1 16  ? 13.786  17.931  -9.351  1.00 72.79  ? 16  ARG A NE  1 
ATOM 114  C CZ  . ARG A 1 16  ? 15.052  17.535  -9.418  1.00 79.85  ? 16  ARG A CZ  1 
ATOM 115  N NH1 . ARG A 1 16  ? 15.635  17.258  -10.559 1.00 82.75  ? 16  ARG A NH1 1 
ATOM 116  N NH2 . ARG A 1 16  ? 15.740  17.400  -8.322  1.00 84.43  ? 16  ARG A NH2 1 
ATOM 117  N N   . VAL A 1 17  ? 9.071   18.234  -8.533  1.00 48.99  ? 17  VAL A N   1 
ATOM 118  C CA  . VAL A 1 17  ? 8.983   17.975  -7.131  1.00 47.67  ? 17  VAL A CA  1 
ATOM 119  C C   . VAL A 1 17  ? 9.731   16.706  -6.777  1.00 43.74  ? 17  VAL A C   1 
ATOM 120  O O   . VAL A 1 17  ? 10.028  15.934  -7.689  1.00 40.97  ? 17  VAL A O   1 
ATOM 121  C CB  . VAL A 1 17  ? 7.561   18.144  -6.677  1.00 43.65  ? 17  VAL A CB  1 
ATOM 122  C CG1 . VAL A 1 17  ? 6.543   17.116  -7.117  1.00 35.27  ? 17  VAL A CG1 1 
ATOM 123  C CG2 . VAL A 1 17  ? 7.832   18.179  -5.227  1.00 45.41  ? 17  VAL A CG2 1 
ATOM 124  N N   . THR A 1 18  ? 10.136  16.565  -5.509  1.00 44.80  ? 18  THR A N   1 
ATOM 125  C CA  . THR A 1 18  ? 10.922  15.423  -5.082  1.00 41.46  ? 18  THR A CA  1 
ATOM 126  C C   . THR A 1 18  ? 10.386  15.024  -3.728  1.00 36.57  ? 18  THR A C   1 
ATOM 127  O O   . THR A 1 18  ? 10.243  15.859  -2.833  1.00 40.73  ? 18  THR A O   1 
ATOM 128  C CB  . THR A 1 18  ? 12.396  15.823  -4.932  1.00 50.69  ? 18  THR A CB  1 
ATOM 129  O OG1 . THR A 1 18  ? 12.922  16.393  -6.130  1.00 58.38  ? 18  THR A OG1 1 
ATOM 130  C CG2 . THR A 1 18  ? 13.271  14.701  -4.434  1.00 48.95  ? 18  THR A CG2 1 
ATOM 131  N N   . LEU A 1 19  ? 10.114  13.745  -3.606  1.00 28.65  ? 19  LEU A N   1 
ATOM 132  C CA  . LEU A 1 19  ? 9.790   13.173  -2.338  1.00 24.83  ? 19  LEU A CA  1 
ATOM 133  C C   . LEU A 1 19  ? 10.567  12.034  -1.933  1.00 21.36  ? 19  LEU A C   1 
ATOM 134  O O   . LEU A 1 19  ? 10.864  11.239  -2.808  1.00 17.84  ? 19  LEU A O   1 
ATOM 135  C CB  . LEU A 1 19  ? 8.612   13.430  -1.494  1.00 24.68  ? 19  LEU A CB  1 
ATOM 136  C CG  . LEU A 1 19  ? 7.324   13.256  -2.241  1.00 22.04  ? 19  LEU A CG  1 
ATOM 137  C CD1 . LEU A 1 19  ? 7.308   13.336  -3.761  1.00 20.84  ? 19  LEU A CD1 1 
ATOM 138  C CD2 . LEU A 1 19  ? 6.722   11.957  -1.771  1.00 17.31  ? 19  LEU A CD2 1 
ATOM 139  N N   . ASN A 1 20  ? 11.017  12.009  -0.687  1.00 22.46  ? 20  ASN A N   1 
ATOM 140  C CA  . ASN A 1 20  ? 12.040  11.021  -0.368  1.00 20.38  ? 20  ASN A CA  1 
ATOM 141  C C   . ASN A 1 20  ? 11.659  10.164  0.824   1.00 17.27  ? 20  ASN A C   1 
ATOM 142  O O   . ASN A 1 20  ? 10.855  10.561  1.670   1.00 19.61  ? 20  ASN A O   1 
ATOM 143  C CB  . ASN A 1 20  ? 13.367  11.687  -0.026  1.00 28.36  ? 20  ASN A CB  1 
ATOM 144  C CG  . ASN A 1 20  ? 13.826  12.641  -1.107  1.00 36.15  ? 20  ASN A CG  1 
ATOM 145  O OD1 . ASN A 1 20  ? 13.186  12.891  -2.116  1.00 34.28  ? 20  ASN A OD1 1 
ATOM 146  N ND2 . ASN A 1 20  ? 14.995  13.180  -0.936  1.00 45.97  ? 20  ASN A ND2 1 
ATOM 147  N N   . CYS A 1 21  ? 12.277  8.995   0.902   1.00 13.22  ? 21  CYS A N   1 
ATOM 148  C CA  . CYS A 1 21  ? 12.017  8.120   2.030   1.00 13.22  ? 21  CYS A CA  1 
ATOM 149  C C   . CYS A 1 21  ? 13.320  7.523   2.504   1.00 14.35  ? 21  CYS A C   1 
ATOM 150  O O   . CYS A 1 21  ? 14.266  7.371   1.737   1.00 13.93  ? 21  CYS A O   1 
ATOM 151  C CB  . CYS A 1 21  ? 11.052  7.015   1.629   1.00 7.37   ? 21  CYS A CB  1 
ATOM 152  S SG  . CYS A 1 21  ? 9.415   7.718   1.797   1.00 10.52  ? 21  CYS A SG  1 
ATOM 153  N N   . LYS A 1 22  ? 13.348  7.203   3.783   1.00 16.90  ? 22  LYS A N   1 
ATOM 154  C CA  . LYS A 1 22  ? 14.541  6.618   4.379   1.00 21.56  ? 22  LYS A CA  1 
ATOM 155  C C   . LYS A 1 22  ? 14.082  5.397   5.156   1.00 22.64  ? 22  LYS A C   1 
ATOM 156  O O   . LYS A 1 22  ? 12.920  5.304   5.548   1.00 21.25  ? 22  LYS A O   1 
ATOM 157  C CB  . LYS A 1 22  ? 15.232  7.619   5.307   1.00 30.97  ? 22  LYS A CB  1 
ATOM 158  C CG  . LYS A 1 22  ? 16.549  7.108   5.897   1.00 38.00  ? 22  LYS A CG  1 
ATOM 159  C CD  . LYS A 1 22  ? 17.297  8.119   6.755   1.00 50.62  ? 22  LYS A CD  1 
ATOM 160  C CE  . LYS A 1 22  ? 18.676  7.611   7.166   1.00 58.70  ? 22  LYS A CE  1 
ATOM 161  N NZ  . LYS A 1 22  ? 19.313  8.631   8.008   1.00 70.57  ? 22  LYS A NZ  1 
ATOM 162  N N   . ALA A 1 23  ? 14.988  4.461   5.368   1.00 25.42  ? 23  ALA A N   1 
ATOM 163  C CA  . ALA A 1 23  ? 14.638  3.229   6.041   1.00 28.97  ? 23  ALA A CA  1 
ATOM 164  C C   . ALA A 1 23  ? 15.636  3.020   7.152   1.00 40.22  ? 23  ALA A C   1 
ATOM 165  O O   . ALA A 1 23  ? 16.603  3.764   7.288   1.00 45.03  ? 23  ALA A O   1 
ATOM 166  C CB  . ALA A 1 23  ? 14.955  2.147   5.035   1.00 27.13  ? 23  ALA A CB  1 
ATOM 167  N N   . SER A 1 24  ? 15.404  1.975   7.928   1.00 45.99  ? 24  SER A N   1 
ATOM 168  C CA  . SER A 1 24  ? 16.222  1.786   9.119   1.00 59.19  ? 24  SER A CA  1 
ATOM 169  C C   . SER A 1 24  ? 17.282  0.738   8.832   1.00 65.52  ? 24  SER A C   1 
ATOM 170  O O   . SER A 1 24  ? 18.276  0.645   9.543   1.00 75.89  ? 24  SER A O   1 
ATOM 171  C CB  . SER A 1 24  ? 15.349  1.346   10.301  1.00 64.66  ? 24  SER A CB  1 
ATOM 172  O OG  . SER A 1 24  ? 14.396  2.316   10.729  1.00 62.28  ? 24  SER A OG  1 
ATOM 173  N N   . HIS A 1 25  ? 17.069  -0.097  7.831   1.00 60.62  ? 25  HIS A N   1 
ATOM 174  C CA  . HIS A 1 25  ? 18.113  -1.072  7.510   1.00 67.63  ? 25  HIS A CA  1 
ATOM 175  C C   . HIS A 1 25  ? 18.261  -1.049  6.005   1.00 60.06  ? 25  HIS A C   1 
ATOM 176  O O   . HIS A 1 25  ? 17.483  -0.381  5.325   1.00 49.57  ? 25  HIS A O   1 
ATOM 177  C CB  . HIS A 1 25  ? 17.727  -2.489  7.937   1.00 69.91  ? 25  HIS A CB  1 
ATOM 178  C CG  . HIS A 1 25  ? 17.894  -2.739  9.419   1.00 78.57  ? 25  HIS A CG  1 
ATOM 179  N ND1 . HIS A 1 25  ? 16.895  -2.573  10.353  1.00 78.88  ? 25  HIS A ND1 1 
ATOM 180  C CD2 . HIS A 1 25  ? 19.055  -3.251  10.017  1.00 86.35  ? 25  HIS A CD2 1 
ATOM 181  C CE1 . HIS A 1 25  ? 17.555  -3.001  11.469  1.00 88.09  ? 25  HIS A CE1 1 
ATOM 182  N NE2 . HIS A 1 25  ? 18.856  -3.429  11.381  1.00 92.35  ? 25  HIS A NE2 1 
ATOM 183  N N   . ASN A 1 26  ? 19.259  -1.776  5.525   1.00 65.28  ? 26  ASN A N   1 
ATOM 184  C CA  . ASN A 1 26  ? 19.622  -1.729  4.112   1.00 61.68  ? 26  ASN A CA  1 
ATOM 185  C C   . ASN A 1 26  ? 18.624  -2.508  3.302   1.00 53.84  ? 26  ASN A C   1 
ATOM 186  O O   . ASN A 1 26  ? 18.258  -3.635  3.636   1.00 56.05  ? 26  ASN A O   1 
ATOM 187  C CB  . ASN A 1 26  ? 20.993  -2.368  3.892   1.00 70.87  ? 26  ASN A CB  1 
ATOM 188  C CG  . ASN A 1 26  ? 22.095  -1.446  4.384   1.00 78.87  ? 26  ASN A CG  1 
ATOM 189  O OD1 . ASN A 1 26  ? 22.010  -0.227  4.255   1.00 77.71  ? 26  ASN A OD1 1 
ATOM 190  N ND2 . ASN A 1 26  ? 23.148  -2.018  4.942   1.00 85.61  ? 26  ASN A ND2 1 
ATOM 191  N N   . ILE A 1 27  ? 18.186  -1.871  2.230   1.00 47.49  ? 27  ILE A N   1 
ATOM 192  C CA  . ILE A 1 27  ? 17.070  -2.422  1.503   1.00 41.86  ? 27  ILE A CA  1 
ATOM 193  C C   . ILE A 1 27  ? 17.266  -2.513  0.024   1.00 40.60  ? 27  ILE A C   1 
ATOM 194  O O   . ILE A 1 27  ? 16.299  -2.649  -0.723  1.00 35.96  ? 27  ILE A O   1 
ATOM 195  C CB  . ILE A 1 27  ? 15.736  -1.835  1.854   1.00 31.45  ? 27  ILE A CB  1 
ATOM 196  C CG1 . ILE A 1 27  ? 15.733  -0.349  1.503   1.00 26.78  ? 27  ILE A CG1 1 
ATOM 197  C CG2 . ILE A 1 27  ? 15.471  -2.421  3.243   1.00 35.41  ? 27  ILE A CG2 1 
ATOM 198  C CD1 . ILE A 1 27  ? 14.416  0.111   0.882   1.00 19.06  ? 27  ILE A CD1 1 
ATOM 199  N N   . ASN A 1 28  ? 18.530  -2.577  -0.313  1.00 46.12  ? 28  ASN A N   1 
ATOM 200  C CA  . ASN A 1 28  ? 18.934  -2.841  -1.692  1.00 61.44  ? 28  ASN A CA  1 
ATOM 201  C C   . ASN A 1 28  ? 18.244  -1.892  -2.640  1.00 51.25  ? 28  ASN A C   1 
ATOM 202  O O   . ASN A 1 28  ? 18.567  -0.710  -2.653  1.00 46.17  ? 28  ASN A O   1 
ATOM 203  C CB  . ASN A 1 28  ? 18.819  -4.302  -2.118  1.00 83.59  ? 28  ASN A CB  1 
ATOM 204  C CG  . ASN A 1 28  ? 19.894  -5.142  -1.449  1.00 95.46  ? 28  ASN A CG  1 
ATOM 205  O OD1 . ASN A 1 28  ? 21.013  -4.695  -1.198  1.00 97.54  ? 28  ASN A OD1 1 
ATOM 206  N ND2 . ASN A 1 28  ? 19.561  -6.386  -1.171  1.00 99.50  ? 28  ASN A ND2 1 
ATOM 207  N N   . LYS A 1 29  ? 17.291  -2.357  -3.426  1.00 51.38  ? 29  LYS A N   1 
ATOM 208  C CA  . LYS A 1 29  ? 16.576  -1.402  -4.252  1.00 39.29  ? 29  LYS A CA  1 
ATOM 209  C C   . LYS A 1 29  ? 15.116  -1.789  -4.210  1.00 32.00  ? 29  LYS A C   1 
ATOM 210  O O   . LYS A 1 29  ? 14.358  -1.547  -5.141  1.00 29.24  ? 29  LYS A O   1 
ATOM 211  C CB  . LYS A 1 29  ? 17.095  -1.455  -5.690  1.00 42.58  ? 29  LYS A CB  1 
ATOM 212  C CG  . LYS A 1 29  ? 18.524  -0.964  -5.894  1.00 51.39  ? 29  LYS A CG  1 
ATOM 213  C CD  . LYS A 1 29  ? 18.964  -1.000  -7.355  1.00 63.39  ? 29  LYS A CD  1 
ATOM 214  C CE  . LYS A 1 29  ? 20.398  -0.506  -7.515  1.00 68.83  ? 29  LYS A CE  1 
ATOM 215  N NZ  . LYS A 1 29  ? 20.779  -0.561  -8.933  1.00 68.56  ? 29  LYS A NZ  1 
ATOM 216  N N   . ASN A 1 30  ? 14.697  -2.460  -3.165  1.00 29.90  ? 30  ASN A N   1 
ATOM 217  C CA  . ASN A 1 30  ? 13.316  -2.927  -3.149  1.00 26.67  ? 30  ASN A CA  1 
ATOM 218  C C   . ASN A 1 30  ? 12.410  -1.832  -2.587  1.00 19.38  ? 30  ASN A C   1 
ATOM 219  O O   . ASN A 1 30  ? 12.166  -1.778  -1.380  1.00 17.86  ? 30  ASN A O   1 
ATOM 220  C CB  . ASN A 1 30  ? 13.214  -4.211  -2.315  1.00 29.58  ? 30  ASN A CB  1 
ATOM 221  C CG  . ASN A 1 30  ? 13.778  -5.461  -2.988  1.00 35.55  ? 30  ASN A CG  1 
ATOM 222  O OD1 . ASN A 1 30  ? 13.493  -5.776  -4.135  1.00 35.77  ? 30  ASN A OD1 1 
ATOM 223  N ND2 . ASN A 1 30  ? 14.542  -6.261  -2.286  1.00 44.35  ? 30  ASN A ND2 1 
ATOM 224  N N   . LEU A 1 31  ? 11.874  -0.979  -3.455  1.00 15.58  ? 31  LEU A N   1 
ATOM 225  C CA  . LEU A 1 31  ? 11.051  0.131   -2.970  1.00 9.43   ? 31  LEU A CA  1 
ATOM 226  C C   . LEU A 1 31  ? 10.044  0.552   -4.050  1.00 6.98   ? 31  LEU A C   1 
ATOM 227  O O   . LEU A 1 31  ? 10.401  0.690   -5.217  1.00 8.59   ? 31  LEU A O   1 
ATOM 228  C CB  . LEU A 1 31  ? 12.024  1.257   -2.608  1.00 7.92   ? 31  LEU A CB  1 
ATOM 229  C CG  . LEU A 1 31  ? 11.459  2.479   -1.886  1.00 3.42   ? 31  LEU A CG  1 
ATOM 230  C CD1 . LEU A 1 31  ? 10.605  3.424   -2.721  1.00 1.35   ? 31  LEU A CD1 1 
ATOM 231  C CD2 . LEU A 1 31  ? 10.814  2.155   -0.546  1.00 2.32   ? 31  LEU A CD2 1 
ATOM 232  N N   . GLU A 1 32  ? 8.794   0.755   -3.646  1.00 4.51   ? 32  GLU A N   1 
ATOM 233  C CA  . GLU A 1 32  ? 7.728   1.198   -4.553  1.00 4.12   ? 32  GLU A CA  1 
ATOM 234  C C   . GLU A 1 32  ? 7.193   2.566   -4.174  1.00 2.25   ? 32  GLU A C   1 
ATOM 235  O O   . GLU A 1 32  ? 7.365   3.015   -3.043  1.00 1.50   ? 32  GLU A O   1 
ATOM 236  C CB  . GLU A 1 32  ? 6.469   0.449   -4.155  1.00 4.89   ? 32  GLU A CB  1 
ATOM 237  C CG  . GLU A 1 32  ? 6.603   -1.046  -4.135  1.00 8.99   ? 32  GLU A CG  1 
ATOM 238  C CD  . GLU A 1 32  ? 6.745   -1.384  -5.574  1.00 11.57  ? 32  GLU A CD  1 
ATOM 239  O OE1 . GLU A 1 32  ? 6.030   -0.778  -6.393  1.00 12.54  ? 32  GLU A OE1 1 
ATOM 240  O OE2 . GLU A 1 32  ? 7.562   -2.261  -5.897  1.00 15.42  ? 32  GLU A OE2 1 
ATOM 241  N N   . TRP A 1 33  ? 6.432   3.154   -5.094  1.00 2.94   ? 33  TRP A N   1 
ATOM 242  C CA  . TRP A 1 33  ? 5.799   4.450   -4.841  1.00 2.85   ? 33  TRP A CA  1 
ATOM 243  C C   . TRP A 1 33  ? 4.331   4.410   -5.278  1.00 5.84   ? 33  TRP A C   1 
ATOM 244  O O   . TRP A 1 33  ? 4.022   3.983   -6.394  1.00 8.42   ? 33  TRP A O   1 
ATOM 245  C CB  . TRP A 1 33  ? 6.528   5.540   -5.639  1.00 4.52   ? 33  TRP A CB  1 
ATOM 246  C CG  . TRP A 1 33  ? 7.915   5.852   -5.087  1.00 4.07   ? 33  TRP A CG  1 
ATOM 247  C CD1 . TRP A 1 33  ? 9.115   5.345   -5.625  1.00 4.64   ? 33  TRP A CD1 1 
ATOM 248  C CD2 . TRP A 1 33  ? 8.285   6.681   -4.007  1.00 3.94   ? 33  TRP A CD2 1 
ATOM 249  N NE1 . TRP A 1 33  ? 10.204  5.857   -4.889  1.00 5.15   ? 33  TRP A NE1 1 
ATOM 250  C CE2 . TRP A 1 33  ? 9.641   6.670   -3.905  1.00 4.71   ? 33  TRP A CE2 1 
ATOM 251  C CE3 . TRP A 1 33  ? 7.539   7.425   -3.149  1.00 4.42   ? 33  TRP A CE3 1 
ATOM 252  C CZ2 . TRP A 1 33  ? 10.288  7.385   -2.953  1.00 5.51   ? 33  TRP A CZ2 1 
ATOM 253  C CZ3 . TRP A 1 33  ? 8.195   8.145   -2.200  1.00 6.30   ? 33  TRP A CZ3 1 
ATOM 254  C CH2 . TRP A 1 33  ? 9.546   8.125   -2.100  1.00 5.65   ? 33  TRP A CH2 1 
ATOM 255  N N   . TYR A 1 34  ? 3.429   4.864   -4.412  1.00 6.65   ? 34  TYR A N   1 
ATOM 256  C CA  . TYR A 1 34  ? 2.004   4.816   -4.724  1.00 9.81   ? 34  TYR A CA  1 
ATOM 257  C C   . TYR A 1 34  ? 1.419   6.224   -4.725  1.00 11.51  ? 34  TYR A C   1 
ATOM 258  O O   . TYR A 1 34  ? 1.877   7.092   -3.981  1.00 10.78  ? 34  TYR A O   1 
ATOM 259  C CB  . TYR A 1 34  ? 1.283   3.971   -3.664  1.00 10.51  ? 34  TYR A CB  1 
ATOM 260  C CG  . TYR A 1 34  ? 1.653   2.499   -3.793  1.00 9.81   ? 34  TYR A CG  1 
ATOM 261  C CD1 . TYR A 1 34  ? 1.066   1.759   -4.735  1.00 13.64  ? 34  TYR A CD1 1 
ATOM 262  C CD2 . TYR A 1 34  ? 2.625   1.933   -3.059  1.00 7.80   ? 34  TYR A CD2 1 
ATOM 263  C CE1 . TYR A 1 34  ? 1.397   0.473   -4.931  1.00 14.05  ? 34  TYR A CE1 1 
ATOM 264  C CE2 . TYR A 1 34  ? 2.990   0.649   -3.277  1.00 7.99   ? 34  TYR A CE2 1 
ATOM 265  C CZ  . TYR A 1 34  ? 2.370   -0.093  -4.221  1.00 10.47  ? 34  TYR A CZ  1 
ATOM 266  O OH  . TYR A 1 34  ? 2.710   -1.400  -4.535  1.00 11.71  ? 34  TYR A OH  1 
ATOM 267  N N   . GLN A 1 35  ? 0.395   6.426   -5.553  1.00 16.75  ? 35  GLN A N   1 
ATOM 268  C CA  . GLN A 1 35  ? -0.277  7.716   -5.636  1.00 19.12  ? 35  GLN A CA  1 
ATOM 269  C C   . GLN A 1 35  ? -1.716  7.402   -5.230  1.00 24.44  ? 35  GLN A C   1 
ATOM 270  O O   . GLN A 1 35  ? -2.325  6.507   -5.810  1.00 28.47  ? 35  GLN A O   1 
ATOM 271  C CB  . GLN A 1 35  ? -0.235  8.168   -7.109  1.00 21.50  ? 35  GLN A CB  1 
ATOM 272  C CG  . GLN A 1 35  ? -0.416  9.673   -7.333  1.00 21.99  ? 35  GLN A CG  1 
ATOM 273  C CD  . GLN A 1 35  ? -0.866  10.022  -8.739  1.00 27.50  ? 35  GLN A CD  1 
ATOM 274  O OE1 . GLN A 1 35  ? -0.853  9.215   -9.665  1.00 31.32  ? 35  GLN A OE1 1 
ATOM 275  N NE2 . GLN A 1 35  ? -1.285  11.250  -8.894  1.00 28.79  ? 35  GLN A NE2 1 
ATOM 276  N N   . GLN A 1 36  ? -2.260  8.058   -4.218  1.00 26.47  ? 36  GLN A N   1 
ATOM 277  C CA  . GLN A 1 36  ? -3.661  7.827   -3.890  1.00 33.25  ? 36  GLN A CA  1 
ATOM 278  C C   . GLN A 1 36  ? -4.350  9.105   -4.268  1.00 39.24  ? 36  GLN A C   1 
ATOM 279  O O   . GLN A 1 36  ? -4.312  10.065  -3.495  1.00 40.92  ? 36  GLN A O   1 
ATOM 280  C CB  . GLN A 1 36  ? -3.876  7.562   -2.394  1.00 34.65  ? 36  GLN A CB  1 
ATOM 281  C CG  . GLN A 1 36  ? -5.365  7.445   -2.051  1.00 42.61  ? 36  GLN A CG  1 
ATOM 282  C CD  . GLN A 1 36  ? -5.580  6.907   -0.681  1.00 41.96  ? 36  GLN A CD  1 
ATOM 283  O OE1 . GLN A 1 36  ? -4.949  7.419   0.216   1.00 41.92  ? 36  GLN A OE1 1 
ATOM 284  N NE2 . GLN A 1 36  ? -6.433  5.928   -0.546  1.00 43.47  ? 36  GLN A NE2 1 
ATOM 285  N N   . LYS A 1 37  ? -4.932  9.121   -5.460  1.00 42.28  ? 37  LYS A N   1 
ATOM 286  C CA  . LYS A 1 37  ? -5.657  10.307  -5.881  1.00 47.26  ? 37  LYS A CA  1 
ATOM 287  C C   . LYS A 1 37  ? -6.825  10.441  -4.937  1.00 54.19  ? 37  LYS A C   1 
ATOM 288  O O   . LYS A 1 37  ? -7.268  9.444   -4.368  1.00 56.20  ? 37  LYS A O   1 
ATOM 289  C CB  . LYS A 1 37  ? -6.157  10.148  -7.308  1.00 51.52  ? 37  LYS A CB  1 
ATOM 290  C CG  . LYS A 1 37  ? -5.030  10.031  -8.322  1.00 46.41  ? 37  LYS A CG  1 
ATOM 291  C CD  . LYS A 1 37  ? -5.460  10.736  -9.597  1.00 50.73  ? 37  LYS A CD  1 
ATOM 292  C CE  . LYS A 1 37  ? -4.372  10.684  -10.644 1.00 47.93  ? 37  LYS A CE  1 
ATOM 293  N NZ  . LYS A 1 37  ? -4.483  9.530   -11.502 1.00 54.09  ? 37  LYS A NZ  1 
ATOM 294  N N   . LEU A 1 38  ? -7.313  11.645  -4.730  1.00 62.14  ? 38  LEU A N   1 
ATOM 295  C CA  . LEU A 1 38  ? -8.396  11.756  -3.775  1.00 71.94  ? 38  LEU A CA  1 
ATOM 296  C C   . LEU A 1 38  ? -9.682  11.008  -4.147  1.00 82.01  ? 38  LEU A C   1 
ATOM 297  O O   . LEU A 1 38  ? -10.107 11.007  -5.303  1.00 84.12  ? 38  LEU A O   1 
ATOM 298  C CB  . LEU A 1 38  ? -8.490  13.191  -3.295  1.00 84.11  ? 38  LEU A CB  1 
ATOM 299  C CG  . LEU A 1 38  ? -9.483  13.288  -2.154  1.00 77.01  ? 38  LEU A CG  1 
ATOM 300  C CD1 . LEU A 1 38  ? -9.125  12.349  -1.003  1.00 72.00  ? 38  LEU A CD1 1 
ATOM 301  C CD2 . LEU A 1 38  ? -9.510  14.730  -1.682  1.00 72.53  ? 38  LEU A CD2 1 
ATOM 302  N N   . GLY A 1 39  ? -10.227 10.287  -3.159  1.00 81.06  ? 39  GLY A N   1 
ATOM 303  C CA  . GLY A 1 39  ? -11.461 9.543   -3.372  1.00 81.87  ? 39  GLY A CA  1 
ATOM 304  C C   . GLY A 1 39  ? -11.261 8.265   -4.166  1.00 77.27  ? 39  GLY A C   1 
ATOM 305  O O   . GLY A 1 39  ? -12.183 7.809   -4.851  1.00 82.00  ? 39  GLY A O   1 
ATOM 306  N N   . GLU A 1 40  ? -10.071 7.686   -4.076  1.00 70.81  ? 40  GLU A N   1 
ATOM 307  C CA  . GLU A 1 40  ? -9.821  6.468   -4.828  1.00 69.43  ? 40  GLU A CA  1 
ATOM 308  C C   . GLU A 1 40  ? -8.819  5.657   -4.071  1.00 61.31  ? 40  GLU A C   1 
ATOM 309  O O   . GLU A 1 40  ? -8.254  6.102   -3.071  1.00 56.36  ? 40  GLU A O   1 
ATOM 310  C CB  . GLU A 1 40  ? -9.149  6.790   -6.153  1.00 69.00  ? 40  GLU A CB  1 
ATOM 311  C CG  . GLU A 1 40  ? -9.973  7.679   -7.062  1.00 75.07  ? 40  GLU A CG  1 
ATOM 312  C CD  . GLU A 1 40  ? -9.297  8.050   -8.359  1.00 73.28  ? 40  GLU A CD  1 
ATOM 313  O OE1 . GLU A 1 40  ? -8.133  7.677   -8.633  1.00 67.92  ? 40  GLU A OE1 1 
ATOM 314  O OE2 . GLU A 1 40  ? -9.980  8.751   -9.128  1.00 77.58  ? 40  GLU A OE2 1 
ATOM 315  N N   . ALA A 1 41  ? -8.620  4.454   -4.568  1.00 60.26  ? 41  ALA A N   1 
ATOM 316  C CA  . ALA A 1 41  ? -7.652  3.617   -3.904  1.00 49.87  ? 41  ALA A CA  1 
ATOM 317  C C   . ALA A 1 41  ? -6.296  3.969   -4.440  1.00 44.43  ? 41  ALA A C   1 
ATOM 318  O O   . ALA A 1 41  ? -6.213  4.729   -5.406  1.00 48.22  ? 41  ALA A O   1 
ATOM 319  C CB  . ALA A 1 41  ? -8.058  2.157   -3.999  1.00 49.44  ? 41  ALA A CB  1 
ATOM 320  N N   . PRO A 1 42  ? -5.223  3.518   -3.799  1.00 36.26  ? 42  PRO A N   1 
ATOM 321  C CA  . PRO A 1 42  ? -3.908  3.935   -4.228  1.00 32.28  ? 42  PRO A CA  1 
ATOM 322  C C   . PRO A 1 42  ? -3.579  3.239   -5.537  1.00 34.71  ? 42  PRO A C   1 
ATOM 323  O O   . PRO A 1 42  ? -4.246  2.275   -5.913  1.00 39.26  ? 42  PRO A O   1 
ATOM 324  C CB  . PRO A 1 42  ? -3.043  3.471   -3.069  1.00 24.01  ? 42  PRO A CB  1 
ATOM 325  C CG  . PRO A 1 42  ? -3.961  3.423   -1.856  1.00 24.64  ? 42  PRO A CG  1 
ATOM 326  C CD  . PRO A 1 42  ? -5.259  2.886   -2.474  1.00 31.02  ? 42  PRO A CD  1 
ATOM 327  N N   . LYS A 1 43  ? -2.552  3.713   -6.233  1.00 32.47  ? 43  LYS A N   1 
ATOM 328  C CA  . LYS A 1 43  ? -2.150  3.058   -7.470  1.00 37.08  ? 43  LYS A CA  1 
ATOM 329  C C   . LYS A 1 43  ? -0.640  3.065   -7.553  1.00 29.50  ? 43  LYS A C   1 
ATOM 330  O O   . LYS A 1 43  ? 0.022   3.900   -6.932  1.00 22.48  ? 43  LYS A O   1 
ATOM 331  C CB  . LYS A 1 43  ? -2.724  3.733   -8.711  1.00 45.33  ? 43  LYS A CB  1 
ATOM 332  C CG  . LYS A 1 43  ? -2.407  5.219   -8.806  1.00 41.42  ? 43  LYS A CG  1 
ATOM 333  C CD  . LYS A 1 43  ? -2.924  5.796   -10.110 1.00 49.39  ? 43  LYS A CD  1 
ATOM 334  C CE  . LYS A 1 43  ? -4.224  6.507   -9.863  1.00 53.45  ? 43  LYS A CE  1 
ATOM 335  N NZ  . LYS A 1 43  ? -4.763  6.818   -11.147 1.00 61.61  ? 43  LYS A NZ  1 
ATOM 336  N N   . LEU A 1 44  ? -0.111  2.108   -8.304  1.00 32.91  ? 44  LEU A N   1 
ATOM 337  C CA  . LEU A 1 44  ? 1.332   1.965   -8.411  1.00 26.53  ? 44  LEU A CA  1 
ATOM 338  C C   . LEU A 1 44  ? 1.909   2.906   -9.458  1.00 27.94  ? 44  LEU A C   1 
ATOM 339  O O   . LEU A 1 44  ? 1.277   3.156   -10.488 1.00 37.06  ? 44  LEU A O   1 
ATOM 340  C CB  . LEU A 1 44  ? 1.608   0.522   -8.817  1.00 29.85  ? 44  LEU A CB  1 
ATOM 341  C CG  . LEU A 1 44  ? 3.088   0.174   -8.832  1.00 26.01  ? 44  LEU A CG  1 
ATOM 342  C CD1 . LEU A 1 44  ? 3.602   0.247   -7.409  1.00 16.65  ? 44  LEU A CD1 1 
ATOM 343  C CD2 . LEU A 1 44  ? 3.282   -1.232  -9.374  1.00 30.95  ? 44  LEU A CD2 1 
ATOM 344  N N   . LEU A 1 45  ? 3.114   3.409   -9.173  1.00 21.64  ? 45  LEU A N   1 
ATOM 345  C CA  . LEU A 1 45  ? 3.793   4.294   -10.102 1.00 23.10  ? 45  LEU A CA  1 
ATOM 346  C C   . LEU A 1 45  ? 5.134   3.647   -10.454 1.00 21.87  ? 45  LEU A C   1 
ATOM 347  O O   . LEU A 1 45  ? 5.394   3.357   -11.623 1.00 28.31  ? 45  LEU A O   1 
ATOM 348  C CB  . LEU A 1 45  ? 4.049   5.661   -9.449  1.00 17.41  ? 45  LEU A CB  1 
ATOM 349  C CG  . LEU A 1 45  ? 2.844   6.481   -8.989  1.00 18.87  ? 45  LEU A CG  1 
ATOM 350  C CD1 . LEU A 1 45  ? 3.297   7.724   -8.225  1.00 14.95  ? 45  LEU A CD1 1 
ATOM 351  C CD2 . LEU A 1 45  ? 1.934   6.870   -10.150 1.00 25.13  ? 45  LEU A CD2 1 
ATOM 352  N N   . ILE A 1 46  ? 5.979   3.430   -9.438  1.00 15.54  ? 46  ILE A N   1 
ATOM 353  C CA  . ILE A 1 46  ? 7.315   2.864   -9.669  1.00 16.15  ? 46  ILE A CA  1 
ATOM 354  C C   . ILE A 1 46  ? 7.518   1.693   -8.704  1.00 13.43  ? 46  ILE A C   1 
ATOM 355  O O   . ILE A 1 46  ? 7.039   1.740   -7.569  1.00 9.74   ? 46  ILE A O   1 
ATOM 356  C CB  . ILE A 1 46  ? 8.402   3.929   -9.441  1.00 14.14  ? 46  ILE A CB  1 
ATOM 357  C CG1 . ILE A 1 46  ? 8.660   4.767   -10.690 1.00 20.26  ? 46  ILE A CG1 1 
ATOM 358  C CG2 . ILE A 1 46  ? 9.738   3.336   -9.007  1.00 15.38  ? 46  ILE A CG2 1 
ATOM 359  C CD1 . ILE A 1 46  ? 7.668   5.910   -10.864 1.00 19.73  ? 46  ILE A CD1 1 
ATOM 360  N N   . TYR A 1 47  ? 8.204   0.643   -9.156  1.00 18.53  ? 47  TYR A N   1 
ATOM 361  C CA  . TYR A 1 47  ? 8.463   -0.495  -8.295  1.00 17.60  ? 47  TYR A CA  1 
ATOM 362  C C   . TYR A 1 47  ? 9.880   -0.934  -8.531  1.00 22.02  ? 47  TYR A C   1 
ATOM 363  O O   . TYR A 1 47  ? 10.474  -0.578  -9.543  1.00 26.71  ? 47  TYR A O   1 
ATOM 364  C CB  . TYR A 1 47  ? 7.527   -1.672  -8.607  1.00 23.14  ? 47  TYR A CB  1 
ATOM 365  C CG  . TYR A 1 47  ? 7.567   -2.242  -9.998  1.00 31.35  ? 47  TYR A CG  1 
ATOM 366  C CD1 . TYR A 1 47  ? 6.868   -1.649  -10.971 1.00 34.36  ? 47  TYR A CD1 1 
ATOM 367  C CD2 . TYR A 1 47  ? 8.289   -3.332  -10.287 1.00 38.41  ? 47  TYR A CD2 1 
ATOM 368  C CE1 . TYR A 1 47  ? 6.906   -2.127  -12.221 1.00 45.98  ? 47  TYR A CE1 1 
ATOM 369  C CE2 . TYR A 1 47  ? 8.309   -3.836  -11.534 1.00 47.81  ? 47  TYR A CE2 1 
ATOM 370  C CZ  . TYR A 1 47  ? 7.620   -3.219  -12.517 1.00 52.03  ? 47  TYR A CZ  1 
ATOM 371  O OH  . TYR A 1 47  ? 7.662   -3.635  -13.837 1.00 63.64  ? 47  TYR A OH  1 
ATOM 372  N N   . TYR A 1 48  ? 10.321  -1.767  -7.610  1.00 22.92  ? 48  TYR A N   1 
ATOM 373  C CA  . TYR A 1 48  ? 11.720  -2.180  -7.529  1.00 30.49  ? 48  TYR A CA  1 
ATOM 374  C C   . TYR A 1 48  ? 12.660  -1.067  -7.892  1.00 27.82  ? 48  TYR A C   1 
ATOM 375  O O   . TYR A 1 48  ? 13.340  -1.081  -8.914  1.00 34.06  ? 48  TYR A O   1 
ATOM 376  C CB  . TYR A 1 48  ? 12.119  -3.673  -7.475  1.00 54.81  ? 48  TYR A CB  1 
ATOM 377  C CG  . TYR A 1 48  ? 13.613  -3.939  -7.472  1.00 58.56  ? 48  TYR A CG  1 
ATOM 378  C CD1 . TYR A 1 48  ? 14.290  -3.856  -8.621  1.00 64.59  ? 48  TYR A CD1 1 
ATOM 379  C CD2 . TYR A 1 48  ? 14.276  -4.268  -6.361  1.00 46.11  ? 48  TYR A CD2 1 
ATOM 380  C CE1 . TYR A 1 48  ? 15.619  -4.008  -8.639  1.00 63.63  ? 48  TYR A CE1 1 
ATOM 381  C CE2 . TYR A 1 48  ? 15.603  -4.448  -6.371  1.00 51.04  ? 48  TYR A CE2 1 
ATOM 382  C CZ  . TYR A 1 48  ? 16.282  -4.284  -7.511  1.00 61.00  ? 48  TYR A CZ  1 
ATOM 383  O OH  . TYR A 1 48  ? 17.647  -4.381  -7.524  1.00 79.11  ? 48  TYR A OH  1 
ATOM 384  N N   . ALA A 1 49  ? 12.562  -0.036  -7.086  1.00 22.71  ? 49  ALA A N   1 
ATOM 385  C CA  . ALA A 1 49  ? 13.474  1.089   -7.190  1.00 24.46  ? 49  ALA A CA  1 
ATOM 386  C C   . ALA A 1 49  ? 13.094  2.177   -8.178  1.00 24.48  ? 49  ALA A C   1 
ATOM 387  O O   . ALA A 1 49  ? 13.026  3.342   -7.793  1.00 22.39  ? 49  ALA A O   1 
ATOM 388  C CB  . ALA A 1 49  ? 14.958  0.738   -7.134  1.00 32.11  ? 49  ALA A CB  1 
ATOM 389  N N   . ASN A 1 50  ? 12.898  1.857   -9.444  1.00 28.83  ? 50  ASN A N   1 
ATOM 390  C CA  . ASN A 1 50  ? 12.984  2.926   -10.439 1.00 33.45  ? 50  ASN A CA  1 
ATOM 391  C C   . ASN A 1 50  ? 12.279  2.548   -11.733 1.00 38.22  ? 50  ASN A C   1 
ATOM 392  O O   . ASN A 1 50  ? 12.801  2.723   -12.830 1.00 46.92  ? 50  ASN A O   1 
ATOM 393  C CB  . ASN A 1 50  ? 14.463  3.237   -10.729 1.00 42.74  ? 50  ASN A CB  1 
ATOM 394  C CG  . ASN A 1 50  ? 15.273  2.114   -11.387 1.00 51.13  ? 50  ASN A CG  1 
ATOM 395  O OD1 . ASN A 1 50  ? 14.870  0.955   -11.477 1.00 49.24  ? 50  ASN A OD1 1 
ATOM 396  N ND2 . ASN A 1 50  ? 16.437  2.458   -11.902 1.00 60.82  ? 50  ASN A ND2 1 
ATOM 397  N N   . ASN A 1 51  ? 11.110  1.961   -11.676 1.00 33.76  ? 51  ASN A N   1 
ATOM 398  C CA  . ASN A 1 51  ? 10.712  1.195   -12.846 1.00 42.25  ? 51  ASN A CA  1 
ATOM 399  C C   . ASN A 1 51  ? 9.255   1.458   -13.126 1.00 40.96  ? 51  ASN A C   1 
ATOM 400  O O   . ASN A 1 51  ? 8.420   0.667   -12.700 1.00 38.32  ? 51  ASN A O   1 
ATOM 401  C CB  . ASN A 1 51  ? 10.953  -0.276  -12.500 1.00 42.79  ? 51  ASN A CB  1 
ATOM 402  C CG  . ASN A 1 51  ? 10.667  -1.258  -13.627 1.00 54.76  ? 51  ASN A CG  1 
ATOM 403  O OD1 . ASN A 1 51  ? 10.308  -0.900  -14.747 1.00 60.31  ? 51  ASN A OD1 1 
ATOM 404  N ND2 . ASN A 1 51  ? 10.824  -2.532  -13.327 1.00 61.86  ? 51  ASN A ND2 1 
ATOM 405  N N   . LEU A 1 52  ? 9.021   2.575   -13.807 1.00 42.66  ? 52  LEU A N   1 
ATOM 406  C CA  . LEU A 1 52  ? 7.708   2.918   -14.380 1.00 45.41  ? 52  LEU A CA  1 
ATOM 407  C C   . LEU A 1 52  ? 6.796   1.729   -14.678 1.00 51.57  ? 52  LEU A C   1 
ATOM 408  O O   . LEU A 1 52  ? 7.106   0.893   -15.526 1.00 60.56  ? 52  LEU A O   1 
ATOM 409  C CB  . LEU A 1 52  ? 7.946   3.628   -15.724 1.00 54.66  ? 52  LEU A CB  1 
ATOM 410  C CG  . LEU A 1 52  ? 8.392   5.094   -15.725 1.00 51.85  ? 52  LEU A CG  1 
ATOM 411  C CD1 . LEU A 1 52  ? 8.691   5.609   -17.133 1.00 61.81  ? 52  LEU A CD1 1 
ATOM 412  C CD2 . LEU A 1 52  ? 7.379   6.020   -15.061 1.00 44.00  ? 52  LEU A CD2 1 
ATOM 413  N N   . GLN A 1 53  ? 5.659   1.677   -14.001 1.00 47.36  ? 53  GLN A N   1 
ATOM 414  C CA  . GLN A 1 53  ? 4.613   0.716   -14.355 1.00 55.91  ? 53  GLN A CA  1 
ATOM 415  C C   . GLN A 1 53  ? 4.042   1.019   -15.759 1.00 67.51  ? 53  GLN A C   1 
ATOM 416  O O   . GLN A 1 53  ? 4.332   2.036   -16.377 1.00 67.78  ? 53  GLN A O   1 
ATOM 417  C CB  . GLN A 1 53  ? 3.516   0.734   -13.274 1.00 52.15  ? 53  GLN A CB  1 
ATOM 418  C CG  . GLN A 1 53  ? 2.578   -0.476  -13.346 1.00 60.23  ? 53  GLN A CG  1 
ATOM 419  C CD  . GLN A 1 53  ? 1.336   -0.369  -12.482 1.00 59.04  ? 53  GLN A CD  1 
ATOM 420  O OE1 . GLN A 1 53  ? 1.159   0.569   -11.715 1.00 52.06  ? 53  GLN A OE1 1 
ATOM 421  N NE2 . GLN A 1 53  ? 0.455   -1.342  -12.608 1.00 66.75  ? 53  GLN A NE2 1 
ATOM 422  N N   . THR A 1 54  ? 3.212   0.120   -16.270 1.00 76.81  ? 54  THR A N   1 
ATOM 423  C CA  . THR A 1 54  ? 2.874   0.068   -17.705 1.00 87.43  ? 54  THR A CA  1 
ATOM 424  C C   . THR A 1 54  ? 1.664   0.916   -18.181 1.00 91.75  ? 54  THR A C   1 
ATOM 425  O O   . THR A 1 54  ? 0.773   0.376   -18.856 1.00 99.61  ? 54  THR A O   1 
ATOM 426  C CB  . THR A 1 54  ? 2.453   -1.398  -17.864 1.00 94.06  ? 54  THR A CB  1 
ATOM 427  O OG1 . THR A 1 54  ? 1.321   -1.705  -17.050 1.00 93.98  ? 54  THR A OG1 1 
ATOM 428  C CG2 . THR A 1 54  ? 3.589   -2.404  -17.668 1.00 92.92  ? 54  THR A CG2 1 
ATOM 429  N N   . GLY A 1 55  ? 1.663   2.222   -17.790 1.00 85.16  ? 55  GLY A N   1 
ATOM 430  C CA  . GLY A 1 55  ? 0.594   3.180   -17.925 1.00 87.56  ? 55  GLY A CA  1 
ATOM 431  C C   . GLY A 1 55  ? 1.100   4.487   -17.232 1.00 76.96  ? 55  GLY A C   1 
ATOM 432  O O   . GLY A 1 55  ? 0.483   5.539   -17.419 1.00 77.03  ? 55  GLY A O   1 
ATOM 433  N N   . ILE A 1 56  ? 2.175   4.444   -16.421 1.00 67.54  ? 56  ILE A N   1 
ATOM 434  C CA  . ILE A 1 56  ? 2.639   5.661   -15.734 1.00 57.27  ? 56  ILE A CA  1 
ATOM 435  C C   . ILE A 1 56  ? 3.434   6.499   -16.725 1.00 58.92  ? 56  ILE A C   1 
ATOM 436  O O   . ILE A 1 56  ? 4.245   5.963   -17.482 1.00 63.43  ? 56  ILE A O   1 
ATOM 437  C CB  . ILE A 1 56  ? 3.476   5.313   -14.490 1.00 47.43  ? 56  ILE A CB  1 
ATOM 438  C CG1 . ILE A 1 56  ? 3.909   6.571   -13.739 1.00 38.15  ? 56  ILE A CG1 1 
ATOM 439  C CG2 . ILE A 1 56  ? 4.664   4.432   -14.812 1.00 48.52  ? 56  ILE A CG2 1 
ATOM 440  C CD1 . ILE A 1 56  ? 4.648   6.347   -12.433 1.00 30.03  ? 56  ILE A CD1 1 
ATOM 441  N N   . SER A 1 57  ? 3.169   7.799   -16.779 1.00 56.16  ? 57  SER A N   1 
ATOM 442  C CA  . SER A 1 57  ? 3.926   8.595   -17.721 1.00 58.48  ? 57  SER A CA  1 
ATOM 443  C C   . SER A 1 57  ? 5.315   8.894   -17.213 1.00 52.99  ? 57  SER A C   1 
ATOM 444  O O   . SER A 1 57  ? 5.535   8.923   -16.002 1.00 44.64  ? 57  SER A O   1 
ATOM 445  C CB  . SER A 1 57  ? 3.133   9.774   -18.275 1.00 60.79  ? 57  SER A CB  1 
ATOM 446  O OG  . SER A 1 57  ? 2.795   10.812  -17.361 1.00 52.90  ? 57  SER A OG  1 
ATOM 447  N N   . SER A 1 58  ? 6.241   9.132   -18.140 1.00 58.37  ? 58  SER A N   1 
ATOM 448  C CA  . SER A 1 58  ? 7.648   9.270   -17.762 1.00 56.72  ? 58  SER A CA  1 
ATOM 449  C C   . SER A 1 58  ? 8.004   10.519  -16.964 1.00 51.36  ? 58  SER A C   1 
ATOM 450  O O   . SER A 1 58  ? 9.175   10.709  -16.640 1.00 51.93  ? 58  SER A O   1 
ATOM 451  C CB  . SER A 1 58  ? 8.570   9.087   -18.984 1.00 67.87  ? 58  SER A CB  1 
ATOM 452  O OG  . SER A 1 58  ? 8.041   9.589   -20.217 1.00 74.54  ? 58  SER A OG  1 
ATOM 453  N N   . ARG A 1 59  ? 7.029   11.345  -16.571 1.00 46.33  ? 59  ARG A N   1 
ATOM 454  C CA  . ARG A 1 59  ? 7.361   12.501  -15.753 1.00 41.62  ? 59  ARG A CA  1 
ATOM 455  C C   . ARG A 1 59  ? 7.723   12.033  -14.345 1.00 35.34  ? 59  ARG A C   1 
ATOM 456  O O   . ARG A 1 59  ? 8.274   12.798  -13.553 1.00 34.87  ? 59  ARG A O   1 
ATOM 457  C CB  . ARG A 1 59  ? 6.225   13.536  -15.784 1.00 40.37  ? 59  ARG A CB  1 
ATOM 458  C CG  . ARG A 1 59  ? 5.047   13.300  -14.839 1.00 33.81  ? 59  ARG A CG  1 
ATOM 459  C CD  . ARG A 1 59  ? 3.949   14.358  -14.995 1.00 34.53  ? 59  ARG A CD  1 
ATOM 460  N NE  . ARG A 1 59  ? 3.220   14.148  -16.246 1.00 41.74  ? 59  ARG A NE  1 
ATOM 461  C CZ  . ARG A 1 59  ? 1.931   13.834  -16.245 1.00 42.91  ? 59  ARG A CZ  1 
ATOM 462  N NH1 . ARG A 1 59  ? 1.239   13.747  -15.148 1.00 39.80  ? 59  ARG A NH1 1 
ATOM 463  N NH2 . ARG A 1 59  ? 1.321   13.624  -17.376 1.00 51.53  ? 59  ARG A NH2 1 
ATOM 464  N N   . PHE A 1 60  ? 7.400   10.772  -14.053 1.00 33.45  ? 60  PHE A N   1 
ATOM 465  C CA  . PHE A 1 60  ? 7.735   10.175  -12.768 1.00 28.87  ? 60  PHE A CA  1 
ATOM 466  C C   . PHE A 1 60  ? 8.960   9.296   -12.918 1.00 32.24  ? 60  PHE A C   1 
ATOM 467  O O   . PHE A 1 60  ? 9.041   8.471   -13.832 1.00 37.14  ? 60  PHE A O   1 
ATOM 468  C CB  . PHE A 1 60  ? 6.606   9.225   -12.359 1.00 25.84  ? 60  PHE A CB  1 
ATOM 469  C CG  . PHE A 1 60  ? 5.321   9.954   -12.038 1.00 24.64  ? 60  PHE A CG  1 
ATOM 470  C CD1 . PHE A 1 60  ? 5.098   10.400  -10.794 1.00 20.55  ? 60  PHE A CD1 1 
ATOM 471  C CD2 . PHE A 1 60  ? 4.406   10.155  -13.000 1.00 28.59  ? 60  PHE A CD2 1 
ATOM 472  C CE1 . PHE A 1 60  ? 3.964   11.059  -10.519 1.00 21.48  ? 60  PHE A CE1 1 
ATOM 473  C CE2 . PHE A 1 60  ? 3.273   10.817  -12.728 1.00 27.71  ? 60  PHE A CE2 1 
ATOM 474  C CZ  . PHE A 1 60  ? 3.055   11.269  -11.485 1.00 24.81  ? 60  PHE A CZ  1 
ATOM 475  N N   . SER A 1 61  ? 9.879   9.423   -11.970 1.00 30.19  ? 61  SER A N   1 
ATOM 476  C CA  . SER A 1 61  ? 11.082  8.598   -12.008 1.00 35.17  ? 61  SER A CA  1 
ATOM 477  C C   . SER A 1 61  ? 11.473  8.308   -10.567 1.00 30.60  ? 61  SER A C   1 
ATOM 478  O O   . SER A 1 61  ? 11.132  9.083   -9.669  1.00 26.77  ? 61  SER A O   1 
ATOM 479  C CB  . SER A 1 61  ? 12.191  9.343   -12.767 1.00 44.90  ? 61  SER A CB  1 
ATOM 480  O OG  . SER A 1 61  ? 12.070  10.762  -12.707 1.00 46.21  ? 61  SER A OG  1 
ATOM 481  N N   . GLY A 1 62  ? 12.147  7.183   -10.336 1.00 31.09  ? 62  GLY A N   1 
ATOM 482  C CA  . GLY A 1 62  ? 12.550  6.856   -8.968  1.00 26.83  ? 62  GLY A CA  1 
ATOM 483  C C   . GLY A 1 62  ? 14.051  6.582   -8.903  1.00 34.57  ? 62  GLY A C   1 
ATOM 484  O O   . GLY A 1 62  ? 14.662  6.239   -9.919  1.00 42.23  ? 62  GLY A O   1 
ATOM 485  N N   . SER A 1 63  ? 14.638  6.750   -7.717  1.00 32.97  ? 63  SER A N   1 
ATOM 486  C CA  . SER A 1 63  ? 16.067  6.497   -7.562  1.00 42.32  ? 63  SER A CA  1 
ATOM 487  C C   . SER A 1 63  ? 16.309  6.319   -6.076  1.00 37.75  ? 63  SER A C   1 
ATOM 488  O O   . SER A 1 63  ? 15.378  6.483   -5.286  1.00 27.81  ? 63  SER A O   1 
ATOM 489  C CB  . SER A 1 63  ? 16.918  7.669   -8.074  1.00 53.31  ? 63  SER A CB  1 
ATOM 490  O OG  . SER A 1 63  ? 16.898  8.826   -7.231  1.00 53.40  ? 63  SER A OG  1 
ATOM 491  N N   . GLY A 1 64  ? 17.545  5.999   -5.699  1.00 45.23  ? 64  GLY A N   1 
ATOM 492  C CA  . GLY A 1 64  ? 17.846  5.861   -4.279  1.00 41.82  ? 64  GLY A CA  1 
ATOM 493  C C   . GLY A 1 64  ? 18.932  4.824   -3.999  1.00 48.87  ? 64  GLY A C   1 
ATOM 494  O O   . GLY A 1 64  ? 19.152  3.926   -4.815  1.00 53.25  ? 64  GLY A O   1 
ATOM 495  N N   . SER A 1 65  ? 19.593  4.961   -2.843  1.00 51.47  ? 65  SER A N   1 
ATOM 496  C CA  . SER A 1 65  ? 20.676  4.046   -2.485  1.00 60.16  ? 65  SER A CA  1 
ATOM 497  C C   . SER A 1 65  ? 20.691  3.778   -0.993  1.00 57.24  ? 65  SER A C   1 
ATOM 498  O O   . SER A 1 65  ? 20.430  4.691   -0.207  1.00 53.79  ? 65  SER A O   1 
ATOM 499  C CB  . SER A 1 65  ? 22.017  4.679   -2.879  1.00 72.36  ? 65  SER A CB  1 
ATOM 500  O OG  . SER A 1 65  ? 22.172  6.033   -2.434  1.00 74.37  ? 65  SER A OG  1 
ATOM 501  N N   . GLY A 1 66  ? 21.046  2.547   -0.629  1.00 60.48  ? 66  GLY A N   1 
ATOM 502  C CA  . GLY A 1 66  ? 21.162  2.195   0.781   1.00 62.15  ? 66  GLY A CA  1 
ATOM 503  C C   . GLY A 1 66  ? 19.844  2.348   1.523   1.00 50.58  ? 66  GLY A C   1 
ATOM 504  O O   . GLY A 1 66  ? 19.110  1.371   1.681   1.00 45.70  ? 66  GLY A O   1 
ATOM 505  N N   . THR A 1 67  ? 19.573  3.557   2.025   1.00 47.38  ? 67  THR A N   1 
ATOM 506  C CA  . THR A 1 67  ? 18.356  3.760   2.788   1.00 37.25  ? 67  THR A CA  1 
ATOM 507  C C   . THR A 1 67  ? 17.528  4.927   2.298   1.00 28.65  ? 67  THR A C   1 
ATOM 508  O O   . THR A 1 67  ? 16.478  5.185   2.875   1.00 24.16  ? 67  THR A O   1 
ATOM 509  C CB  . THR A 1 67  ? 18.738  4.001   4.249   1.00 44.58  ? 67  THR A CB  1 
ATOM 510  O OG1 . THR A 1 67  ? 19.579  5.142   4.417   1.00 51.26  ? 67  THR A OG1 1 
ATOM 511  C CG2 . THR A 1 67  ? 19.404  2.755   4.816   1.00 52.84  ? 67  THR A CG2 1 
ATOM 512  N N   . ASP A 1 68  ? 17.977  5.659   1.288   1.00 32.54  ? 68  ASP A N   1 
ATOM 513  C CA  . ASP A 1 68  ? 17.206  6.835   0.892   1.00 28.50  ? 68  ASP A CA  1 
ATOM 514  C C   . ASP A 1 68  ? 16.774  6.701   -0.549  1.00 25.25  ? 68  ASP A C   1 
ATOM 515  O O   . ASP A 1 68  ? 17.601  6.414   -1.413  1.00 32.38  ? 68  ASP A O   1 
ATOM 516  C CB  . ASP A 1 68  ? 18.052  8.096   1.051   1.00 37.98  ? 68  ASP A CB  1 
ATOM 517  C CG  . ASP A 1 68  ? 18.302  8.440   2.511   1.00 42.77  ? 68  ASP A CG  1 
ATOM 518  O OD1 . ASP A 1 68  ? 18.027  7.617   3.404   1.00 40.48  ? 68  ASP A OD1 1 
ATOM 519  O OD2 . ASP A 1 68  ? 18.777  9.560   2.778   1.00 53.05  ? 68  ASP A OD2 1 
ATOM 520  N N   . TYR A 1 69  ? 15.488  6.905   -0.807  1.00 17.76  ? 69  TYR A N   1 
ATOM 521  C CA  . TYR A 1 69  ? 14.971  6.743   -2.157  1.00 16.78  ? 69  TYR A CA  1 
ATOM 522  C C   . TYR A 1 69  ? 14.141  7.985   -2.443  1.00 15.78  ? 69  TYR A C   1 
ATOM 523  O O   . TYR A 1 69  ? 13.585  8.579   -1.523  1.00 14.82  ? 69  TYR A O   1 
ATOM 524  C CB  . TYR A 1 69  ? 14.122  5.461   -2.245  1.00 11.24  ? 69  TYR A CB  1 
ATOM 525  C CG  . TYR A 1 69  ? 14.906  4.180   -1.922  1.00 14.07  ? 69  TYR A CG  1 
ATOM 526  C CD1 . TYR A 1 69  ? 15.011  3.730   -0.656  1.00 13.74  ? 69  TYR A CD1 1 
ATOM 527  C CD2 . TYR A 1 69  ? 15.517  3.488   -2.900  1.00 19.14  ? 69  TYR A CD2 1 
ATOM 528  C CE1 . TYR A 1 69  ? 15.749  2.642   -0.375  1.00 19.39  ? 69  TYR A CE1 1 
ATOM 529  C CE2 . TYR A 1 69  ? 16.244  2.385   -2.616  1.00 25.66  ? 69  TYR A CE2 1 
ATOM 530  C CZ  . TYR A 1 69  ? 16.374  1.959   -1.346  1.00 24.94  ? 69  TYR A CZ  1 
ATOM 531  O OH  . TYR A 1 69  ? 17.151  0.852   -1.038  1.00 31.68  ? 69  TYR A OH  1 
ATOM 532  N N   . THR A 1 70  ? 14.092  8.400   -3.701  1.00 20.76  ? 70  THR A N   1 
ATOM 533  C CA  . THR A 1 70  ? 13.399  9.637   -4.027  1.00 22.12  ? 70  THR A CA  1 
ATOM 534  C C   . THR A 1 70  ? 12.510  9.435   -5.244  1.00 19.76  ? 70  THR A C   1 
ATOM 535  O O   . THR A 1 70  ? 12.882  8.719   -6.175  1.00 22.49  ? 70  THR A O   1 
ATOM 536  C CB  . THR A 1 70  ? 14.431  10.740  -4.275  1.00 33.04  ? 70  THR A CB  1 
ATOM 537  O OG1 . THR A 1 70  ? 15.166  11.066  -3.100  1.00 37.08  ? 70  THR A OG1 1 
ATOM 538  C CG2 . THR A 1 70  ? 13.774  11.958  -4.858  1.00 37.06  ? 70  THR A CG2 1 
ATOM 539  N N   . LEU A 1 71  ? 11.333  10.053  -5.211  1.00 18.52  ? 71  LEU A N   1 
ATOM 540  C CA  . LEU A 1 71  ? 10.451  10.060  -6.366  1.00 18.26  ? 71  LEU A CA  1 
ATOM 541  C C   . LEU A 1 71  ? 10.537  11.477  -6.906  1.00 24.29  ? 71  LEU A C   1 
ATOM 542  O O   . LEU A 1 71  ? 10.504  12.438  -6.135  1.00 26.64  ? 71  LEU A O   1 
ATOM 543  C CB  . LEU A 1 71  ? 9.014   9.791   -5.905  1.00 13.54  ? 71  LEU A CB  1 
ATOM 544  C CG  . LEU A 1 71  ? 7.933   10.021  -6.961  1.00 14.41  ? 71  LEU A CG  1 
ATOM 545  C CD1 . LEU A 1 71  ? 8.031   9.012   -8.099  1.00 13.85  ? 71  LEU A CD1 1 
ATOM 546  C CD2 . LEU A 1 71  ? 6.548   9.941   -6.333  1.00 11.81  ? 71  LEU A CD2 1 
ATOM 547  N N   . THR A 1 72  ? 10.657  11.594  -8.226  1.00 26.97  ? 72  THR A N   1 
ATOM 548  C CA  . THR A 1 72  ? 10.786  12.904  -8.857  1.00 33.01  ? 72  THR A CA  1 
ATOM 549  C C   . THR A 1 72  ? 9.708   13.038  -9.941  1.00 31.02  ? 72  THR A C   1 
ATOM 550  O O   . THR A 1 72  ? 9.467   12.110  -10.718 1.00 29.62  ? 72  THR A O   1 
ATOM 551  C CB  . THR A 1 72  ? 12.205  13.104  -9.438  1.00 42.69  ? 72  THR A CB  1 
ATOM 552  O OG1 . THR A 1 72  ? 12.376  14.407  -10.015 1.00 49.31  ? 72  THR A OG1 1 
ATOM 553  C CG2 . THR A 1 72  ? 12.644  12.010  -10.395 1.00 43.45  ? 72  THR A CG2 1 
ATOM 554  N N   . ILE A 1 73  ? 9.058   14.202  -9.971  1.00 32.03  ? 73  ILE A N   1 
ATOM 555  C CA  . ILE A 1 73  ? 8.087   14.507  -11.012 1.00 30.71  ? 73  ILE A CA  1 
ATOM 556  C C   . ILE A 1 73  ? 8.713   15.714  -11.704 1.00 37.38  ? 73  ILE A C   1 
ATOM 557  O O   . ILE A 1 73  ? 8.922   16.738  -11.058 1.00 41.62  ? 73  ILE A O   1 
ATOM 558  C CB  . ILE A 1 73  ? 6.732   14.856  -10.369 1.00 28.03  ? 73  ILE A CB  1 
ATOM 559  C CG1 . ILE A 1 73  ? 6.329   13.768  -9.375  1.00 23.95  ? 73  ILE A CG1 1 
ATOM 560  C CG2 . ILE A 1 73  ? 5.627   15.010  -11.416 1.00 27.13  ? 73  ILE A CG2 1 
ATOM 561  C CD1 . ILE A 1 73  ? 5.150   14.129  -8.475  1.00 23.03  ? 73  ILE A CD1 1 
ATOM 562  N N   . SER A 1 74  ? 9.075   15.573  -12.976 1.00 41.38  ? 74  SER A N   1 
ATOM 563  C CA  . SER A 1 74  ? 9.758   16.656  -13.683 1.00 49.48  ? 74  SER A CA  1 
ATOM 564  C C   . SER A 1 74  ? 8.854   17.838  -14.012 1.00 50.30  ? 74  SER A C   1 
ATOM 565  O O   . SER A 1 74  ? 9.270   18.984  -13.840 1.00 55.75  ? 74  SER A O   1 
ATOM 566  C CB  . SER A 1 74  ? 10.429  16.103  -14.952 1.00 54.92  ? 74  SER A CB  1 
ATOM 567  O OG  . SER A 1 74  ? 9.591   15.245  -15.736 1.00 51.79  ? 74  SER A OG  1 
ATOM 568  N N   . SER A 1 75  ? 7.655   17.570  -14.516 1.00 45.14  ? 75  SER A N   1 
ATOM 569  C CA  . SER A 1 75  ? 6.749   18.662  -14.853 1.00 47.91  ? 75  SER A CA  1 
ATOM 570  C C   . SER A 1 75  ? 5.470   18.255  -14.146 1.00 42.12  ? 75  SER A C   1 
ATOM 571  O O   . SER A 1 75  ? 4.863   17.255  -14.528 1.00 38.80  ? 75  SER A O   1 
ATOM 572  C CB  . SER A 1 75  ? 6.481   18.660  -16.374 1.00 52.85  ? 75  SER A CB  1 
ATOM 573  O OG  . SER A 1 75  ? 7.630   18.359  -17.179 1.00 60.05  ? 75  SER A OG  1 
ATOM 574  N N   . LEU A 1 76  ? 5.067   18.975  -13.114 1.00 41.07  ? 76  LEU A N   1 
ATOM 575  C CA  . LEU A 1 76  ? 3.867   18.574  -12.401 1.00 37.22  ? 76  LEU A CA  1 
ATOM 576  C C   . LEU A 1 76  ? 2.660   18.990  -13.207 1.00 38.77  ? 76  LEU A C   1 
ATOM 577  O O   . LEU A 1 76  ? 2.562   20.131  -13.662 1.00 43.38  ? 76  LEU A O   1 
ATOM 578  C CB  . LEU A 1 76  ? 3.805   19.258  -11.041 1.00 37.93  ? 76  LEU A CB  1 
ATOM 579  C CG  . LEU A 1 76  ? 2.542   18.985  -10.230 1.00 35.47  ? 76  LEU A CG  1 
ATOM 580  C CD1 . LEU A 1 76  ? 2.400   17.505  -9.894  1.00 31.20  ? 76  LEU A CD1 1 
ATOM 581  C CD2 . LEU A 1 76  ? 2.617   19.813  -8.955  1.00 37.97  ? 76  LEU A CD2 1 
ATOM 582  N N   . GLN A 1 77  ? 1.753   18.040  -13.399 1.00 37.10  ? 77  GLN A N   1 
ATOM 583  C CA  . GLN A 1 77  ? 0.526   18.322  -14.123 1.00 41.25  ? 77  GLN A CA  1 
ATOM 584  C C   . GLN A 1 77  ? -0.615  18.273  -13.122 1.00 39.69  ? 77  GLN A C   1 
ATOM 585  O O   . GLN A 1 77  ? -0.434  17.813  -11.995 1.00 36.85  ? 77  GLN A O   1 
ATOM 586  C CB  . GLN A 1 77  ? 0.317   17.261  -15.210 1.00 42.91  ? 77  GLN A CB  1 
ATOM 587  C CG  . GLN A 1 77  ? 1.295   17.340  -16.372 1.00 46.76  ? 77  GLN A CG  1 
ATOM 588  C CD  . GLN A 1 77  ? 1.159   18.618  -17.168 1.00 53.99  ? 77  GLN A CD  1 
ATOM 589  O OE1 . GLN A 1 77  ? 0.336   19.493  -16.909 1.00 55.55  ? 77  GLN A OE1 1 
ATOM 590  N NE2 . GLN A 1 77  ? 1.983   18.724  -18.175 1.00 58.63  ? 77  GLN A NE2 1 
ATOM 591  N N   . PRO A 1 78  ? -1.797  18.721  -13.536 1.00 46.04  ? 78  PRO A N   1 
ATOM 592  C CA  . PRO A 1 78  ? -2.962  18.812  -12.666 1.00 56.47  ? 78  PRO A CA  1 
ATOM 593  C C   . PRO A 1 78  ? -3.366  17.459  -12.103 1.00 57.41  ? 78  PRO A C   1 
ATOM 594  O O   . PRO A 1 78  ? -3.638  17.350  -10.908 1.00 54.16  ? 78  PRO A O   1 
ATOM 595  C CB  . PRO A 1 78  ? -4.039  19.355  -13.614 1.00 77.70  ? 78  PRO A CB  1 
ATOM 596  C CG  . PRO A 1 78  ? -3.641  18.809  -14.986 1.00 62.65  ? 78  PRO A CG  1 
ATOM 597  C CD  . PRO A 1 78  ? -2.117  18.875  -14.954 1.00 50.68  ? 78  PRO A CD  1 
ATOM 598  N N   . GLU A 1 79  ? -3.359  16.411  -12.926 1.00 54.74  ? 79  GLU A N   1 
ATOM 599  C CA  . GLU A 1 79  ? -3.789  15.106  -12.435 1.00 52.66  ? 79  GLU A CA  1 
ATOM 600  C C   . GLU A 1 79  ? -2.917  14.539  -11.320 1.00 41.77  ? 79  GLU A C   1 
ATOM 601  O O   . GLU A 1 79  ? -3.364  13.651  -10.598 1.00 40.72  ? 79  GLU A O   1 
ATOM 602  C CB  . GLU A 1 79  ? -3.947  14.147  -13.620 1.00 51.96  ? 79  GLU A CB  1 
ATOM 603  C CG  . GLU A 1 79  ? -2.738  14.098  -14.554 1.00 51.32  ? 79  GLU A CG  1 
ATOM 604  C CD  . GLU A 1 79  ? -3.159  14.034  -16.014 1.00 59.53  ? 79  GLU A CD  1 
ATOM 605  O OE1 . GLU A 1 79  ? -3.941  14.909  -16.453 1.00 63.59  ? 79  GLU A OE1 1 
ATOM 606  O OE2 . GLU A 1 79  ? -2.690  13.129  -16.736 1.00 63.08  ? 79  GLU A OE2 1 
ATOM 607  N N   . ASP A 1 80  ? -1.712  15.069  -11.122 1.00 35.75  ? 80  ASP A N   1 
ATOM 608  C CA  . ASP A 1 80  ? -0.813  14.507  -10.116 1.00 31.30  ? 80  ASP A CA  1 
ATOM 609  C C   . ASP A 1 80  ? -1.073  14.863  -8.650  1.00 30.54  ? 80  ASP A C   1 
ATOM 610  O O   . ASP A 1 80  ? -0.281  14.494  -7.781  1.00 27.54  ? 80  ASP A O   1 
ATOM 611  C CB  . ASP A 1 80  ? 0.622   14.889  -10.466 1.00 28.30  ? 80  ASP A CB  1 
ATOM 612  C CG  . ASP A 1 80  ? 0.972   14.524  -11.891 1.00 30.40  ? 80  ASP A CG  1 
ATOM 613  O OD1 . ASP A 1 80  ? 0.378   13.569  -12.437 1.00 33.15  ? 80  ASP A OD1 1 
ATOM 614  O OD2 . ASP A 1 80  ? 1.861   15.185  -12.465 1.00 29.76  ? 80  ASP A OD2 1 
ATOM 615  N N   . VAL A 1 81  ? -2.143  15.576  -8.330  1.00 33.83  ? 81  VAL A N   1 
ATOM 616  C CA  . VAL A 1 81  ? -2.366  15.914  -6.929  1.00 35.58  ? 81  VAL A CA  1 
ATOM 617  C C   . VAL A 1 81  ? -2.959  14.716  -6.226  1.00 36.24  ? 81  VAL A C   1 
ATOM 618  O O   . VAL A 1 81  ? -3.728  13.977  -6.852  1.00 38.38  ? 81  VAL A O   1 
ATOM 619  C CB  . VAL A 1 81  ? -3.246  17.152  -6.776  1.00 45.80  ? 81  VAL A CB  1 
ATOM 620  C CG1 . VAL A 1 81  ? -2.658  18.278  -7.571  1.00 48.61  ? 81  VAL A CG1 1 
ATOM 621  C CG2 . VAL A 1 81  ? -4.718  16.956  -7.117  1.00 58.71  ? 81  VAL A CG2 1 
ATOM 622  N N   . ALA A 1 82  ? -2.571  14.595  -4.949  1.00 36.34  ? 82  ALA A N   1 
ATOM 623  C CA  . ALA A 1 82  ? -3.064  13.565  -4.056  1.00 38.55  ? 82  ALA A CA  1 
ATOM 624  C C   . ALA A 1 82  ? -1.963  13.197  -3.094  1.00 35.70  ? 82  ALA A C   1 
ATOM 625  O O   . ALA A 1 82  ? -1.076  14.036  -2.949  1.00 34.24  ? 82  ALA A O   1 
ATOM 626  C CB  . ALA A 1 82  ? -3.659  12.386  -4.747  1.00 38.77  ? 82  ALA A CB  1 
ATOM 627  N N   . THR A 1 83  ? -2.036  12.045  -2.409  1.00 35.21  ? 83  THR A N   1 
ATOM 628  C CA  . THR A 1 83  ? -1.027  11.708  -1.395  1.00 32.67  ? 83  THR A CA  1 
ATOM 629  C C   . THR A 1 83  ? -0.140  10.597  -1.942  1.00 25.18  ? 83  THR A C   1 
ATOM 630  O O   . THR A 1 83  ? -0.637  9.578   -2.423  1.00 22.94  ? 83  THR A O   1 
ATOM 631  C CB  . THR A 1 83  ? -1.637  11.226  -0.053  1.00 38.34  ? 83  THR A CB  1 
ATOM 632  O OG1 . THR A 1 83  ? -0.611  10.845  0.883   1.00 36.30  ? 83  THR A OG1 1 
ATOM 633  C CG2 . THR A 1 83  ? -2.693  10.128  -0.219  1.00 38.82  ? 83  THR A CG2 1 
ATOM 634  N N   . TYR A 1 84  ? 1.170   10.791  -1.859  1.00 21.39  ? 84  TYR A N   1 
ATOM 635  C CA  . TYR A 1 84  ? 2.103   9.779   -2.348  1.00 15.97  ? 84  TYR A CA  1 
ATOM 636  C C   . TYR A 1 84  ? 2.590   9.000   -1.135  1.00 15.63  ? 84  TYR A C   1 
ATOM 637  O O   . TYR A 1 84  ? 2.638   9.552   -0.033  1.00 19.90  ? 84  TYR A O   1 
ATOM 638  C CB  . TYR A 1 84  ? 3.289   10.470  -3.046  1.00 14.20  ? 84  TYR A CB  1 
ATOM 639  C CG  . TYR A 1 84  ? 2.898   11.135  -4.366  1.00 15.27  ? 84  TYR A CG  1 
ATOM 640  C CD1 . TYR A 1 84  ? 2.167   12.264  -4.390  1.00 18.83  ? 84  TYR A CD1 1 
ATOM 641  C CD2 . TYR A 1 84  ? 3.260   10.577  -5.534  1.00 13.55  ? 84  TYR A CD2 1 
ATOM 642  C CE1 . TYR A 1 84  ? 1.781   12.816  -5.551  1.00 20.15  ? 84  TYR A CE1 1 
ATOM 643  C CE2 . TYR A 1 84  ? 2.885   11.139  -6.702  1.00 15.44  ? 84  TYR A CE2 1 
ATOM 644  C CZ  . TYR A 1 84  ? 2.137   12.258  -6.716  1.00 17.72  ? 84  TYR A CZ  1 
ATOM 645  O OH  . TYR A 1 84  ? 1.747   12.846  -7.904  1.00 20.87  ? 84  TYR A OH  1 
ATOM 646  N N   . TYR A 1 85  ? 2.936   7.728   -1.353  1.00 12.19  ? 85  TYR A N   1 
ATOM 647  C CA  . TYR A 1 85  ? 3.368   6.853   -0.263  1.00 12.45  ? 85  TYR A CA  1 
ATOM 648  C C   . TYR A 1 85  ? 4.533   6.038   -0.812  1.00 7.10   ? 85  TYR A C   1 
ATOM 649  O O   . TYR A 1 85  ? 4.473   5.581   -1.951  1.00 5.61   ? 85  TYR A O   1 
ATOM 650  C CB  . TYR A 1 85  ? 2.260   5.842   0.095   1.00 13.69  ? 85  TYR A CB  1 
ATOM 651  C CG  . TYR A 1 85  ? 1.038   6.442   0.798   1.00 18.61  ? 85  TYR A CG  1 
ATOM 652  C CD1 . TYR A 1 85  ? 0.996   6.536   2.141   1.00 24.35  ? 85  TYR A CD1 1 
ATOM 653  C CD2 . TYR A 1 85  ? -0.017  6.889   0.092   1.00 20.99  ? 85  TYR A CD2 1 
ATOM 654  C CE1 . TYR A 1 85  ? -0.072  7.084   2.766   1.00 29.82  ? 85  TYR A CE1 1 
ATOM 655  C CE2 . TYR A 1 85  ? -1.078  7.435   0.715   1.00 27.24  ? 85  TYR A CE2 1 
ATOM 656  C CZ  . TYR A 1 85  ? -1.122  7.545   2.052   1.00 31.21  ? 85  TYR A CZ  1 
ATOM 657  O OH  . TYR A 1 85  ? -2.235  8.117   2.656   1.00 39.44  ? 85  TYR A OH  1 
ATOM 658  N N   . CYS A 1 86  ? 5.592   5.862   -0.032  1.00 6.70   ? 86  CYS A N   1 
ATOM 659  C CA  . CYS A 1 86  ? 6.653   4.966   -0.475  1.00 4.12   ? 86  CYS A CA  1 
ATOM 660  C C   . CYS A 1 86  ? 6.306   3.667   0.222   1.00 4.64   ? 86  CYS A C   1 
ATOM 661  O O   . CYS A 1 86  ? 5.595   3.686   1.223   1.00 7.56   ? 86  CYS A O   1 
ATOM 662  C CB  . CYS A 1 86  ? 8.047   5.480   -0.091  1.00 3.55   ? 86  CYS A CB  1 
ATOM 663  S SG  . CYS A 1 86  ? 8.181   5.548   1.694   1.00 7.31   ? 86  CYS A SG  1 
ATOM 664  N N   . TYR A 1 87  ? 6.696   2.548   -0.345  1.00 3.12   ? 87  TYR A N   1 
ATOM 665  C CA  . TYR A 1 87  ? 6.408   1.254   0.269   1.00 5.59   ? 87  TYR A CA  1 
ATOM 666  C C   . TYR A 1 87  ? 7.719   0.503   0.132   1.00 6.07   ? 87  TYR A C   1 
ATOM 667  O O   . TYR A 1 87  ? 8.304   0.461   -0.943  1.00 5.58   ? 87  TYR A O   1 
ATOM 668  C CB  . TYR A 1 87  ? 5.319   0.505   -0.516  1.00 6.20   ? 87  TYR A CB  1 
ATOM 669  C CG  . TYR A 1 87  ? 5.073   -0.899  0.008   1.00 9.30   ? 87  TYR A CG  1 
ATOM 670  C CD1 . TYR A 1 87  ? 4.481   -1.075  1.197   1.00 11.88  ? 87  TYR A CD1 1 
ATOM 671  C CD2 . TYR A 1 87  ? 5.452   -1.970  -0.705  1.00 11.50  ? 87  TYR A CD2 1 
ATOM 672  C CE1 . TYR A 1 87  ? 4.273   -2.307  1.676   1.00 14.58  ? 87  TYR A CE1 1 
ATOM 673  C CE2 . TYR A 1 87  ? 5.257   -3.200  -0.220  1.00 14.86  ? 87  TYR A CE2 1 
ATOM 674  C CZ  . TYR A 1 87  ? 4.669   -3.370  0.970   1.00 15.53  ? 87  TYR A CZ  1 
ATOM 675  O OH  . TYR A 1 87  ? 4.473   -4.622  1.477   1.00 18.60  ? 87  TYR A OH  1 
ATOM 676  N N   . GLN A 1 88  ? 8.217   -0.056  1.209   1.00 8.19   ? 88  GLN A N   1 
ATOM 677  C CA  . GLN A 1 88  ? 9.559   -0.620  1.180   1.00 10.65  ? 88  GLN A CA  1 
ATOM 678  C C   . GLN A 1 88  ? 9.471   -2.088  1.531   1.00 16.38  ? 88  GLN A C   1 
ATOM 679  O O   . GLN A 1 88  ? 8.932   -2.448  2.578   1.00 18.54  ? 88  GLN A O   1 
ATOM 680  C CB  . GLN A 1 88  ? 10.327  0.026   2.324   1.00 10.73  ? 88  GLN A CB  1 
ATOM 681  C CG  . GLN A 1 88  ? 11.719  -0.567  2.484   1.00 14.53  ? 88  GLN A CG  1 
ATOM 682  C CD  . GLN A 1 88  ? 12.404  -0.045  3.732   1.00 18.33  ? 88  GLN A CD  1 
ATOM 683  O OE1 . GLN A 1 88  ? 11.825  0.565   4.608   1.00 17.49  ? 88  GLN A OE1 1 
ATOM 684  N NE2 . GLN A 1 88  ? 13.664  -0.298  3.873   1.00 23.09  ? 88  GLN A NE2 1 
ATOM 685  N N   . TYR A 1 89  ? 10.029  -2.934  0.693   1.00 19.17  ? 89  TYR A N   1 
ATOM 686  C CA  . TYR A 1 89  ? 9.718   -4.350  0.816   1.00 24.25  ? 89  TYR A CA  1 
ATOM 687  C C   . TYR A 1 89  ? 10.997  -5.139  0.758   1.00 31.71  ? 89  TYR A C   1 
ATOM 688  O O   . TYR A 1 89  ? 10.985  -6.329  0.473   1.00 33.14  ? 89  TYR A O   1 
ATOM 689  C CB  . TYR A 1 89  ? 8.745   -4.848  -0.261  1.00 23.67  ? 89  TYR A CB  1 
ATOM 690  C CG  . TYR A 1 89  ? 9.144   -4.506  -1.677  1.00 23.00  ? 89  TYR A CG  1 
ATOM 691  C CD1 . TYR A 1 89  ? 8.859   -3.279  -2.125  1.00 18.09  ? 89  TYR A CD1 1 
ATOM 692  C CD2 . TYR A 1 89  ? 9.692   -5.414  -2.498  1.00 26.68  ? 89  TYR A CD2 1 
ATOM 693  C CE1 . TYR A 1 89  ? 9.177   -2.939  -3.366  1.00 17.38  ? 89  TYR A CE1 1 
ATOM 694  C CE2 . TYR A 1 89  ? 9.996   -5.075  -3.755  1.00 27.19  ? 89  TYR A CE2 1 
ATOM 695  C CZ  . TYR A 1 89  ? 9.757   -3.828  -4.166  1.00 22.56  ? 89  TYR A CZ  1 
ATOM 696  O OH  . TYR A 1 89  ? 10.011  -3.456  -5.438  1.00 23.78  ? 89  TYR A OH  1 
ATOM 697  N N   . ASN A 1 90  ? 12.114  -4.503  1.042   1.00 30.82  ? 90  ASN A N   1 
ATOM 698  C CA  . ASN A 1 90  ? 13.317  -5.327  1.036   1.00 31.96  ? 90  ASN A CA  1 
ATOM 699  C C   . ASN A 1 90  ? 13.319  -6.043  2.354   1.00 42.52  ? 90  ASN A C   1 
ATOM 700  O O   . ASN A 1 90  ? 13.581  -7.237  2.433   1.00 43.79  ? 90  ASN A O   1 
ATOM 701  C CB  . ASN A 1 90  ? 14.627  -4.573  0.868   1.00 37.10  ? 90  ASN A CB  1 
ATOM 702  C CG  . ASN A 1 90  ? 15.874  -5.473  0.933   1.00 61.45  ? 90  ASN A CG  1 
ATOM 703  O OD1 . ASN A 1 90  ? 16.941  -5.149  1.442   1.00 74.58  ? 90  ASN A OD1 1 
ATOM 704  N ND2 . ASN A 1 90  ? 15.809  -6.655  0.396   1.00 75.53  ? 90  ASN A ND2 1 
ATOM 705  N N   . SER A 1 91  ? 13.066  -5.322  3.417   1.00 51.52  ? 91  SER A N   1 
ATOM 706  C CA  . SER A 1 91  ? 13.176  -6.019  4.680   1.00 59.36  ? 91  SER A CA  1 
ATOM 707  C C   . SER A 1 91  ? 11.816  -6.579  5.002   1.00 86.67  ? 91  SER A C   1 
ATOM 708  O O   . SER A 1 91  ? 11.676  -7.772  5.247   1.00 95.16  ? 91  SER A O   1 
ATOM 709  C CB  . SER A 1 91  ? 13.802  -5.181  5.795   1.00 44.10  ? 91  SER A CB  1 
ATOM 710  O OG  . SER A 1 91  ? 15.184  -4.912  5.574   1.00 47.47  ? 91  SER A OG  1 
ATOM 711  N N   . GLY A 1 92  ? 10.795  -5.740  5.053   1.00 76.78  ? 92  GLY A N   1 
ATOM 712  C CA  . GLY A 1 92  ? 9.589   -6.258  5.684   1.00 73.71  ? 92  GLY A CA  1 
ATOM 713  C C   . GLY A 1 92  ? 8.273   -5.516  5.501   1.00 42.36  ? 92  GLY A C   1 
ATOM 714  O O   . GLY A 1 92  ? 7.354   -5.785  6.271   1.00 41.01  ? 92  GLY A O   1 
ATOM 715  N N   . HIS A 1 93  ? 8.116   -4.678  4.483   1.00 28.98  ? 93  HIS A N   1 
ATOM 716  C CA  . HIS A 1 93  ? 6.774   -4.472  3.919   1.00 23.85  ? 93  HIS A CA  1 
ATOM 717  C C   . HIS A 1 93  ? 6.082   -3.325  4.647   1.00 21.21  ? 93  HIS A C   1 
ATOM 718  O O   . HIS A 1 93  ? 5.027   -3.488  5.254   1.00 21.06  ? 93  HIS A O   1 
ATOM 719  C CB  . HIS A 1 93  ? 5.917   -5.756  3.815   1.00 25.23  ? 93  HIS A CB  1 
ATOM 720  C CG  . HIS A 1 93  ? 6.382   -6.799  2.804   1.00 33.34  ? 93  HIS A CG  1 
ATOM 721  N ND1 . HIS A 1 93  ? 7.691   -7.187  2.602   1.00 49.08  ? 93  HIS A ND1 1 
ATOM 722  C CD2 . HIS A 1 93  ? 5.526   -7.529  1.962   1.00 25.99  ? 93  HIS A CD2 1 
ATOM 723  C CE1 . HIS A 1 93  ? 7.513   -8.122  1.625   1.00 45.45  ? 93  HIS A CE1 1 
ATOM 724  N NE2 . HIS A 1 93  ? 6.253   -8.408  1.168   1.00 27.72  ? 93  HIS A NE2 1 
ATOM 725  N N   . THR A 1 94  ? 6.677   -2.139  4.616   1.00 19.17  ? 94  THR A N   1 
ATOM 726  C CA  . THR A 1 94  ? 6.074   -1.028  5.359   1.00 18.85  ? 94  THR A CA  1 
ATOM 727  C C   . THR A 1 94  ? 5.871   0.209   4.499   1.00 16.13  ? 94  THR A C   1 
ATOM 728  O O   . THR A 1 94  ? 6.597   0.421   3.529   1.00 12.98  ? 94  THR A O   1 
ATOM 729  C CB  . THR A 1 94  ? 6.987   -0.630  6.514   1.00 23.33  ? 94  THR A CB  1 
ATOM 730  O OG1 . THR A 1 94  ? 8.287   -0.232  6.085   1.00 20.82  ? 94  THR A OG1 1 
ATOM 731  C CG2 . THR A 1 94  ? 7.012   -1.667  7.633   1.00 27.50  ? 94  THR A CG2 1 
ATOM 732  N N   . PHE A 1 95  ? 4.906   1.026   4.891   1.00 19.40  ? 95  PHE A N   1 
ATOM 733  C CA  . PHE A 1 95  ? 4.549   2.194   4.072   1.00 17.99  ? 95  PHE A CA  1 
ATOM 734  C C   . PHE A 1 95  ? 5.064   3.467   4.735   1.00 22.08  ? 95  PHE A C   1 
ATOM 735  O O   . PHE A 1 95  ? 5.214   3.523   5.957   1.00 28.13  ? 95  PHE A O   1 
ATOM 736  C CB  . PHE A 1 95  ? 3.022   2.321   3.947   1.00 19.46  ? 95  PHE A CB  1 
ATOM 737  C CG  . PHE A 1 95  ? 2.363   1.451   2.874   1.00 16.15  ? 95  PHE A CG  1 
ATOM 738  C CD1 . PHE A 1 95  ? 2.310   1.873   1.597   1.00 12.90  ? 95  PHE A CD1 1 
ATOM 739  C CD2 . PHE A 1 95  ? 1.755   0.297   3.204   1.00 17.06  ? 95  PHE A CD2 1 
ATOM 740  C CE1 . PHE A 1 95  ? 1.667   1.147   0.663   1.00 11.29  ? 95  PHE A CE1 1 
ATOM 741  C CE2 . PHE A 1 95  ? 1.113   -0.430  2.272   1.00 15.35  ? 95  PHE A CE2 1 
ATOM 742  C CZ  . PHE A 1 95  ? 1.068   -0.005  1.000   1.00 12.98  ? 95  PHE A CZ  1 
ATOM 743  N N   . GLY A 1 96  ? 5.321   4.496   3.934   1.00 20.17  ? 96  GLY A N   1 
ATOM 744  C CA  . GLY A 1 96  ? 5.754   5.761   4.509   1.00 25.02  ? 96  GLY A CA  1 
ATOM 745  C C   . GLY A 1 96  ? 4.495   6.518   4.904   1.00 32.91  ? 96  GLY A C   1 
ATOM 746  O O   . GLY A 1 96  ? 3.428   6.216   4.368   1.00 30.56  ? 96  GLY A O   1 
ATOM 747  N N   . ALA A 1 97  ? 4.637   7.519   5.781   1.00 41.89  ? 97  ALA A N   1 
ATOM 748  C CA  . ALA A 1 97  ? 3.503   8.284   6.315   1.00 50.45  ? 97  ALA A CA  1 
ATOM 749  C C   . ALA A 1 97  ? 2.711   9.075   5.258   1.00 46.89  ? 97  ALA A C   1 
ATOM 750  O O   . ALA A 1 97  ? 1.567   9.469   5.505   1.00 51.75  ? 97  ALA A O   1 
ATOM 751  C CB  . ALA A 1 97  ? 4.080   9.218   7.399   1.00 61.56  ? 97  ALA A CB  1 
ATOM 752  N N   . GLY A 1 98  ? 3.314   9.339   4.099   1.00 38.86  ? 98  GLY A N   1 
ATOM 753  C CA  . GLY A 1 98  ? 2.602   10.086  3.061   1.00 35.61  ? 98  GLY A CA  1 
ATOM 754  C C   . GLY A 1 98  ? 3.042   11.547  2.925   1.00 38.60  ? 98  GLY A C   1 
ATOM 755  O O   . GLY A 1 98  ? 3.396   12.191  3.916   1.00 47.39  ? 98  GLY A O   1 
ATOM 756  N N   . THR A 1 99  ? 2.973   12.040  1.676   1.00 33.66  ? 99  THR A N   1 
ATOM 757  C CA  . THR A 1 99  ? 3.335   13.421  1.340   1.00 35.95  ? 99  THR A CA  1 
ATOM 758  C C   . THR A 1 99  ? 2.192   13.952  0.465   1.00 36.07  ? 99  THR A C   1 
ATOM 759  O O   . THR A 1 99  ? 1.997   13.480  -0.659  1.00 30.58  ? 99  THR A O   1 
ATOM 760  C CB  . THR A 1 99  ? 4.628   13.457  0.489   1.00 30.50  ? 99  THR A CB  1 
ATOM 761  O OG1 . THR A 1 99  ? 5.774   12.912  1.155   1.00 30.16  ? 99  THR A OG1 1 
ATOM 762  C CG2 . THR A 1 99  ? 4.929   14.875  0.001   1.00 34.44  ? 99  THR A CG2 1 
ATOM 763  N N   . LYS A 1 100 ? 1.415   14.910  0.956   1.00 44.54  ? 100 LYS A N   1 
ATOM 764  C CA  . LYS A 1 100 ? 0.321   15.446  0.148   1.00 45.14  ? 100 LYS A CA  1 
ATOM 765  C C   . LYS A 1 100 ? 0.816   16.526  -0.807  1.00 43.24  ? 100 LYS A C   1 
ATOM 766  O O   . LYS A 1 100 ? 1.376   17.541  -0.384  1.00 47.98  ? 100 LYS A O   1 
ATOM 767  C CB  . LYS A 1 100 ? -0.755  16.007  1.079   1.00 55.05  ? 100 LYS A CB  1 
ATOM 768  C CG  . LYS A 1 100 ? -1.890  16.781  0.406   1.00 58.51  ? 100 LYS A CG  1 
ATOM 769  C CD  . LYS A 1 100 ? -2.816  17.396  1.453   1.00 71.70  ? 100 LYS A CD  1 
ATOM 770  C CE  . LYS A 1 100 ? -4.038  18.121  0.876   1.00 85.94  ? 100 LYS A CE  1 
ATOM 771  N NZ  . LYS A 1 100 ? -3.735  19.196  -0.089  1.00 90.99  ? 100 LYS A NZ  1 
ATOM 772  N N   . LEU A 1 101 ? 0.586   16.300  -2.093  1.00 38.04  ? 101 LEU A N   1 
ATOM 773  C CA  . LEU A 1 101 ? 0.975   17.274  -3.105  1.00 37.97  ? 101 LEU A CA  1 
ATOM 774  C C   . LEU A 1 101 ? -0.241  18.115  -3.442  1.00 44.36  ? 101 LEU A C   1 
ATOM 775  O O   . LEU A 1 101 ? -1.271  17.594  -3.878  1.00 43.06  ? 101 LEU A O   1 
ATOM 776  C CB  . LEU A 1 101 ? 1.461   16.498  -4.335  1.00 32.40  ? 101 LEU A CB  1 
ATOM 777  C CG  . LEU A 1 101 ? 1.641   17.219  -5.670  1.00 32.28  ? 101 LEU A CG  1 
ATOM 778  C CD1 . LEU A 1 101 ? 1.993   18.694  -5.520  1.00 37.69  ? 101 LEU A CD1 1 
ATOM 779  C CD2 . LEU A 1 101 ? 2.779   16.522  -6.411  1.00 29.29  ? 101 LEU A CD2 1 
ATOM 780  N N   . GLU A 1 102 ? -0.101  19.422  -3.259  1.00 56.84  ? 102 GLU A N   1 
ATOM 781  C CA  . GLU A 1 102 ? -1.195  20.310  -3.595  1.00 78.78  ? 102 GLU A CA  1 
ATOM 782  C C   . GLU A 1 102 ? -0.722  21.262  -4.675  1.00 66.53  ? 102 GLU A C   1 
ATOM 783  O O   . GLU A 1 102 ? 0.412   21.745  -4.652  1.00 59.45  ? 102 GLU A O   1 
ATOM 784  C CB  . GLU A 1 102 ? -1.618  21.110  -2.367  1.00 95.21  ? 102 GLU A CB  1 
ATOM 785  C CG  . GLU A 1 102 ? -0.538  22.067  -1.876  1.00 81.78  ? 102 GLU A CG  1 
ATOM 786  C CD  . GLU A 1 102 ? -1.069  22.926  -0.757  1.00 91.71  ? 102 GLU A CD  1 
ATOM 787  O OE1 . GLU A 1 102 ? -1.851  23.858  -1.041  1.00 98.64  ? 102 GLU A OE1 1 
ATOM 788  O OE2 . GLU A 1 102 ? -0.707  22.676  0.412   1.00 94.19  ? 102 GLU A OE2 1 
ATOM 789  N N   . LEU A 1 103 ? -1.622  21.502  -5.611  1.00 55.97  ? 103 LEU A N   1 
ATOM 790  C CA  . LEU A 1 103 ? -1.363  22.380  -6.734  1.00 47.07  ? 103 LEU A CA  1 
ATOM 791  C C   . LEU A 1 103 ? -1.470  23.844  -6.349  1.00 61.40  ? 103 LEU A C   1 
ATOM 792  O O   . LEU A 1 103 ? -2.534  24.280  -5.915  1.00 72.12  ? 103 LEU A O   1 
ATOM 793  C CB  . LEU A 1 103 ? -2.644  22.039  -7.467  1.00 48.46  ? 103 LEU A CB  1 
ATOM 794  C CG  . LEU A 1 103 ? -2.052  21.264  -8.615  1.00 49.65  ? 103 LEU A CG  1 
ATOM 795  C CD1 . LEU A 1 103 ? -3.064  20.418  -9.360  1.00 66.96  ? 103 LEU A CD1 1 
ATOM 796  C CD2 . LEU A 1 103 ? -1.455  22.266  -9.586  1.00 49.28  ? 103 LEU A CD2 1 
ATOM 797  N N   . LYS A 1 104 ? -0.395  24.602  -6.517  1.00 57.27  ? 104 LYS A N   1 
ATOM 798  C CA  . LYS A 1 104 ? -0.412  26.027  -6.238  1.00 60.52  ? 104 LYS A CA  1 
ATOM 799  C C   . LYS A 1 104 ? -1.082  26.674  -7.435  1.00 73.24  ? 104 LYS A C   1 
ATOM 800  O O   . LYS A 1 104 ? -0.696  26.416  -8.579  1.00 64.09  ? 104 LYS A O   1 
ATOM 801  C CB  . LYS A 1 104 ? 1.046   26.488  -6.117  1.00 62.01  ? 104 LYS A CB  1 
ATOM 802  C CG  . LYS A 1 104 ? 1.262   27.762  -5.304  1.00 69.37  ? 104 LYS A CG  1 
ATOM 803  C CD  . LYS A 1 104 ? 2.540   27.635  -4.476  1.00 76.21  ? 104 LYS A CD  1 
ATOM 804  C CE  . LYS A 1 104 ? 3.763   27.274  -5.321  1.00 77.80  ? 104 LYS A CE  1 
ATOM 805  N NZ  . LYS A 1 104 ? 4.077   28.324  -6.292  1.00 81.63  ? 104 LYS A NZ  1 
ATOM 806  N N   . ARG A 1 105 ? -2.096  27.483  -7.163  1.00 90.96  ? 105 ARG A N   1 
ATOM 807  C CA  . ARG A 1 105 ? -2.883  28.072  -8.241  1.00 99.44  ? 105 ARG A CA  1 
ATOM 808  C C   . ARG A 1 105 ? -3.027  29.567  -7.959  1.00 92.17  ? 105 ARG A C   1 
ATOM 809  O O   . ARG A 1 105 ? -2.504  30.045  -6.949  1.00 92.23  ? 105 ARG A O   1 
ATOM 810  C CB  . ARG A 1 105 ? -4.230  27.350  -8.193  1.00 100.00 ? 105 ARG A CB  1 
ATOM 811  C CG  . ARG A 1 105 ? -5.345  27.914  -9.069  1.00 100.00 ? 105 ARG A CG  1 
ATOM 812  C CD  . ARG A 1 105 ? -6.711  27.607  -8.474  1.00 100.00 ? 105 ARG A CD  1 
ATOM 813  N NE  . ARG A 1 105 ? -7.553  28.800  -8.520  1.00 100.00 ? 105 ARG A NE  1 
ATOM 814  C CZ  . ARG A 1 105 ? -8.404  29.009  -9.515  1.00 100.00 ? 105 ARG A CZ  1 
ATOM 815  N NH1 . ARG A 1 105 ? -8.545  28.157  -10.493 1.00 100.00 ? 105 ARG A NH1 1 
ATOM 816  N NH2 . ARG A 1 105 ? -9.132  30.092  -9.519  1.00 100.00 ? 105 ARG A NH2 1 
ATOM 817  N N   . ALA A 1 106 ? -3.656  30.308  -8.863  1.00 91.70  ? 106 ALA A N   1 
ATOM 818  C CA  . ALA A 1 106 ? -3.881  31.709  -8.577  1.00 93.98  ? 106 ALA A CA  1 
ATOM 819  C C   . ALA A 1 106 ? -5.022  31.897  -7.587  1.00 100.00 ? 106 ALA A C   1 
ATOM 820  O O   . ALA A 1 106 ? -5.971  31.092  -7.616  1.00 100.00 ? 106 ALA A O   1 
ATOM 821  C CB  . ALA A 1 106 ? -3.969  32.489  -9.886  1.00 92.01  ? 106 ALA A CB  1 
ATOM 822  O OXT . ALA A 1 106 ? -4.941  32.806  -6.736  1.00 99.44  ? 106 ALA A OXT 1 
ATOM 823  N N   . SER B 2 1   ? -15.852 -6.937  0.688   1.00 59.84  ? 107 SER B N   1 
ATOM 824  C CA  . SER B 2 1   ? -17.078 -6.901  1.480   1.00 64.26  ? 107 SER B CA  1 
ATOM 825  C C   . SER B 2 1   ? -16.905 -7.587  2.844   1.00 60.20  ? 107 SER B C   1 
ATOM 826  O O   . SER B 2 1   ? -15.829 -8.050  3.212   1.00 54.97  ? 107 SER B O   1 
ATOM 827  C CB  . SER B 2 1   ? -18.188 -7.618  0.711   1.00 75.18  ? 107 SER B CB  1 
ATOM 828  O OG  . SER B 2 1   ? -17.846 -8.978  0.423   1.00 75.55  ? 107 SER B OG  1 
ATOM 829  N N   . GLY B 2 2   ? -18.004 -7.634  3.605   1.00 65.25  ? 108 GLY B N   1 
ATOM 830  C CA  . GLY B 2 2   ? -17.925 -8.005  5.030   1.00 62.92  ? 108 GLY B CA  1 
ATOM 831  C C   . GLY B 2 2   ? -17.716 -6.866  6.038   1.00 57.21  ? 108 GLY B C   1 
ATOM 832  O O   . GLY B 2 2   ? -17.559 -7.121  7.245   1.00 55.16  ? 108 GLY B O   1 
ATOM 833  N N   . PRO B 2 3   ? -17.731 -5.586  5.633   1.00 54.50  ? 109 PRO B N   1 
ATOM 834  C CA  . PRO B 2 3   ? -17.454 -4.570  6.606   1.00 49.07  ? 109 PRO B CA  1 
ATOM 835  C C   . PRO B 2 3   ? -18.630 -4.098  7.416   1.00 52.38  ? 109 PRO B C   1 
ATOM 836  O O   . PRO B 2 3   ? -19.590 -4.842  7.601   1.00 59.15  ? 109 PRO B O   1 
ATOM 837  C CB  . PRO B 2 3   ? -16.797 -3.478  5.806   1.00 46.60  ? 109 PRO B CB  1 
ATOM 838  C CG  . PRO B 2 3   ? -17.670 -3.533  4.566   1.00 54.12  ? 109 PRO B CG  1 
ATOM 839  C CD  . PRO B 2 3   ? -17.622 -5.023  4.289   1.00 56.00  ? 109 PRO B CD  1 
ATOM 840  N N   . GLY B 2 4   ? -18.522 -2.896  7.971   1.00 51.91  ? 110 GLY B N   1 
ATOM 841  C CA  . GLY B 2 4   ? -19.620 -2.426  8.800   1.00 59.29  ? 110 GLY B CA  1 
ATOM 842  C C   . GLY B 2 4   ? -19.220 -1.972  10.194  1.00 56.80  ? 110 GLY B C   1 
ATOM 843  O O   . GLY B 2 4   ? -18.045 -1.869  10.550  1.00 49.91  ? 110 GLY B O   1 
ATOM 844  N N   . LEU B 2 5   ? -20.255 -1.692  10.969  1.00 72.41  ? 111 LEU B N   1 
ATOM 845  C CA  . LEU B 2 5   ? -20.064 -1.213  12.321  1.00 74.51  ? 111 LEU B CA  1 
ATOM 846  C C   . LEU B 2 5   ? -20.000 -2.408  13.225  1.00 61.17  ? 111 LEU B C   1 
ATOM 847  O O   . LEU B 2 5   ? -20.757 -3.378  13.097  1.00 62.24  ? 111 LEU B O   1 
ATOM 848  C CB  . LEU B 2 5   ? -21.267 -0.316  12.610  1.00 96.65  ? 111 LEU B CB  1 
ATOM 849  C CG  . LEU B 2 5   ? -21.396 0.448   13.924  1.00 87.16  ? 111 LEU B CG  1 
ATOM 850  C CD1 . LEU B 2 5   ? -20.033 0.814   14.499  1.00 72.87  ? 111 LEU B CD1 1 
ATOM 851  C CD2 . LEU B 2 5   ? -22.239 1.696   13.655  1.00 98.26  ? 111 LEU B CD2 1 
ATOM 852  N N   . VAL B 2 6   ? -19.049 -2.211  14.101  1.00 47.37  ? 112 VAL B N   1 
ATOM 853  C CA  . VAL B 2 6   ? -18.522 -2.992  15.004  1.00 46.00  ? 112 VAL B CA  1 
ATOM 854  C C   . VAL B 2 6   ? -18.485 -2.822  16.507  1.00 49.61  ? 112 VAL B C   1 
ATOM 855  O O   . VAL B 2 6   ? -17.729 -1.915  16.676  1.00 50.85  ? 112 VAL B O   1 
ATOM 856  C CB  . VAL B 2 6   ? -17.376 -3.811  14.299  1.00 43.44  ? 112 VAL B CB  1 
ATOM 857  C CG1 . VAL B 2 6   ? -16.413 -4.771  14.951  1.00 42.58  ? 112 VAL B CG1 1 
ATOM 858  C CG2 . VAL B 2 6   ? -17.769 -4.829  13.210  1.00 44.46  ? 112 VAL B CG2 1 
ATOM 859  N N   . GLN B 2 7   ? -18.998 -3.525  17.544  1.00 56.01  ? 113 GLN B N   1 
ATOM 860  C CA  . GLN B 2 7   ? -18.682 -3.076  18.896  1.00 60.49  ? 113 GLN B CA  1 
ATOM 861  C C   . GLN B 2 7   ? -17.341 -3.679  19.287  1.00 59.57  ? 113 GLN B C   1 
ATOM 862  O O   . GLN B 2 7   ? -17.045 -4.801  18.883  1.00 56.04  ? 113 GLN B O   1 
ATOM 863  C CB  . GLN B 2 7   ? -19.808 -3.466  19.853  1.00 70.97  ? 113 GLN B CB  1 
ATOM 864  C CG  . GLN B 2 7   ? -20.135 -4.949  19.912  1.00 74.02  ? 113 GLN B CG  1 
ATOM 865  C CD  . GLN B 2 7   ? -20.980 -5.400  18.761  1.00 73.24  ? 113 GLN B CD  1 
ATOM 866  O OE1 . GLN B 2 7   ? -20.821 -6.516  18.318  1.00 73.38  ? 113 GLN B OE1 1 
ATOM 867  N NE2 . GLN B 2 7   ? -21.916 -4.616  18.325  1.00 74.07  ? 113 GLN B NE2 1 
ATOM 868  N N   . PRO B 2 8   ? -16.517 -2.954  20.037  1.00 62.50  ? 114 PRO B N   1 
ATOM 869  C CA  . PRO B 2 8   ? -15.184 -3.403  20.439  1.00 62.79  ? 114 PRO B CA  1 
ATOM 870  C C   . PRO B 2 8   ? -15.230 -4.781  21.021  1.00 65.35  ? 114 PRO B C   1 
ATOM 871  O O   . PRO B 2 8   ? -16.059 -4.922  21.913  1.00 73.85  ? 114 PRO B O   1 
ATOM 872  C CB  . PRO B 2 8   ? -14.811 -2.411  21.547  1.00 72.61  ? 114 PRO B CB  1 
ATOM 873  C CG  . PRO B 2 8   ? -15.595 -1.153  21.178  1.00 72.29  ? 114 PRO B CG  1 
ATOM 874  C CD  . PRO B 2 8   ? -16.933 -1.695  20.655  1.00 68.25  ? 114 PRO B CD  1 
ATOM 875  N N   . SER B 2 9   ? -14.414 -5.689  20.462  1.00 59.89  ? 115 SER B N   1 
ATOM 876  C CA  . SER B 2 9   ? -14.299 -7.070  20.927  1.00 65.44  ? 115 SER B CA  1 
ATOM 877  C C   . SER B 2 9   ? -14.992 -7.948  19.910  1.00 62.13  ? 115 SER B C   1 
ATOM 878  O O   . SER B 2 9   ? -14.851 -9.177  19.895  1.00 65.50  ? 115 SER B O   1 
ATOM 879  C CB  . SER B 2 9   ? -14.791 -7.294  22.372  1.00 76.23  ? 115 SER B CB  1 
ATOM 880  O OG  . SER B 2 9   ? -16.223 -7.237  22.571  1.00 80.65  ? 115 SER B OG  1 
ATOM 881  N N   . GLN B 2 10  ? -15.754 -7.337  19.038  1.00 58.55  ? 116 GLN B N   1 
ATOM 882  C CA  . GLN B 2 10  ? -16.392 -8.208  18.098  1.00 59.41  ? 116 GLN B CA  1 
ATOM 883  C C   . GLN B 2 10  ? -15.568 -8.885  17.083  1.00 56.57  ? 116 GLN B C   1 
ATOM 884  O O   . GLN B 2 10  ? -14.355 -8.788  17.175  1.00 53.79  ? 116 GLN B O   1 
ATOM 885  C CB  . GLN B 2 10  ? -17.780 -7.973  17.645  1.00 61.82  ? 116 GLN B CB  1 
ATOM 886  C CG  . GLN B 2 10  ? -18.037 -6.636  17.044  1.00 55.93  ? 116 GLN B CG  1 
ATOM 887  C CD  . GLN B 2 10  ? -19.262 -6.503  16.231  1.00 58.32  ? 116 GLN B CD  1 
ATOM 888  O OE1 . GLN B 2 10  ? -19.865 -7.384  15.657  1.00 64.55  ? 116 GLN B OE1 1 
ATOM 889  N NE2 . GLN B 2 10  ? -19.236 -5.629  15.533  1.00 54.64  ? 116 GLN B NE2 1 
ATOM 890  N N   . THR B 2 11  ? -16.198 -9.643  16.186  1.00 60.14  ? 117 THR B N   1 
ATOM 891  C CA  . THR B 2 11  ? -15.409 -10.378 15.202  1.00 59.89  ? 117 THR B CA  1 
ATOM 892  C C   . THR B 2 11  ? -16.023 -10.054 13.844  1.00 59.42  ? 117 THR B C   1 
ATOM 893  O O   . THR B 2 11  ? -17.143 -9.536  13.769  1.00 60.81  ? 117 THR B O   1 
ATOM 894  C CB  . THR B 2 11  ? -15.400 -11.895 15.494  1.00 69.23  ? 117 THR B CB  1 
ATOM 895  O OG1 . THR B 2 11  ? -16.715 -12.458 15.387  1.00 78.10  ? 117 THR B OG1 1 
ATOM 896  C CG2 . THR B 2 11  ? -14.731 -12.239 16.829  1.00 72.03  ? 117 THR B CG2 1 
ATOM 897  N N   . LEU B 2 12  ? -15.288 -10.351 12.778  1.00 57.09  ? 118 LEU B N   1 
ATOM 898  C CA  . LEU B 2 12  ? -15.760 -9.977  11.454  1.00 55.41  ? 118 LEU B CA  1 
ATOM 899  C C   . LEU B 2 12  ? -14.910 -10.697 10.424  1.00 54.43  ? 118 LEU B C   1 
ATOM 900  O O   . LEU B 2 12  ? -13.741 -10.979 10.677  1.00 51.16  ? 118 LEU B O   1 
ATOM 901  C CB  . LEU B 2 12  ? -15.578 -8.465  11.353  1.00 49.07  ? 118 LEU B CB  1 
ATOM 902  C CG  . LEU B 2 12  ? -16.479 -7.681  10.409  1.00 50.63  ? 118 LEU B CG  1 
ATOM 903  C CD1 . LEU B 2 12  ? -17.889 -8.257  10.431  1.00 59.31  ? 118 LEU B CD1 1 
ATOM 904  C CD2 . LEU B 2 12  ? -16.493 -6.232  10.871  1.00 45.50  ? 118 LEU B CD2 1 
ATOM 905  N N   . SER B 2 13  ? -15.492 -11.014 9.272   1.00 58.91  ? 119 SER B N   1 
ATOM 906  C CA  . SER B 2 13  ? -14.722 -11.683 8.224   1.00 57.22  ? 119 SER B CA  1 
ATOM 907  C C   . SER B 2 13  ? -14.913 -10.886 6.962   1.00 55.24  ? 119 SER B C   1 
ATOM 908  O O   . SER B 2 13  ? -16.038 -10.667 6.507   1.00 60.65  ? 119 SER B O   1 
ATOM 909  C CB  . SER B 2 13  ? -15.313 -13.038 7.851   1.00 67.50  ? 119 SER B CB  1 
ATOM 910  O OG  . SER B 2 13  ? -14.539 -13.949 7.059   1.00 65.19  ? 119 SER B OG  1 
ATOM 911  N N   . LEU B 2 14  ? -13.809 -10.432 6.408   1.00 48.46  ? 120 LEU B N   1 
ATOM 912  C CA  . LEU B 2 14  ? -13.885 -9.644  5.195   1.00 46.93  ? 120 LEU B CA  1 
ATOM 913  C C   . LEU B 2 14  ? -13.597 -10.588 4.041   1.00 48.80  ? 120 LEU B C   1 
ATOM 914  O O   . LEU B 2 14  ? -12.962 -11.629 4.220   1.00 48.46  ? 120 LEU B O   1 
ATOM 915  C CB  . LEU B 2 14  ? -12.802 -8.568  5.266   1.00 40.93  ? 120 LEU B CB  1 
ATOM 916  C CG  . LEU B 2 14  ? -12.887 -7.554  6.404   1.00 38.55  ? 120 LEU B CG  1 
ATOM 917  C CD1 . LEU B 2 14  ? -11.558 -6.818  6.546   1.00 35.19  ? 120 LEU B CD1 1 
ATOM 918  C CD2 . LEU B 2 14  ? -13.997 -6.551  6.120   1.00 40.51  ? 120 LEU B CD2 1 
ATOM 919  N N   . THR B 2 15  ? -14.055 -10.252 2.848   1.00 51.57  ? 121 THR B N   1 
ATOM 920  C CA  . THR B 2 15  ? -13.751 -11.136 1.741   1.00 53.44  ? 121 THR B CA  1 
ATOM 921  C C   . THR B 2 15  ? -13.094 -10.288 0.673   1.00 51.04  ? 121 THR B C   1 
ATOM 922  O O   . THR B 2 15  ? -13.073 -9.061  0.817   1.00 48.70  ? 121 THR B O   1 
ATOM 923  C CB  . THR B 2 15  ? -15.065 -11.745 1.298   1.00 61.19  ? 121 THR B CB  1 
ATOM 924  O OG1 . THR B 2 15  ? -15.597 -12.691 2.214   1.00 65.62  ? 121 THR B OG1 1 
ATOM 925  C CG2 . THR B 2 15  ? -14.953 -12.271 -0.050  1.00 61.76  ? 121 THR B CG2 1 
ATOM 926  N N   . CYS B 2 16  ? -12.583 -10.948 -0.367  1.00 51.17  ? 122 CYS B N   1 
ATOM 927  C CA  . CYS B 2 16  ? -12.072 -10.277 -1.523  1.00 49.97  ? 122 CYS B CA  1 
ATOM 928  C C   . CYS B 2 16  ? -12.097 -11.199 -2.726  1.00 51.33  ? 122 CYS B C   1 
ATOM 929  O O   . CYS B 2 16  ? -11.480 -12.264 -2.747  1.00 49.20  ? 122 CYS B O   1 
ATOM 930  C CB  . CYS B 2 16  ? -10.837 -9.528  -1.069  1.00 43.93  ? 122 CYS B CB  1 
ATOM 931  S SG  . CYS B 2 16  ? -9.567  -9.194  -2.285  1.00 40.68  ? 122 CYS B SG  1 
ATOM 932  N N   . THR B 2 17  ? -12.935 -10.775 -3.671  1.00 55.84  ? 123 THR B N   1 
ATOM 933  C CA  . THR B 2 17  ? -13.193 -11.558 -4.878  1.00 57.07  ? 123 THR B CA  1 
ATOM 934  C C   . THR B 2 17  ? -12.264 -11.143 -6.023  1.00 55.89  ? 123 THR B C   1 
ATOM 935  O O   . THR B 2 17  ? -12.269 -9.998  -6.484  1.00 60.16  ? 123 THR B O   1 
ATOM 936  C CB  . THR B 2 17  ? -14.720 -11.613 -5.173  1.00 63.43  ? 123 THR B CB  1 
ATOM 937  O OG1 . THR B 2 17  ? -15.436 -10.362 -5.249  1.00 71.32  ? 123 THR B OG1 1 
ATOM 938  C CG2 . THR B 2 17  ? -15.390 -12.573 -4.197  1.00 63.10  ? 123 THR B CG2 1 
ATOM 939  N N   . VAL B 2 18  ? -11.442 -12.082 -6.467  1.00 50.94  ? 124 VAL B N   1 
ATOM 940  C CA  . VAL B 2 18  ? -10.558 -11.739 -7.552  1.00 52.24  ? 124 VAL B CA  1 
ATOM 941  C C   . VAL B 2 18  ? -10.973 -12.264 -8.905  1.00 56.09  ? 124 VAL B C   1 
ATOM 942  O O   . VAL B 2 18  ? -11.675 -13.272 -8.964  1.00 54.52  ? 124 VAL B O   1 
ATOM 943  C CB  . VAL B 2 18  ? -9.116  -11.932 -7.192  1.00 46.95  ? 124 VAL B CB  1 
ATOM 944  C CG1 . VAL B 2 18  ? -8.575  -13.307 -6.929  1.00 44.31  ? 124 VAL B CG1 1 
ATOM 945  C CG2 . VAL B 2 18  ? -8.378  -11.157 -8.240  1.00 48.35  ? 124 VAL B CG2 1 
ATOM 946  N N   . SER B 2 19  ? -10.610 -11.546 -9.975  1.00 61.06  ? 125 SER B N   1 
ATOM 947  C CA  . SER B 2 19  ? -10.918 -11.983 -11.334 1.00 68.01  ? 125 SER B CA  1 
ATOM 948  C C   . SER B 2 19  ? -9.978  -11.122 -12.202 1.00 74.86  ? 125 SER B C   1 
ATOM 949  O O   . SER B 2 19  ? -9.568  -10.063 -11.747 1.00 74.93  ? 125 SER B O   1 
ATOM 950  C CB  . SER B 2 19  ? -12.386 -11.637 -11.660 1.00 74.24  ? 125 SER B CB  1 
ATOM 951  O OG  . SER B 2 19  ? -12.786 -12.124 -12.946 1.00 80.16  ? 125 SER B OG  1 
ATOM 952  N N   . GLY B 2 20  ? -9.877  -11.194 -13.519 1.00 83.19  ? 126 GLY B N   1 
ATOM 953  C CA  . GLY B 2 20  ? -9.036  -12.165 -14.233 1.00 84.04  ? 126 GLY B CA  1 
ATOM 954  C C   . GLY B 2 20  ? -7.552  -12.289 -13.885 1.00 82.12  ? 126 GLY B C   1 
ATOM 955  O O   . GLY B 2 20  ? -6.636  -11.866 -14.598 1.00 88.57  ? 126 GLY B O   1 
ATOM 956  N N   . PHE B 2 21  ? -7.354  -13.071 -12.851 1.00 73.38  ? 127 PHE B N   1 
ATOM 957  C CA  . PHE B 2 21  ? -6.070  -13.719 -12.640 1.00 73.61  ? 127 PHE B CA  1 
ATOM 958  C C   . PHE B 2 21  ? -6.431  -14.753 -11.600 1.00 66.33  ? 127 PHE B C   1 
ATOM 959  O O   . PHE B 2 21  ? -7.439  -14.585 -10.916 1.00 59.85  ? 127 PHE B O   1 
ATOM 960  C CB  . PHE B 2 21  ? -5.028  -12.736 -12.116 1.00 70.73  ? 127 PHE B CB  1 
ATOM 961  C CG  . PHE B 2 21  ? -5.357  -12.068 -10.800 1.00 59.03  ? 127 PHE B CG  1 
ATOM 962  C CD1 . PHE B 2 21  ? -5.042  -12.667 -9.644  1.00 51.61  ? 127 PHE B CD1 1 
ATOM 963  C CD2 . PHE B 2 21  ? -5.774  -10.798 -10.801 1.00 59.62  ? 127 PHE B CD2 1 
ATOM 964  C CE1 . PHE B 2 21  ? -5.109  -12.005 -8.488  1.00 44.71  ? 127 PHE B CE1 1 
ATOM 965  C CE2 . PHE B 2 21  ? -5.846  -10.133 -9.645  1.00 52.88  ? 127 PHE B CE2 1 
ATOM 966  C CZ  . PHE B 2 21  ? -5.486  -10.726 -8.498  1.00 44.26  ? 127 PHE B CZ  1 
ATOM 967  N N   . SER B 2 22  ? -5.672  -15.813 -11.447 1.00 67.75  ? 128 SER B N   1 
ATOM 968  C CA  . SER B 2 22  ? -6.073  -16.765 -10.429 1.00 61.88  ? 128 SER B CA  1 
ATOM 969  C C   . SER B 2 22  ? -5.179  -16.654 -9.230  1.00 57.64  ? 128 SER B C   1 
ATOM 970  O O   . SER B 2 22  ? -4.017  -16.262 -9.306  1.00 59.69  ? 128 SER B O   1 
ATOM 971  C CB  . SER B 2 22  ? -6.133  -18.194 -10.958 1.00 65.29  ? 128 SER B CB  1 
ATOM 972  O OG  . SER B 2 22  ? -7.248  -18.381 -11.821 1.00 65.77  ? 128 SER B OG  1 
ATOM 973  N N   . LEU B 2 23  ? -5.723  -17.142 -8.132  1.00 52.33  ? 129 LEU B N   1 
ATOM 974  C CA  . LEU B 2 23  ? -5.040  -17.061 -6.851  1.00 49.07  ? 129 LEU B CA  1 
ATOM 975  C C   . LEU B 2 23  ? -4.058  -18.222 -6.833  1.00 54.62  ? 129 LEU B C   1 
ATOM 976  O O   . LEU B 2 23  ? -3.123  -18.334 -6.051  1.00 54.63  ? 129 LEU B O   1 
ATOM 977  C CB  . LEU B 2 23  ? -6.136  -17.223 -5.789  1.00 46.77  ? 129 LEU B CB  1 
ATOM 978  C CG  . LEU B 2 23  ? -6.830  -15.937 -5.336  1.00 43.91  ? 129 LEU B CG  1 
ATOM 979  C CD1 . LEU B 2 23  ? -7.817  -16.191 -4.206  1.00 43.73  ? 129 LEU B CD1 1 
ATOM 980  C CD2 . LEU B 2 23  ? -5.832  -14.895 -4.853  1.00 41.49  ? 129 LEU B CD2 1 
ATOM 981  N N   . THR B 2 24  ? -4.182  -19.105 -7.781  1.00 59.74  ? 130 THR B N   1 
ATOM 982  C CA  . THR B 2 24  ? -3.243  -20.209 -7.808  1.00 65.48  ? 130 THR B CA  1 
ATOM 983  C C   . THR B 2 24  ? -1.883  -19.730 -8.301  1.00 69.73  ? 130 THR B C   1 
ATOM 984  O O   . THR B 2 24  ? -0.858  -20.354 -8.044  1.00 73.11  ? 130 THR B O   1 
ATOM 985  C CB  . THR B 2 24  ? -3.876  -21.316 -8.644  1.00 69.06  ? 130 THR B CB  1 
ATOM 986  O OG1 . THR B 2 24  ? -5.169  -21.664 -8.155  1.00 62.26  ? 130 THR B OG1 1 
ATOM 987  C CG2 . THR B 2 24  ? -2.978  -22.529 -8.867  1.00 77.45  ? 130 THR B CG2 1 
ATOM 988  N N   . SER B 2 25  ? -1.835  -18.599 -8.979  1.00 69.26  ? 131 SER B N   1 
ATOM 989  C CA  . SER B 2 25  ? -0.532  -18.118 -9.407  1.00 72.53  ? 131 SER B CA  1 
ATOM 990  C C   . SER B 2 25  ? -0.368  -16.687 -8.944  1.00 64.16  ? 131 SER B C   1 
ATOM 991  O O   . SER B 2 25  ? 0.471   -15.953 -9.463  1.00 65.73  ? 131 SER B O   1 
ATOM 992  C CB  . SER B 2 25  ? -0.423  -18.185 -10.932 1.00 83.88  ? 131 SER B CB  1 
ATOM 993  O OG  . SER B 2 25  ? -0.457  -19.508 -11.463 1.00 90.78  ? 131 SER B OG  1 
ATOM 994  N N   . TYR B 2 26  ? -1.180  -16.232 -8.011  1.00 55.10  ? 132 TYR B N   1 
ATOM 995  C CA  . TYR B 2 26  ? -1.069  -14.826 -7.623  1.00 47.87  ? 132 TYR B CA  1 
ATOM 996  C C   . TYR B 2 26  ? -1.273  -14.776 -6.132  1.00 40.78  ? 132 TYR B C   1 
ATOM 997  O O   . TYR B 2 26  ? -1.941  -15.640 -5.578  1.00 43.04  ? 132 TYR B O   1 
ATOM 998  C CB  . TYR B 2 26  ? -2.184  -13.996 -8.256  1.00 48.80  ? 132 TYR B CB  1 
ATOM 999  C CG  . TYR B 2 26  ? -1.835  -13.440 -9.618  1.00 56.36  ? 132 TYR B CG  1 
ATOM 1000 C CD1 . TYR B 2 26  ? -1.907  -14.201 -10.719 1.00 67.73  ? 132 TYR B CD1 1 
ATOM 1001 C CD2 . TYR B 2 26  ? -1.514  -12.143 -9.725  1.00 53.91  ? 132 TYR B CD2 1 
ATOM 1002 C CE1 . TYR B 2 26  ? -1.602  -13.683 -11.915 1.00 77.66  ? 132 TYR B CE1 1 
ATOM 1003 C CE2 . TYR B 2 26  ? -1.221  -11.620 -10.924 1.00 63.40  ? 132 TYR B CE2 1 
ATOM 1004 C CZ  . TYR B 2 26  ? -1.250  -12.395 -12.017 1.00 75.81  ? 132 TYR B CZ  1 
ATOM 1005 O OH  . TYR B 2 26  ? -0.913  -11.883 -13.242 1.00 86.80  ? 132 TYR B OH  1 
ATOM 1006 N N   . GLY B 2 27  ? -0.723  -13.773 -5.474  1.00 33.47  ? 133 GLY B N   1 
ATOM 1007 C CA  . GLY B 2 27  ? -0.853  -13.727 -4.022  1.00 30.68  ? 133 GLY B CA  1 
ATOM 1008 C C   . GLY B 2 27  ? -1.657  -12.504 -3.678  1.00 28.05  ? 133 GLY B C   1 
ATOM 1009 O O   . GLY B 2 27  ? -1.715  -11.611 -4.512  1.00 26.81  ? 133 GLY B O   1 
ATOM 1010 N N   . VAL B 2 28  ? -2.280  -12.468 -2.508  1.00 28.37  ? 134 VAL B N   1 
ATOM 1011 C CA  . VAL B 2 28  ? -3.142  -11.341 -2.140  1.00 27.82  ? 134 VAL B CA  1 
ATOM 1012 C C   . VAL B 2 28  ? -2.829  -10.953 -0.688  1.00 26.86  ? 134 VAL B C   1 
ATOM 1013 O O   . VAL B 2 28  ? -2.346  -11.785 0.076   1.00 28.49  ? 134 VAL B O   1 
ATOM 1014 C CB  . VAL B 2 28  ? -4.620  -11.729 -2.296  1.00 32.10  ? 134 VAL B CB  1 
ATOM 1015 C CG1 . VAL B 2 28  ? -5.619  -10.675 -1.823  1.00 31.97  ? 134 VAL B CG1 1 
ATOM 1016 C CG2 . VAL B 2 28  ? -5.009  -12.082 -3.726  1.00 33.71  ? 134 VAL B CG2 1 
ATOM 1017 N N   . SER B 2 29  ? -3.071  -9.697  -0.339  1.00 24.79  ? 135 SER B N   1 
ATOM 1018 C CA  . SER B 2 29  ? -2.552  -9.124  0.898   1.00 23.89  ? 135 SER B CA  1 
ATOM 1019 C C   . SER B 2 29  ? -3.577  -8.176  1.475   1.00 24.35  ? 135 SER B C   1 
ATOM 1020 O O   . SER B 2 29  ? -4.464  -7.735  0.755   1.00 24.51  ? 135 SER B O   1 
ATOM 1021 C CB  . SER B 2 29  ? -1.469  -8.176  0.427   1.00 20.45  ? 135 SER B CB  1 
ATOM 1022 O OG  . SER B 2 29  ? -1.870  -7.204  -0.539  1.00 18.96  ? 135 SER B OG  1 
ATOM 1023 N N   . TRP B 2 30  ? -3.453  -7.837  2.739   1.00 24.32  ? 136 TRP B N   1 
ATOM 1024 C CA  . TRP B 2 30  ? -4.500  -7.013  3.337   1.00 25.19  ? 136 TRP B CA  1 
ATOM 1025 C C   . TRP B 2 30  ? -3.801  -5.736  3.774   1.00 23.89  ? 136 TRP B C   1 
ATOM 1026 O O   . TRP B 2 30  ? -2.768  -5.809  4.435   1.00 23.19  ? 136 TRP B O   1 
ATOM 1027 C CB  . TRP B 2 30  ? -5.212  -7.809  4.436   1.00 26.99  ? 136 TRP B CB  1 
ATOM 1028 C CG  . TRP B 2 30  ? -6.242  -8.764  3.940   1.00 29.34  ? 136 TRP B CG  1 
ATOM 1029 C CD1 . TRP B 2 30  ? -6.111  -10.145 4.053   1.00 29.81  ? 136 TRP B CD1 1 
ATOM 1030 C CD2 . TRP B 2 30  ? -7.459  -8.511  3.296   1.00 31.38  ? 136 TRP B CD2 1 
ATOM 1031 N NE1 . TRP B 2 30  ? -7.233  -10.747 3.466   1.00 32.72  ? 136 TRP B NE1 1 
ATOM 1032 C CE2 . TRP B 2 30  ? -8.032  -9.704  3.020   1.00 33.37  ? 136 TRP B CE2 1 
ATOM 1033 C CE3 . TRP B 2 30  ? -8.070  -7.359  2.949   1.00 30.42  ? 136 TRP B CE3 1 
ATOM 1034 C CZ2 . TRP B 2 30  ? -9.225  -9.788  2.390   1.00 35.99  ? 136 TRP B CZ2 1 
ATOM 1035 C CZ3 . TRP B 2 30  ? -9.267  -7.442  2.314   1.00 32.06  ? 136 TRP B CZ3 1 
ATOM 1036 C CH2 . TRP B 2 30  ? -9.836  -8.639  2.039   1.00 36.30  ? 136 TRP B CH2 1 
ATOM 1037 N N   . VAL B 2 31  ? -4.304  -4.581  3.379   1.00 23.12  ? 137 VAL B N   1 
ATOM 1038 C CA  . VAL B 2 31  ? -3.700  -3.325  3.812   1.00 22.44  ? 137 VAL B CA  1 
ATOM 1039 C C   . VAL B 2 31  ? -4.826  -2.394  4.219   1.00 23.49  ? 137 VAL B C   1 
ATOM 1040 O O   . VAL B 2 31  ? -5.821  -2.283  3.506   1.00 22.59  ? 137 VAL B O   1 
ATOM 1041 C CB  . VAL B 2 31  ? -2.989  -2.656  2.641   1.00 19.68  ? 137 VAL B CB  1 
ATOM 1042 C CG1 . VAL B 2 31  ? -2.564  -1.242  3.023   1.00 19.69  ? 137 VAL B CG1 1 
ATOM 1043 C CG2 . VAL B 2 31  ? -1.773  -3.466  2.209   1.00 18.50  ? 137 VAL B CG2 1 
ATOM 1044 N N   . ARG B 2 32  ? -4.704  -1.704  5.340   1.00 25.48  ? 138 ARG B N   1 
ATOM 1045 C CA  . ARG B 2 32  ? -5.774  -0.779  5.689   1.00 27.15  ? 138 ARG B CA  1 
ATOM 1046 C C   . ARG B 2 32  ? -5.370  0.689   5.643   1.00 27.91  ? 138 ARG B C   1 
ATOM 1047 O O   . ARG B 2 32  ? -4.186  1.023   5.633   1.00 28.18  ? 138 ARG B O   1 
ATOM 1048 C CB  . ARG B 2 32  ? -6.355  -1.152  7.044   1.00 30.71  ? 138 ARG B CB  1 
ATOM 1049 C CG  . ARG B 2 32  ? -5.367  -1.032  8.198   1.00 34.32  ? 138 ARG B CG  1 
ATOM 1050 C CD  . ARG B 2 32  ? -6.013  -1.562  9.480   1.00 37.97  ? 138 ARG B CD  1 
ATOM 1051 N NE  . ARG B 2 32  ? -5.081  -1.452  10.597  1.00 41.62  ? 138 ARG B NE  1 
ATOM 1052 C CZ  . ARG B 2 32  ? -5.323  -2.093  11.729  1.00 44.11  ? 138 ARG B CZ  1 
ATOM 1053 N NH1 . ARG B 2 32  ? -6.377  -2.837  11.867  1.00 42.22  ? 138 ARG B NH1 1 
ATOM 1054 N NH2 . ARG B 2 32  ? -4.499  -1.995  12.732  1.00 48.08  ? 138 ARG B NH2 1 
ATOM 1055 N N   . GLN B 2 33  ? -6.375  1.562   5.610   1.00 29.29  ? 139 GLN B N   1 
ATOM 1056 C CA  . GLN B 2 33  ? -6.117  2.995   5.636   1.00 32.50  ? 139 GLN B CA  1 
ATOM 1057 C C   . GLN B 2 33  ? -7.035  3.586   6.694   1.00 37.96  ? 139 GLN B C   1 
ATOM 1058 O O   . GLN B 2 33  ? -8.267  3.522   6.549   1.00 39.08  ? 139 GLN B O   1 
ATOM 1059 C CB  . GLN B 2 33  ? -6.336  3.637   4.255   1.00 33.34  ? 139 GLN B CB  1 
ATOM 1060 C CG  . GLN B 2 33  ? -5.891  5.099   4.227   1.00 38.14  ? 139 GLN B CG  1 
ATOM 1061 C CD  . GLN B 2 33  ? -5.959  5.670   2.849   1.00 40.50  ? 139 GLN B CD  1 
ATOM 1062 O OE1 . GLN B 2 33  ? -6.809  5.317   2.044   1.00 40.90  ? 139 GLN B OE1 1 
ATOM 1063 N NE2 . GLN B 2 33  ? -5.070  6.579   2.603   1.00 41.91  ? 139 GLN B NE2 1 
ATOM 1064 N N   . PRO B 2 34  ? -6.449  4.185   7.748   1.00 43.30  ? 140 PRO B N   1 
ATOM 1065 C CA  . PRO B 2 34  ? -7.267  4.766   8.764   1.00 49.30  ? 140 PRO B CA  1 
ATOM 1066 C C   . PRO B 2 34  ? -7.813  6.109   8.398   1.00 54.86  ? 140 PRO B C   1 
ATOM 1067 O O   . PRO B 2 34  ? -7.356  6.700   7.434   1.00 54.68  ? 140 PRO B O   1 
ATOM 1068 C CB  . PRO B 2 34  ? -6.363  4.703   9.998   1.00 54.01  ? 140 PRO B CB  1 
ATOM 1069 C CG  . PRO B 2 34  ? -4.915  4.618   9.565   1.00 52.66  ? 140 PRO B CG  1 
ATOM 1070 C CD  . PRO B 2 34  ? -5.420  3.535   8.594   1.00 44.04  ? 140 PRO B CD  1 
ATOM 1071 N N   . PRO B 2 35  ? -8.808  6.598   9.131   1.00 59.95  ? 141 PRO B N   1 
ATOM 1072 C CA  . PRO B 2 35  ? -9.480  7.840   8.786   1.00 67.70  ? 141 PRO B CA  1 
ATOM 1073 C C   . PRO B 2 35  ? -8.546  9.026   8.695   1.00 73.92  ? 141 PRO B C   1 
ATOM 1074 O O   . PRO B 2 35  ? -8.791  9.953   7.923   1.00 78.80  ? 141 PRO B O   1 
ATOM 1075 C CB  . PRO B 2 35  ? -10.532 8.029   9.880   1.00 71.57  ? 141 PRO B CB  1 
ATOM 1076 C CG  . PRO B 2 35  ? -10.351 6.860   10.856  1.00 66.15  ? 141 PRO B CG  1 
ATOM 1077 C CD  . PRO B 2 35  ? -9.545  5.789   10.106  1.00 57.93  ? 141 PRO B CD  1 
ATOM 1078 N N   . GLY B 2 36  ? -7.423  8.977   9.404   1.00 75.21  ? 142 GLY B N   1 
ATOM 1079 C CA  . GLY B 2 36  ? -6.465  10.065  9.284   1.00 80.92  ? 142 GLY B CA  1 
ATOM 1080 C C   . GLY B 2 36  ? -5.511  9.791   8.120   1.00 74.51  ? 142 GLY B C   1 
ATOM 1081 O O   . GLY B 2 36  ? -4.407  10.331  8.082   1.00 76.08  ? 142 GLY B O   1 
ATOM 1082 N N   . LYS B 2 37  ? -5.937  8.930   7.199   1.00 67.18  ? 143 LYS B N   1 
ATOM 1083 C CA  . LYS B 2 37  ? -5.234  8.654   5.944   1.00 60.95  ? 143 LYS B CA  1 
ATOM 1084 C C   . LYS B 2 37  ? -3.956  7.824   6.059   1.00 53.94  ? 143 LYS B C   1 
ATOM 1085 O O   . LYS B 2 37  ? -3.224  7.676   5.085   1.00 48.60  ? 143 LYS B O   1 
ATOM 1086 C CB  . LYS B 2 37  ? -4.933  9.934   5.177   1.00 65.03  ? 143 LYS B CB  1 
ATOM 1087 C CG  . LYS B 2 37  ? -6.165  10.771  4.844   1.00 71.81  ? 143 LYS B CG  1 
ATOM 1088 C CD  . LYS B 2 37  ? -5.847  11.960  3.938   1.00 74.18  ? 143 LYS B CD  1 
ATOM 1089 C CE  . LYS B 2 37  ? -7.090  12.789  3.600   1.00 79.12  ? 143 LYS B CE  1 
ATOM 1090 N NZ  . LYS B 2 37  ? -6.779  13.927  2.723   1.00 78.27  ? 143 LYS B NZ  1 
ATOM 1091 N N   . GLY B 2 38  ? -3.644  7.279   7.228   1.00 54.59  ? 144 GLY B N   1 
ATOM 1092 C CA  . GLY B 2 38  ? -2.360  6.570   7.380   1.00 52.75  ? 144 GLY B CA  1 
ATOM 1093 C C   . GLY B 2 38  ? -2.423  5.153   6.818   1.00 43.23  ? 144 GLY B C   1 
ATOM 1094 O O   . GLY B 2 38  ? -3.475  4.664   6.440   1.00 39.57  ? 144 GLY B O   1 
ATOM 1095 N N   . LEU B 2 39  ? -1.485  4.551   6.173   1.00 38.39  ? 145 LEU B N   1 
ATOM 1096 C CA  . LEU B 2 39  ? -1.729  3.227   5.581   1.00 31.61  ? 145 LEU B CA  1 
ATOM 1097 C C   . LEU B 2 39  ? -1.013  2.175   6.432   1.00 32.71  ? 145 LEU B C   1 
ATOM 1098 O O   . LEU B 2 39  ? 0.124   2.395   6.850   1.00 34.88  ? 145 LEU B O   1 
ATOM 1099 C CB  . LEU B 2 39  ? -1.088  3.199   4.193   1.00 25.69  ? 145 LEU B CB  1 
ATOM 1100 C CG  . LEU B 2 39  ? -1.977  3.801   3.113   1.00 24.96  ? 145 LEU B CG  1 
ATOM 1101 C CD1 . LEU B 2 39  ? -1.197  4.069   1.834   1.00 21.66  ? 145 LEU B CD1 1 
ATOM 1102 C CD2 . LEU B 2 39  ? -3.130  2.840   2.849   1.00 23.26  ? 145 LEU B CD2 1 
ATOM 1103 N N   . GLU B 2 40  ? -1.637  1.028   6.699   1.00 31.24  ? 146 GLU B N   1 
ATOM 1104 C CA  . GLU B 2 40  ? -0.935  0.009   7.483   1.00 31.82  ? 146 GLU B CA  1 
ATOM 1105 C C   . GLU B 2 40  ? -1.031  -1.378  6.871   1.00 27.48  ? 146 GLU B C   1 
ATOM 1106 O O   . GLU B 2 40  ? -2.062  -1.762  6.318   1.00 26.39  ? 146 GLU B O   1 
ATOM 1107 C CB  . GLU B 2 40  ? -1.492  -0.103  8.898   1.00 37.80  ? 146 GLU B CB  1 
ATOM 1108 C CG  . GLU B 2 40  ? -1.260  1.102   9.798   1.00 45.78  ? 146 GLU B CG  1 
ATOM 1109 C CD  . GLU B 2 40  ? -2.161  1.011   11.014  1.00 51.84  ? 146 GLU B CD  1 
ATOM 1110 O OE1 . GLU B 2 40  ? -2.118  -0.008  11.738  1.00 51.73  ? 146 GLU B OE1 1 
ATOM 1111 O OE2 . GLU B 2 40  ? -2.925  1.972   11.247  1.00 56.23  ? 146 GLU B OE2 1 
ATOM 1112 N N   . TRP B 2 41  ? 0.051   -2.137  7.009   1.00 25.52  ? 147 TRP B N   1 
ATOM 1113 C CA  . TRP B 2 41  ? 0.052   -3.519  6.531   1.00 22.37  ? 147 TRP B CA  1 
ATOM 1114 C C   . TRP B 2 41  ? -0.617  -4.371  7.594   1.00 23.85  ? 147 TRP B C   1 
ATOM 1115 O O   . TRP B 2 41  ? -0.245  -4.336  8.768   1.00 24.76  ? 147 TRP B O   1 
ATOM 1116 C CB  . TRP B 2 41  ? 1.507   -3.967  6.269   1.00 20.78  ? 147 TRP B CB  1 
ATOM 1117 C CG  . TRP B 2 41  ? 1.715   -5.479  6.118   1.00 20.75  ? 147 TRP B CG  1 
ATOM 1118 C CD1 . TRP B 2 41  ? 1.213   -6.251  5.057   1.00 20.93  ? 147 TRP B CD1 1 
ATOM 1119 C CD2 . TRP B 2 41  ? 2.406   -6.383  6.960   1.00 21.67  ? 147 TRP B CD2 1 
ATOM 1120 N NE1 . TRP B 2 41  ? 1.582   -7.597  5.245   1.00 21.95  ? 147 TRP B NE1 1 
ATOM 1121 C CE2 . TRP B 2 41  ? 2.291   -7.631  6.442   1.00 21.91  ? 147 TRP B CE2 1 
ATOM 1122 C CE3 . TRP B 2 41  ? 3.068   -6.195  8.130   1.00 22.93  ? 147 TRP B CE3 1 
ATOM 1123 C CZ2 . TRP B 2 41  ? 2.866   -8.704  7.043   1.00 25.62  ? 147 TRP B CZ2 1 
ATOM 1124 C CZ3 . TRP B 2 41  ? 3.635   -7.276  8.726   1.00 24.63  ? 147 TRP B CZ3 1 
ATOM 1125 C CH2 . TRP B 2 41  ? 3.544   -8.513  8.189   1.00 25.65  ? 147 TRP B CH2 1 
ATOM 1126 N N   . ILE B 2 42  ? -1.618  -5.123  7.160   1.00 23.80  ? 148 ILE B N   1 
ATOM 1127 C CA  . ILE B 2 42  ? -2.337  -5.978  8.083   1.00 24.18  ? 148 ILE B CA  1 
ATOM 1128 C C   . ILE B 2 42  ? -1.844  -7.416  8.020   1.00 21.77  ? 148 ILE B C   1 
ATOM 1129 O O   . ILE B 2 42  ? -1.545  -7.992  9.068   1.00 22.08  ? 148 ILE B O   1 
ATOM 1130 C CB  . ILE B 2 42  ? -3.832  -5.877  7.864   1.00 26.33  ? 148 ILE B CB  1 
ATOM 1131 C CG1 . ILE B 2 42  ? -4.617  -6.878  8.664   1.00 26.86  ? 148 ILE B CG1 1 
ATOM 1132 C CG2 . ILE B 2 42  ? -4.328  -6.242  6.548   1.00 26.34  ? 148 ILE B CG2 1 
ATOM 1133 C CD1 . ILE B 2 42  ? -6.105  -6.745  8.515   1.00 29.92  ? 148 ILE B CD1 1 
ATOM 1134 N N   . GLY B 2 43  ? -1.739  -8.012  6.830   1.00 21.38  ? 149 GLY B N   1 
ATOM 1135 C CA  . GLY B 2 43  ? -1.303  -9.410  6.775   1.00 22.56  ? 149 GLY B CA  1 
ATOM 1136 C C   . GLY B 2 43  ? -0.857  -9.803  5.363   1.00 23.59  ? 149 GLY B C   1 
ATOM 1137 O O   . GLY B 2 43  ? -1.267  -9.172  4.385   1.00 23.46  ? 149 GLY B O   1 
ATOM 1138 N N   . THR B 2 44  ? 0.022   -10.812 5.287   1.00 25.21  ? 150 THR B N   1 
ATOM 1139 C CA  . THR B 2 44  ? 0.680   -11.206 4.023   1.00 26.26  ? 150 THR B CA  1 
ATOM 1140 C C   . THR B 2 44  ? 1.034   -12.697 4.013   1.00 29.70  ? 150 THR B C   1 
ATOM 1141 O O   . THR B 2 44  ? 1.263   -13.310 5.056   1.00 32.44  ? 150 THR B O   1 
ATOM 1142 C CB  . THR B 2 44  ? 2.001   -10.459 3.751   1.00 26.02  ? 150 THR B CB  1 
ATOM 1143 O OG1 . THR B 2 44  ? 2.519   -10.660 2.440   1.00 28.84  ? 150 THR B OG1 1 
ATOM 1144 C CG2 . THR B 2 44  ? 3.130   -10.771 4.727   1.00 29.23  ? 150 THR B CG2 1 
ATOM 1145 N N   . MET B 2 45  ? 1.107   -13.259 2.812   1.00 30.30  ? 151 MET B N   1 
ATOM 1146 C CA  . MET B 2 45  ? 1.573   -14.630 2.629   1.00 33.72  ? 151 MET B CA  1 
ATOM 1147 C C   . MET B 2 45  ? 2.648   -14.586 1.576   1.00 31.90  ? 151 MET B C   1 
ATOM 1148 O O   . MET B 2 45  ? 2.579   -13.785 0.648   1.00 28.86  ? 151 MET B O   1 
ATOM 1149 C CB  . MET B 2 45  ? 0.572   -15.408 1.795   1.00 36.06  ? 151 MET B CB  1 
ATOM 1150 C CG  . MET B 2 45  ? -0.726  -15.838 2.435   1.00 38.27  ? 151 MET B CG  1 
ATOM 1151 S SD  . MET B 2 45  ? -1.563  -16.837 1.205   1.00 42.89  ? 151 MET B SD  1 
ATOM 1152 C CE  . MET B 2 45  ? -2.969  -17.278 2.224   1.00 44.45  ? 151 MET B CE  1 
ATOM 1153 N N   . TRP B 2 46  ? 3.574   -15.509 1.686   1.00 37.87  ? 152 TRP B N   1 
ATOM 1154 C CA  . TRP B 2 46  ? 4.684   -15.569 0.751   1.00 32.71  ? 152 TRP B CA  1 
ATOM 1155 C C   . TRP B 2 46  ? 4.278   -16.411 -0.440  1.00 34.35  ? 152 TRP B C   1 
ATOM 1156 O O   . TRP B 2 46  ? 3.150   -16.883 -0.555  1.00 38.03  ? 152 TRP B O   1 
ATOM 1157 C CB  . TRP B 2 46  ? 5.791   -16.326 1.486   1.00 49.15  ? 152 TRP B CB  1 
ATOM 1158 C CG  . TRP B 2 46  ? 6.742   -15.384 2.181   1.00 40.97  ? 152 TRP B CG  1 
ATOM 1159 C CD1 . TRP B 2 46  ? 7.857   -14.822 1.564   1.00 58.71  ? 152 TRP B CD1 1 
ATOM 1160 C CD2 . TRP B 2 46  ? 6.743   -14.929 3.480   1.00 74.61  ? 152 TRP B CD2 1 
ATOM 1161 N NE1 . TRP B 2 46  ? 8.544   -14.014 2.478   1.00 78.05  ? 152 TRP B NE1 1 
ATOM 1162 C CE2 . TRP B 2 46  ? 7.808   -14.119 3.648   1.00 87.74  ? 152 TRP B CE2 1 
ATOM 1163 C CE3 . TRP B 2 46  ? 5.897   -15.185 4.472   1.00 83.57  ? 152 TRP B CE3 1 
ATOM 1164 C CZ2 . TRP B 2 46  ? 8.055   -13.532 4.817   1.00 100.00 ? 152 TRP B CZ2 1 
ATOM 1165 C CZ3 . TRP B 2 46  ? 6.138   -14.596 5.657   1.00 93.39  ? 152 TRP B CZ3 1 
ATOM 1166 C CH2 . TRP B 2 46  ? 7.201   -13.780 5.827   1.00 100.00 ? 152 TRP B CH2 1 
ATOM 1167 N N   . ASN B 2 47  ? 5.276   -16.715 -1.263  1.00 32.07  ? 153 ASN B N   1 
ATOM 1168 C CA  . ASN B 2 47  ? 5.032   -17.457 -2.501  1.00 40.60  ? 153 ASN B CA  1 
ATOM 1169 C C   . ASN B 2 47  ? 4.977   -18.920 -2.123  1.00 65.36  ? 153 ASN B C   1 
ATOM 1170 O O   . ASN B 2 47  ? 4.546   -19.783 -2.880  1.00 64.18  ? 153 ASN B O   1 
ATOM 1171 C CB  . ASN B 2 47  ? 6.226   -17.267 -3.449  1.00 54.34  ? 153 ASN B CB  1 
ATOM 1172 C CG  . ASN B 2 47  ? 6.268   -15.883 -4.077  1.00 37.48  ? 153 ASN B CG  1 
ATOM 1173 O OD1 . ASN B 2 47  ? 5.240   -15.350 -4.478  1.00 31.97  ? 153 ASN B OD1 1 
ATOM 1174 N ND2 . ASN B 2 47  ? 7.445   -15.296 -4.212  1.00 29.94  ? 153 ASN B ND2 1 
ATOM 1175 N N   . ASP B 2 48  ? 5.422   -19.191 -0.914  1.00 85.15  ? 154 ASP B N   1 
ATOM 1176 C CA  . ASP B 2 48  ? 5.447   -20.569 -0.453  1.00 88.70  ? 154 ASP B CA  1 
ATOM 1177 C C   . ASP B 2 48  ? 4.199   -20.725 0.396   1.00 74.69  ? 154 ASP B C   1 
ATOM 1178 O O   . ASP B 2 48  ? 3.810   -21.817 0.796   1.00 71.16  ? 154 ASP B O   1 
ATOM 1179 C CB  . ASP B 2 48  ? 6.724   -20.762 0.370   1.00 92.89  ? 154 ASP B CB  1 
ATOM 1180 C CG  . ASP B 2 48  ? 7.018   -22.211 0.741   1.00 87.53  ? 154 ASP B CG  1 
ATOM 1181 O OD1 . ASP B 2 48  ? 6.301   -23.125 0.279   1.00 73.90  ? 154 ASP B OD1 1 
ATOM 1182 O OD2 . ASP B 2 48  ? 7.990   -22.443 1.493   1.00 100.00 ? 154 ASP B OD2 1 
ATOM 1183 N N   . GLY B 2 49  ? 3.553   -19.612 0.675   1.00 66.16  ? 155 GLY B N   1 
ATOM 1184 C CA  . GLY B 2 49  ? 2.236   -19.737 1.279   1.00 61.46  ? 155 GLY B CA  1 
ATOM 1185 C C   . GLY B 2 49  ? 2.423   -19.644 2.775   1.00 66.82  ? 155 GLY B C   1 
ATOM 1186 O O   . GLY B 2 49  ? 1.695   -20.239 3.565   1.00 67.88  ? 155 GLY B O   1 
ATOM 1187 N N   . ASP B 2 50  ? 3.422   -18.898 3.186   1.00 64.77  ? 156 ASP B N   1 
ATOM 1188 C CA  . ASP B 2 50  ? 3.669   -18.804 4.625   1.00 61.67  ? 156 ASP B CA  1 
ATOM 1189 C C   . ASP B 2 50  ? 3.085   -17.474 5.055   1.00 43.92  ? 156 ASP B C   1 
ATOM 1190 O O   . ASP B 2 50  ? 3.152   -16.525 4.284   1.00 45.62  ? 156 ASP B O   1 
ATOM 1191 C CB  . ASP B 2 50  ? 5.175   -18.798 4.884   1.00 78.58  ? 156 ASP B CB  1 
ATOM 1192 C CG  . ASP B 2 50  ? 5.837   -20.124 4.540   1.00 99.91  ? 156 ASP B CG  1 
ATOM 1193 O OD1 . ASP B 2 50  ? 5.164   -21.175 4.610   1.00 99.98  ? 156 ASP B OD1 1 
ATOM 1194 O OD2 . ASP B 2 50  ? 7.043   -20.123 4.212   1.00 100.00 ? 156 ASP B OD2 1 
ATOM 1195 N N   . THR B 2 51  ? 2.508   -17.366 6.236   1.00 45.02  ? 157 THR B N   1 
ATOM 1196 C CA  . THR B 2 51  ? 1.828   -16.115 6.580   1.00 42.59  ? 157 THR B CA  1 
ATOM 1197 C C   . THR B 2 51  ? 2.544   -15.316 7.665   1.00 42.66  ? 157 THR B C   1 
ATOM 1198 O O   . THR B 2 51  ? 3.227   -15.869 8.527   1.00 46.37  ? 157 THR B O   1 
ATOM 1199 C CB  . THR B 2 51  ? 0.362   -16.377 6.936   1.00 42.77  ? 157 THR B CB  1 
ATOM 1200 O OG1 . THR B 2 51  ? 0.178   -17.318 7.991   1.00 47.81  ? 157 THR B OG1 1 
ATOM 1201 C CG2 . THR B 2 51  ? -0.457  -16.746 5.703   1.00 42.20  ? 157 THR B CG2 1 
ATOM 1202 N N   . ASP B 2 52  ? 2.356   -14.003 7.595   1.00 39.18  ? 158 ASP B N   1 
ATOM 1203 C CA  . ASP B 2 52  ? 2.986   -13.072 8.526   1.00 53.01  ? 158 ASP B CA  1 
ATOM 1204 C C   . ASP B 2 52  ? 2.000   -11.907 8.673   1.00 44.35  ? 158 ASP B C   1 
ATOM 1205 O O   . ASP B 2 52  ? 1.173   -11.655 7.788   1.00 28.31  ? 158 ASP B O   1 
ATOM 1206 C CB  . ASP B 2 52  ? 4.331   -12.598 7.951   1.00 75.87  ? 158 ASP B CB  1 
ATOM 1207 C CG  . ASP B 2 52  ? 5.230   -11.759 8.868   1.00 98.15  ? 158 ASP B CG  1 
ATOM 1208 O OD1 . ASP B 2 52  ? 4.985   -11.685 10.087  1.00 96.56  ? 158 ASP B OD1 1 
ATOM 1209 O OD2 . ASP B 2 52  ? 6.210   -11.173 8.364   1.00 96.29  ? 158 ASP B OD2 1 
ATOM 1210 N N   . TYR B 2 53  ? 2.124   -11.280 9.853   1.00 51.43  ? 159 TYR B N   1 
ATOM 1211 C CA  . TYR B 2 53  ? 1.280   -10.209 10.384  1.00 32.64  ? 159 TYR B CA  1 
ATOM 1212 C C   . TYR B 2 53  ? 2.208   -9.300  11.229  1.00 29.56  ? 159 TYR B C   1 
ATOM 1213 O O   . TYR B 2 53  ? 3.272   -9.713  11.702  1.00 54.69  ? 159 TYR B O   1 
ATOM 1214 C CB  . TYR B 2 53  ? 0.281   -10.812 11.394  1.00 29.43  ? 159 TYR B CB  1 
ATOM 1215 C CG  . TYR B 2 53  ? -0.645  -11.910 10.852  1.00 30.85  ? 159 TYR B CG  1 
ATOM 1216 C CD1 . TYR B 2 53  ? -1.813  -11.591 10.265  1.00 28.43  ? 159 TYR B CD1 1 
ATOM 1217 C CD2 . TYR B 2 53  ? -0.329  -13.213 10.984  1.00 36.87  ? 159 TYR B CD2 1 
ATOM 1218 C CE1 . TYR B 2 53  ? -2.645  -12.560 9.821   1.00 29.70  ? 159 TYR B CE1 1 
ATOM 1219 C CE2 . TYR B 2 53  ? -1.151  -14.179 10.537  1.00 40.37  ? 159 TYR B CE2 1 
ATOM 1220 C CZ  . TYR B 2 53  ? -2.317  -13.865 9.959   1.00 36.08  ? 159 TYR B CZ  1 
ATOM 1221 O OH  . TYR B 2 53  ? -3.149  -14.885 9.530   1.00 39.91  ? 159 TYR B OH  1 
ATOM 1222 N N   . HIS B 2 54  ? 1.838   -8.044  11.445  1.00 25.45  ? 160 HIS B N   1 
ATOM 1223 C CA  . HIS B 2 54  ? 2.621   -7.300  12.416  1.00 32.27  ? 160 HIS B CA  1 
ATOM 1224 C C   . HIS B 2 54  ? 2.129   -7.590  13.805  1.00 36.61  ? 160 HIS B C   1 
ATOM 1225 O O   . HIS B 2 54  ? 1.131   -8.296  13.925  1.00 32.23  ? 160 HIS B O   1 
ATOM 1226 C CB  . HIS B 2 54  ? 2.807   -5.833  12.121  1.00 30.31  ? 160 HIS B CB  1 
ATOM 1227 C CG  . HIS B 2 54  ? 1.563   -5.092  12.394  1.00 30.47  ? 160 HIS B CG  1 
ATOM 1228 N ND1 . HIS B 2 54  ? 0.539   -4.981  11.519  1.00 28.12  ? 160 HIS B ND1 1 
ATOM 1229 C CD2 . HIS B 2 54  ? 1.422   -4.222  13.385  1.00 39.55  ? 160 HIS B CD2 1 
ATOM 1230 C CE1 . HIS B 2 54  ? -0.177  -4.037  12.041  1.00 34.49  ? 160 HIS B CE1 1 
ATOM 1231 N NE2 . HIS B 2 54  ? 0.469   -3.335  12.958  1.00 40.66  ? 160 HIS B NE2 1 
ATOM 1232 N N   . SER B 2 55  ? 2.796   -7.053  14.835  1.00 39.57  ? 161 SER B N   1 
ATOM 1233 C CA  . SER B 2 55  ? 2.365   -7.350  16.201  1.00 46.02  ? 161 SER B CA  1 
ATOM 1234 C C   . SER B 2 55  ? 0.974   -6.827  16.403  1.00 46.57  ? 161 SER B C   1 
ATOM 1235 O O   . SER B 2 55  ? 0.139   -7.443  17.067  1.00 47.64  ? 161 SER B O   1 
ATOM 1236 C CB  . SER B 2 55  ? 3.282   -6.666  17.231  1.00 57.03  ? 161 SER B CB  1 
ATOM 1237 O OG  . SER B 2 55  ? 4.622   -7.170  17.272  1.00 59.10  ? 161 SER B OG  1 
ATOM 1238 N N   . ALA B 2 56  ? 0.743   -5.683  15.804  1.00 46.39  ? 162 ALA B N   1 
ATOM 1239 C CA  . ALA B 2 56  ? -0.561  -5.087  15.984  1.00 48.51  ? 162 ALA B CA  1 
ATOM 1240 C C   . ALA B 2 56  ? -1.730  -5.944  15.845  1.00 43.86  ? 162 ALA B C   1 
ATOM 1241 O O   . ALA B 2 56  ? -2.641  -5.733  16.629  1.00 48.49  ? 162 ALA B O   1 
ATOM 1242 C CB  . ALA B 2 56  ? -1.106  -3.863  15.313  1.00 49.64  ? 162 ALA B CB  1 
ATOM 1243 N N   . LEU B 2 57  ? -1.711  -6.920  14.963  1.00 36.88  ? 163 LEU B N   1 
ATOM 1244 C CA  . LEU B 2 57  ? -2.916  -7.702  14.859  1.00 35.31  ? 163 LEU B CA  1 
ATOM 1245 C C   . LEU B 2 57  ? -2.590  -9.154  15.121  1.00 37.35  ? 163 LEU B C   1 
ATOM 1246 O O   . LEU B 2 57  ? -3.484  -9.999  15.034  1.00 37.62  ? 163 LEU B O   1 
ATOM 1247 C CB  . LEU B 2 57  ? -3.515  -7.526  13.473  1.00 31.17  ? 163 LEU B CB  1 
ATOM 1248 C CG  . LEU B 2 57  ? -3.851  -6.096  13.084  1.00 34.07  ? 163 LEU B CG  1 
ATOM 1249 C CD1 . LEU B 2 57  ? -2.660  -5.205  12.928  1.00 34.21  ? 163 LEU B CD1 1 
ATOM 1250 C CD2 . LEU B 2 57  ? -4.516  -6.075  11.729  1.00 32.29  ? 163 LEU B CD2 1 
ATOM 1251 N N   . ARG B 2 58  ? -1.315  -9.409  15.410  1.00 38.94  ? 164 ARG B N   1 
ATOM 1252 C CA  . ARG B 2 58  ? -0.805  -10.767 15.626  1.00 42.11  ? 164 ARG B CA  1 
ATOM 1253 C C   . ARG B 2 58  ? -1.714  -11.447 16.572  1.00 48.37  ? 164 ARG B C   1 
ATOM 1254 O O   . ARG B 2 58  ? -2.084  -10.711 17.483  1.00 49.55  ? 164 ARG B O   1 
ATOM 1255 C CB  . ARG B 2 58  ? 0.584   -10.692 16.269  1.00 45.65  ? 164 ARG B CB  1 
ATOM 1256 C CG  . ARG B 2 58  ? 1.432   -11.950 16.080  1.00 49.91  ? 164 ARG B CG  1 
ATOM 1257 C CD  . ARG B 2 58  ? 2.159   -11.926 14.729  1.00 45.13  ? 164 ARG B CD  1 
ATOM 1258 N NE  . ARG B 2 58  ? 1.921   -13.178 14.015  1.00 50.54  ? 164 ARG B NE  1 
ATOM 1259 C CZ  . ARG B 2 58  ? 2.545   -13.432 12.874  1.00 52.67  ? 164 ARG B CZ  1 
ATOM 1260 N NH1 . ARG B 2 58  ? 3.284   -12.543 12.284  1.00 57.39  ? 164 ARG B NH1 1 
ATOM 1261 N NH2 . ARG B 2 58  ? 2.426   -14.603 12.319  1.00 62.94  ? 164 ARG B NH2 1 
ATOM 1262 N N   . SER B 2 59  ? -2.153  -12.670 16.298  1.00 52.13  ? 165 SER B N   1 
ATOM 1263 C CA  . SER B 2 59  ? -2.979  -13.367 17.286  1.00 57.80  ? 165 SER B CA  1 
ATOM 1264 C C   . SER B 2 59  ? -4.478  -13.016 17.167  1.00 56.98  ? 165 SER B C   1 
ATOM 1265 O O   . SER B 2 59  ? -5.283  -13.661 17.839  1.00 62.40  ? 165 SER B O   1 
ATOM 1266 C CB  . SER B 2 59  ? -2.370  -13.198 18.725  1.00 60.66  ? 165 SER B CB  1 
ATOM 1267 O OG  . SER B 2 59  ? -2.687  -12.000 19.494  1.00 65.70  ? 165 SER B OG  1 
ATOM 1268 N N   . ARG B 2 60  ? -4.879  -12.011 16.371  1.00 50.53  ? 166 ARG B N   1 
ATOM 1269 C CA  . ARG B 2 60  ? -6.290  -11.601 16.351  1.00 50.22  ? 166 ARG B CA  1 
ATOM 1270 C C   . ARG B 2 60  ? -6.856  -11.726 14.947  1.00 46.06  ? 166 ARG B C   1 
ATOM 1271 O O   . ARG B 2 60  ? -8.009  -12.117 14.759  1.00 48.72  ? 166 ARG B O   1 
ATOM 1272 C CB  . ARG B 2 60  ? -6.418  -10.141 16.767  1.00 46.85  ? 166 ARG B CB  1 
ATOM 1273 C CG  . ARG B 2 60  ? -5.887  -9.914  18.173  1.00 51.39  ? 166 ARG B CG  1 
ATOM 1274 C CD  . ARG B 2 60  ? -5.658  -8.419  18.326  1.00 49.96  ? 166 ARG B CD  1 
ATOM 1275 N NE  . ARG B 2 60  ? -6.842  -7.739  17.840  1.00 48.31  ? 166 ARG B NE  1 
ATOM 1276 C CZ  . ARG B 2 60  ? -6.717  -6.547  17.314  1.00 47.72  ? 166 ARG B CZ  1 
ATOM 1277 N NH1 . ARG B 2 60  ? -5.575  -5.947  17.182  1.00 48.17  ? 166 ARG B NH1 1 
ATOM 1278 N NH2 . ARG B 2 60  ? -7.761  -5.944  16.928  1.00 46.66  ? 166 ARG B NH2 1 
ATOM 1279 N N   . LEU B 2 61  ? -6.030  -11.374 13.964  1.00 39.96  ? 167 LEU B N   1 
ATOM 1280 C CA  . LEU B 2 61  ? -6.473  -11.395 12.572  1.00 35.54  ? 167 LEU B CA  1 
ATOM 1281 C C   . LEU B 2 61  ? -5.968  -12.706 11.985  1.00 38.31  ? 167 LEU B C   1 
ATOM 1282 O O   . LEU B 2 61  ? -4.923  -13.214 12.401  1.00 41.03  ? 167 LEU B O   1 
ATOM 1283 C CB  . LEU B 2 61  ? -5.831  -10.198 11.847  1.00 31.00  ? 167 LEU B CB  1 
ATOM 1284 C CG  . LEU B 2 61  ? -6.496  -8.839  12.067  1.00 31.84  ? 167 LEU B CG  1 
ATOM 1285 C CD1 . LEU B 2 61  ? -7.390  -8.468  10.895  1.00 31.17  ? 167 LEU B CD1 1 
ATOM 1286 C CD2 . LEU B 2 61  ? -7.320  -8.811  13.349  1.00 35.54  ? 167 LEU B CD2 1 
ATOM 1287 N N   . SER B 2 62  ? -6.697  -13.261 11.022  1.00 38.08  ? 168 SER B N   1 
ATOM 1288 C CA  . SER B 2 62  ? -6.245  -14.509 10.416  1.00 41.46  ? 168 SER B CA  1 
ATOM 1289 C C   . SER B 2 62  ? -6.538  -14.491 8.924   1.00 37.19  ? 168 SER B C   1 
ATOM 1290 O O   . SER B 2 62  ? -7.692  -14.586 8.504   1.00 38.85  ? 168 SER B O   1 
ATOM 1291 C CB  . SER B 2 62  ? -6.898  -15.723 11.082  1.00 51.70  ? 168 SER B CB  1 
ATOM 1292 O OG  . SER B 2 62  ? -6.635  -15.796 12.485  1.00 58.72  ? 168 SER B OG  1 
ATOM 1293 N N   . ILE B 2 63  ? -5.478  -14.339 8.143   1.00 33.29  ? 169 ILE B N   1 
ATOM 1294 C CA  . ILE B 2 63  ? -5.606  -14.286 6.696   1.00 32.39  ? 169 ILE B CA  1 
ATOM 1295 C C   . ILE B 2 63  ? -5.709  -15.694 6.120   1.00 37.73  ? 169 ILE B C   1 
ATOM 1296 O O   . ILE B 2 63  ? -5.100  -16.637 6.636   1.00 41.18  ? 169 ILE B O   1 
ATOM 1297 C CB  . ILE B 2 63  ? -4.388  -13.554 6.126   1.00 30.04  ? 169 ILE B CB  1 
ATOM 1298 C CG1 . ILE B 2 63  ? -4.651  -13.190 4.668   1.00 31.21  ? 169 ILE B CG1 1 
ATOM 1299 C CG2 . ILE B 2 63  ? -3.101  -14.360 6.305   1.00 32.05  ? 169 ILE B CG2 1 
ATOM 1300 C CD1 . ILE B 2 63  ? -3.497  -12.459 3.994   1.00 29.49  ? 169 ILE B CD1 1 
ATOM 1301 N N   . SER B 2 64  ? -6.494  -15.839 5.055   1.00 38.21  ? 170 SER B N   1 
ATOM 1302 C CA  . SER B 2 64  ? -6.671  -17.162 4.473   1.00 42.34  ? 170 SER B CA  1 
ATOM 1303 C C   . SER B 2 64  ? -7.186  -17.000 3.060   1.00 43.24  ? 170 SER B C   1 
ATOM 1304 O O   . SER B 2 64  ? -7.587  -15.904 2.666   1.00 41.21  ? 170 SER B O   1 
ATOM 1305 C CB  . SER B 2 64  ? -7.716  -17.954 5.264   1.00 46.67  ? 170 SER B CB  1 
ATOM 1306 O OG  . SER B 2 64  ? -9.008  -17.340 5.245   1.00 46.30  ? 170 SER B OG  1 
ATOM 1307 N N   . ARG B 2 65  ? -7.190  -18.099 2.314   1.00 46.23  ? 171 ARG B N   1 
ATOM 1308 C CA  . ARG B 2 65  ? -7.670  -18.015 0.941   1.00 46.61  ? 171 ARG B CA  1 
ATOM 1309 C C   . ARG B 2 65  ? -8.198  -19.338 0.401   1.00 48.28  ? 171 ARG B C   1 
ATOM 1310 O O   . ARG B 2 65  ? -8.001  -20.399 0.999   1.00 52.48  ? 171 ARG B O   1 
ATOM 1311 C CB  . ARG B 2 65  ? -6.549  -17.523 0.040   1.00 46.71  ? 171 ARG B CB  1 
ATOM 1312 C CG  . ARG B 2 65  ? -5.374  -18.485 0.002   1.00 49.24  ? 171 ARG B CG  1 
ATOM 1313 C CD  . ARG B 2 65  ? -4.803  -18.376 -1.404  1.00 49.96  ? 171 ARG B CD  1 
ATOM 1314 N NE  . ARG B 2 65  ? -3.723  -17.403 -1.419  1.00 47.14  ? 171 ARG B NE  1 
ATOM 1315 C CZ  . ARG B 2 65  ? -3.298  -16.949 -2.573  1.00 45.85  ? 171 ARG B CZ  1 
ATOM 1316 N NH1 . ARG B 2 65  ? -3.901  -17.285 -3.661  1.00 47.71  ? 171 ARG B NH1 1 
ATOM 1317 N NH2 . ARG B 2 65  ? -2.266  -16.170 -2.637  1.00 42.05  ? 171 ARG B NH2 1 
ATOM 1318 N N   . ASP B 2 66  ? -8.861  -19.226 -0.754  1.00 47.44  ? 172 ASP B N   1 
ATOM 1319 C CA  . ASP B 2 66  ? -9.452  -20.372 -1.420  1.00 48.07  ? 172 ASP B CA  1 
ATOM 1320 C C   . ASP B 2 66  ? -9.012  -20.234 -2.868  1.00 46.23  ? 172 ASP B C   1 
ATOM 1321 O O   . ASP B 2 66  ? -9.646  -19.526 -3.647  1.00 44.64  ? 172 ASP B O   1 
ATOM 1322 C CB  . ASP B 2 66  ? -10.983 -20.263 -1.316  1.00 48.30  ? 172 ASP B CB  1 
ATOM 1323 C CG  . ASP B 2 66  ? -11.685 -21.537 -1.719  1.00 50.90  ? 172 ASP B CG  1 
ATOM 1324 O OD1 . ASP B 2 66  ? -11.231 -22.120 -2.696  1.00 49.43  ? 172 ASP B OD1 1 
ATOM 1325 O OD2 . ASP B 2 66  ? -12.655 -21.971 -1.068  1.00 54.24  ? 172 ASP B OD2 1 
ATOM 1326 N N   . SER B 2 67  ? -7.960  -20.965 -3.234  1.00 48.91  ? 173 SER B N   1 
ATOM 1327 C CA  . SER B 2 67  ? -7.446  -20.924 -4.604  1.00 49.77  ? 173 SER B CA  1 
ATOM 1328 C C   . SER B 2 67  ? -8.504  -21.420 -5.599  1.00 47.17  ? 173 SER B C   1 
ATOM 1329 O O   . SER B 2 67  ? -8.440  -21.072 -6.778  1.00 46.93  ? 173 SER B O   1 
ATOM 1330 C CB  . SER B 2 67  ? -6.128  -21.731 -4.698  1.00 55.25  ? 173 SER B CB  1 
ATOM 1331 O OG  . SER B 2 67  ? -4.957  -21.050 -4.213  1.00 57.11  ? 173 SER B OG  1 
ATOM 1332 N N   . SER B 2 68  ? -9.474  -22.207 -5.113  1.00 46.48  ? 174 SER B N   1 
ATOM 1333 C CA  . SER B 2 68  ? -10.522 -22.741 -5.977  1.00 46.19  ? 174 SER B CA  1 
ATOM 1334 C C   . SER B 2 68  ? -11.604 -21.711 -6.268  1.00 43.18  ? 174 SER B C   1 
ATOM 1335 O O   . SER B 2 68  ? -11.935 -21.467 -7.426  1.00 43.41  ? 174 SER B O   1 
ATOM 1336 C CB  . SER B 2 68  ? -11.135 -24.007 -5.351  1.00 49.50  ? 174 SER B CB  1 
ATOM 1337 O OG  . SER B 2 68  ? -11.995 -23.756 -4.243  1.00 49.88  ? 174 SER B OG  1 
ATOM 1338 N N   . LYS B 2 69  ? -12.142 -21.088 -5.225  1.00 42.59  ? 175 LYS B N   1 
ATOM 1339 C CA  . LYS B 2 69  ? -13.230 -20.148 -5.429  1.00 43.60  ? 175 LYS B CA  1 
ATOM 1340 C C   . LYS B 2 69  ? -12.675 -18.745 -5.644  1.00 43.53  ? 175 LYS B C   1 
ATOM 1341 O O   . LYS B 2 69  ? -13.460 -17.817 -5.816  1.00 44.73  ? 175 LYS B O   1 
ATOM 1342 C CB  . LYS B 2 69  ? -14.186 -20.210 -4.229  1.00 45.90  ? 175 LYS B CB  1 
ATOM 1343 C CG  . LYS B 2 69  ? -15.614 -19.731 -4.508  1.00 47.49  ? 175 LYS B CG  1 
ATOM 1344 C CD  . LYS B 2 69  ? -16.511 -19.772 -3.267  1.00 53.93  ? 175 LYS B CD  1 
ATOM 1345 C CE  . LYS B 2 69  ? -17.777 -18.928 -3.448  1.00 56.82  ? 175 LYS B CE  1 
ATOM 1346 N NZ  . LYS B 2 69  ? -18.528 -18.747 -2.194  1.00 66.37  ? 175 LYS B NZ  1 
ATOM 1347 N N   . SER B 2 70  ? -11.355 -18.580 -5.649  1.00 42.79  ? 176 SER B N   1 
ATOM 1348 C CA  . SER B 2 70  ? -10.799 -17.249 -5.873  1.00 43.83  ? 176 SER B CA  1 
ATOM 1349 C C   . SER B 2 70  ? -11.315 -16.269 -4.823  1.00 45.34  ? 176 SER B C   1 
ATOM 1350 O O   . SER B 2 70  ? -12.025 -15.311 -5.149  1.00 46.95  ? 176 SER B O   1 
ATOM 1351 C CB  . SER B 2 70  ? -11.069 -16.767 -7.307  1.00 44.38  ? 176 SER B CB  1 
ATOM 1352 O OG  . SER B 2 70  ? -10.329 -17.471 -8.310  1.00 46.48  ? 176 SER B OG  1 
ATOM 1353 N N   . GLN B 2 71  ? -10.948 -16.547 -3.572  1.00 45.11  ? 177 GLN B N   1 
ATOM 1354 C CA  . GLN B 2 71  ? -11.385 -15.706 -2.467  1.00 47.42  ? 177 GLN B CA  1 
ATOM 1355 C C   . GLN B 2 71  ? -10.235 -15.465 -1.516  1.00 46.20  ? 177 GLN B C   1 
ATOM 1356 O O   . GLN B 2 71  ? -9.446  -16.362 -1.203  1.00 45.37  ? 177 GLN B O   1 
ATOM 1357 C CB  . GLN B 2 71  ? -12.433 -16.469 -1.671  1.00 49.79  ? 177 GLN B CB  1 
ATOM 1358 C CG  . GLN B 2 71  ? -13.857 -16.087 -2.038  1.00 53.07  ? 177 GLN B CG  1 
ATOM 1359 C CD  . GLN B 2 71  ? -14.298 -14.919 -1.249  1.00 57.33  ? 177 GLN B CD  1 
ATOM 1360 O OE1 . GLN B 2 71  ? -13.637 -14.562 -0.276  1.00 56.14  ? 177 GLN B OE1 1 
ATOM 1361 N NE2 . GLN B 2 71  ? -15.435 -14.387 -1.653  1.00 62.09  ? 177 GLN B NE2 1 
ATOM 1362 N N   . VAL B 2 72  ? -10.171 -14.241 -1.046  1.00 46.15  ? 178 VAL B N   1 
ATOM 1363 C CA  . VAL B 2 72  ? -9.223  -13.952 0.014   1.00 43.90  ? 178 VAL B CA  1 
ATOM 1364 C C   . VAL B 2 72  ? -9.976  -13.517 1.233   1.00 43.98  ? 178 VAL B C   1 
ATOM 1365 O O   . VAL B 2 72  ? -10.996 -12.845 1.090   1.00 46.23  ? 178 VAL B O   1 
ATOM 1366 C CB  . VAL B 2 72  ? -8.212  -12.937 -0.458  1.00 41.67  ? 178 VAL B CB  1 
ATOM 1367 C CG1 . VAL B 2 72  ? -8.883  -11.637 -0.710  1.00 41.27  ? 178 VAL B CG1 1 
ATOM 1368 C CG2 . VAL B 2 72  ? -7.169  -12.439 0.509   1.00 38.49  ? 178 VAL B CG2 1 
ATOM 1369 N N   . LEU B 2 73  ? -9.555  -14.000 2.403   1.00 41.89  ? 179 LEU B N   1 
ATOM 1370 C CA  . LEU B 2 73  ? -10.315 -13.735 3.629   1.00 41.47  ? 179 LEU B CA  1 
ATOM 1371 C C   . LEU B 2 73  ? -9.465  -13.070 4.710   1.00 37.16  ? 179 LEU B C   1 
ATOM 1372 O O   . LEU B 2 73  ? -8.248  -13.276 4.785   1.00 34.91  ? 179 LEU B O   1 
ATOM 1373 C CB  . LEU B 2 73  ? -10.926 -15.013 4.206   1.00 45.61  ? 179 LEU B CB  1 
ATOM 1374 C CG  . LEU B 2 73  ? -12.033 -15.640 3.372   1.00 52.04  ? 179 LEU B CG  1 
ATOM 1375 C CD1 . LEU B 2 73  ? -12.497 -14.776 2.233   1.00 52.24  ? 179 LEU B CD1 1 
ATOM 1376 C CD2 . LEU B 2 73  ? -11.603 -17.000 2.852   1.00 52.07  ? 179 LEU B CD2 1 
ATOM 1377 N N   . LEU B 2 74  ? -10.149 -12.275 5.542   1.00 37.77  ? 180 LEU B N   1 
ATOM 1378 C CA  . LEU B 2 74  ? -9.521  -11.664 6.710   1.00 34.72  ? 180 LEU B CA  1 
ATOM 1379 C C   . LEU B 2 74  ? -10.503 -11.898 7.856   1.00 37.48  ? 180 LEU B C   1 
ATOM 1380 O O   . LEU B 2 74  ? -11.648 -11.451 7.815   1.00 41.10  ? 180 LEU B O   1 
ATOM 1381 C CB  . LEU B 2 74  ? -9.264  -10.165 6.500   1.00 32.79  ? 180 LEU B CB  1 
ATOM 1382 C CG  . LEU B 2 74  ? -8.372  -9.567  7.582   1.00 30.34  ? 180 LEU B CG  1 
ATOM 1383 C CD1 . LEU B 2 74  ? -7.013  -10.265 7.627   1.00 28.43  ? 180 LEU B CD1 1 
ATOM 1384 C CD2 . LEU B 2 74  ? -8.249  -8.087  7.304   1.00 30.95  ? 180 LEU B CD2 1 
ATOM 1385 N N   . LYS B 2 75  ? -10.076 -12.635 8.870   1.00 38.68  ? 181 LYS B N   1 
ATOM 1386 C CA  . LYS B 2 75  ? -10.978 -12.934 9.982   1.00 45.70  ? 181 LYS B CA  1 
ATOM 1387 C C   . LYS B 2 75  ? -10.497 -12.189 11.216  1.00 44.49  ? 181 LYS B C   1 
ATOM 1388 O O   . LYS B 2 75  ? -9.597  -12.650 11.918  1.00 45.30  ? 181 LYS B O   1 
ATOM 1389 C CB  . LYS B 2 75  ? -11.017 -14.442 10.251  1.00 52.07  ? 181 LYS B CB  1 
ATOM 1390 C CG  . LYS B 2 75  ? -11.812 -14.851 11.494  1.00 63.46  ? 181 LYS B CG  1 
ATOM 1391 C CD  . LYS B 2 75  ? -13.264 -14.398 11.419  1.00 68.13  ? 181 LYS B CD  1 
ATOM 1392 C CE  . LYS B 2 75  ? -13.920 -14.852 10.128  1.00 71.15  ? 181 LYS B CE  1 
ATOM 1393 N NZ  . LYS B 2 75  ? -15.327 -14.451 10.151  1.00 77.60  ? 181 LYS B NZ  1 
ATOM 1394 N N   . MET B 2 76  ? -11.087 -11.027 11.453  1.00 42.28  ? 182 MET B N   1 
ATOM 1395 C CA  . MET B 2 76  ? -10.716 -10.215 12.602  1.00 40.66  ? 182 MET B CA  1 
ATOM 1396 C C   . MET B 2 76  ? -11.470 -10.617 13.847  1.00 47.65  ? 182 MET B C   1 
ATOM 1397 O O   . MET B 2 76  ? -12.675 -10.886 13.815  1.00 52.01  ? 182 MET B O   1 
ATOM 1398 C CB  . MET B 2 76  ? -11.077 -8.771  12.293  1.00 39.52  ? 182 MET B CB  1 
ATOM 1399 C CG  . MET B 2 76  ? -10.532 -8.412  10.921  1.00 36.75  ? 182 MET B CG  1 
ATOM 1400 S SD  . MET B 2 76  ? -11.515 -7.085  10.238  1.00 36.87  ? 182 MET B SD  1 
ATOM 1401 C CE  . MET B 2 76  ? -10.496 -5.735  10.805  1.00 37.18  ? 182 MET B CE  1 
ATOM 1402 N N   . ASN B 2 77  ? -10.720 -10.712 14.943  1.00 48.44  ? 183 ASN B N   1 
ATOM 1403 C CA  . ASN B 2 77  ? -11.293 -11.188 16.200  1.00 54.78  ? 183 ASN B CA  1 
ATOM 1404 C C   . ASN B 2 77  ? -10.811 -10.277 17.316  1.00 54.00  ? 183 ASN B C   1 
ATOM 1405 O O   . ASN B 2 77  ? -9.668  -9.812  17.279  1.00 50.83  ? 183 ASN B O   1 
ATOM 1406 C CB  . ASN B 2 77  ? -10.796 -12.597 16.521  1.00 62.41  ? 183 ASN B CB  1 
ATOM 1407 C CG  . ASN B 2 77  ? -11.092 -13.590 15.413  1.00 65.77  ? 183 ASN B CG  1 
ATOM 1408 O OD1 . ASN B 2 77  ? -11.610 -13.305 14.344  1.00 62.57  ? 183 ASN B OD1 1 
ATOM 1409 N ND2 . ASN B 2 77  ? -10.766 -14.825 15.645  1.00 73.51  ? 183 ASN B ND2 1 
ATOM 1410 N N   . SER B 2 78  ? -11.683 -10.021 18.289  1.00 57.43  ? 184 SER B N   1 
ATOM 1411 C CA  . SER B 2 78  ? -11.281 -9.204  19.429  1.00 58.71  ? 184 SER B CA  1 
ATOM 1412 C C   . SER B 2 78  ? -11.005 -7.799  18.941  1.00 52.82  ? 184 SER B C   1 
ATOM 1413 O O   . SER B 2 78  ? -10.039 -7.173  19.380  1.00 53.92  ? 184 SER B O   1 
ATOM 1414 C CB  . SER B 2 78  ? -10.033 -9.782  20.109  1.00 62.23  ? 184 SER B CB  1 
ATOM 1415 O OG  . SER B 2 78  ? -10.153 -11.177 20.395  1.00 69.91  ? 184 SER B OG  1 
ATOM 1416 N N   . LEU B 2 79  ? -11.847 -7.340  18.024  1.00 48.10  ? 185 LEU B N   1 
ATOM 1417 C CA  . LEU B 2 79  ? -11.642 -6.028  17.432  1.00 46.02  ? 185 LEU B CA  1 
ATOM 1418 C C   . LEU B 2 79  ? -11.391 -4.919  18.436  1.00 49.58  ? 185 LEU B C   1 
ATOM 1419 O O   . LEU B 2 79  ? -11.992 -4.876  19.504  1.00 54.93  ? 185 LEU B O   1 
ATOM 1420 C CB  . LEU B 2 79  ? -12.880 -5.676  16.621  1.00 42.48  ? 185 LEU B CB  1 
ATOM 1421 C CG  . LEU B 2 79  ? -12.805 -6.336  15.260  1.00 41.46  ? 185 LEU B CG  1 
ATOM 1422 C CD1 . LEU B 2 79  ? -14.017 -6.004  14.456  1.00 40.96  ? 185 LEU B CD1 1 
ATOM 1423 C CD2 . LEU B 2 79  ? -11.573 -5.860  14.511  1.00 39.14  ? 185 LEU B CD2 1 
ATOM 1424 N N   . GLN B 2 80  ? -10.490 -4.012  18.089  1.00 49.99  ? 186 GLN B N   1 
ATOM 1425 C CA  . GLN B 2 80  ? -10.194 -2.884  18.962  1.00 58.61  ? 186 GLN B CA  1 
ATOM 1426 C C   . GLN B 2 80  ? -10.649 -1.634  18.220  1.00 58.14  ? 186 GLN B C   1 
ATOM 1427 O O   . GLN B 2 80  ? -10.886 -1.712  17.014  1.00 52.06  ? 186 GLN B O   1 
ATOM 1428 C CB  . GLN B 2 80  ? -8.680  -2.773  19.174  1.00 63.69  ? 186 GLN B CB  1 
ATOM 1429 C CG  . GLN B 2 80  ? -8.074  -3.907  20.000  1.00 64.39  ? 186 GLN B CG  1 
ATOM 1430 C CD  . GLN B 2 80  ? -6.583  -3.741  20.188  1.00 70.28  ? 186 GLN B CD  1 
ATOM 1431 O OE1 . GLN B 2 80  ? -6.008  -4.067  21.223  1.00 76.70  ? 186 GLN B OE1 1 
ATOM 1432 N NE2 . GLN B 2 80  ? -5.941  -3.248  19.172  1.00 68.81  ? 186 GLN B NE2 1 
ATOM 1433 N N   . THR B 2 81  ? -10.698 -0.485  18.919  1.00 65.88  ? 187 THR B N   1 
ATOM 1434 C CA  . THR B 2 81  ? -11.147 0.786   18.323  1.00 66.98  ? 187 THR B CA  1 
ATOM 1435 C C   . THR B 2 81  ? -10.215 1.194   17.188  1.00 66.11  ? 187 THR B C   1 
ATOM 1436 O O   . THR B 2 81  ? -10.625 1.783   16.191  1.00 62.85  ? 187 THR B O   1 
ATOM 1437 C CB  . THR B 2 81  ? -11.131 1.925   19.375  1.00 78.51  ? 187 THR B CB  1 
ATOM 1438 O OG1 . THR B 2 81  ? -11.550 3.166   18.788  1.00 80.09  ? 187 THR B OG1 1 
ATOM 1439 C CG2 . THR B 2 81  ? -9.793  2.071   20.118  1.00 87.64  ? 187 THR B CG2 1 
ATOM 1440 N N   . GLU B 2 82  ? -8.940  0.841   17.353  1.00 69.76  ? 188 GLU B N   1 
ATOM 1441 C CA  . GLU B 2 82  ? -7.912  1.215   16.389  1.00 70.39  ? 188 GLU B CA  1 
ATOM 1442 C C   . GLU B 2 82  ? -7.933  0.378   15.114  1.00 61.07  ? 188 GLU B C   1 
ATOM 1443 O O   . GLU B 2 82  ? -7.080  0.573   14.247  1.00 60.13  ? 188 GLU B O   1 
ATOM 1444 C CB  . GLU B 2 82  ? -6.548  1.036   17.059  1.00 77.62  ? 188 GLU B CB  1 
ATOM 1445 C CG  . GLU B 2 82  ? -6.110  -0.426  17.033  1.00 71.54  ? 188 GLU B CG  1 
ATOM 1446 C CD  . GLU B 2 82  ? -4.874  -0.627  17.874  1.00 78.63  ? 188 GLU B CD  1 
ATOM 1447 O OE1 . GLU B 2 82  ? -4.976  -0.484  19.112  1.00 85.65  ? 188 GLU B OE1 1 
ATOM 1448 O OE2 . GLU B 2 82  ? -3.810  -0.965  17.314  1.00 76.30  ? 188 GLU B OE2 1 
ATOM 1449 N N   . ASP B 2 83  ? -8.882  -0.545  14.964  1.00 54.27  ? 189 ASP B N   1 
ATOM 1450 C CA  . ASP B 2 83  ? -8.922  -1.321  13.733  1.00 48.42  ? 189 ASP B CA  1 
ATOM 1451 C C   . ASP B 2 83  ? -9.839  -0.619  12.756  1.00 45.49  ? 189 ASP B C   1 
ATOM 1452 O O   . ASP B 2 83  ? -9.934  -1.015  11.596  1.00 41.74  ? 189 ASP B O   1 
ATOM 1453 C CB  . ASP B 2 83  ? -9.440  -2.724  13.985  1.00 45.00  ? 189 ASP B CB  1 
ATOM 1454 C CG  . ASP B 2 83  ? -8.535  -3.415  14.937  1.00 46.35  ? 189 ASP B CG  1 
ATOM 1455 O OD1 . ASP B 2 83  ? -7.312  -3.156  14.994  1.00 49.04  ? 189 ASP B OD1 1 
ATOM 1456 O OD2 . ASP B 2 83  ? -9.105  -4.234  15.651  1.00 45.23  ? 189 ASP B OD2 1 
ATOM 1457 N N   . THR B 2 84  ? -10.528 0.410   13.231  1.00 47.59  ? 190 THR B N   1 
ATOM 1458 C CA  . THR B 2 84  ? -11.386 1.194   12.350  1.00 45.70  ? 190 THR B CA  1 
ATOM 1459 C C   . THR B 2 84  ? -10.584 1.684   11.159  1.00 44.35  ? 190 THR B C   1 
ATOM 1460 O O   . THR B 2 84  ? -9.552  2.324   11.367  1.00 47.09  ? 190 THR B O   1 
ATOM 1461 C CB  . THR B 2 84  ? -11.849 2.435   13.128  1.00 50.40  ? 190 THR B CB  1 
ATOM 1462 O OG1 . THR B 2 84  ? -12.474 2.111   14.369  1.00 52.84  ? 190 THR B OG1 1 
ATOM 1463 C CG2 . THR B 2 84  ? -12.781 3.266   12.254  1.00 50.00  ? 190 THR B CG2 1 
ATOM 1464 N N   . ALA B 2 85  ? -11.047 1.401   9.944   1.00 40.74  ? 191 ALA B N   1 
ATOM 1465 C CA  . ALA B 2 85  ? -10.295 1.845   8.778   1.00 39.42  ? 191 ALA B CA  1 
ATOM 1466 C C   . ALA B 2 85  ? -10.881 1.189   7.545   1.00 35.33  ? 191 ALA B C   1 
ATOM 1467 O O   . ALA B 2 85  ? -11.758 0.330   7.659   1.00 35.61  ? 191 ALA B O   1 
ATOM 1468 C CB  . ALA B 2 85  ? -8.833  1.416   8.881   1.00 38.41  ? 191 ALA B CB  1 
ATOM 1469 N N   . MET B 2 86  ? -10.392 1.617   6.382   1.00 35.32  ? 192 MET B N   1 
ATOM 1470 C CA  . MET B 2 86  ? -10.822 1.031   5.118   1.00 34.28  ? 192 MET B CA  1 
ATOM 1471 C C   . MET B 2 86  ? -9.899  -0.138  4.865   1.00 29.15  ? 192 MET B C   1 
ATOM 1472 O O   . MET B 2 86  ? -8.696  -0.046  5.103   1.00 27.20  ? 192 MET B O   1 
ATOM 1473 C CB  . MET B 2 86  ? -10.625 2.068   4.005   1.00 36.85  ? 192 MET B CB  1 
ATOM 1474 C CG  . MET B 2 86  ? -11.904 2.785   3.570   1.00 44.57  ? 192 MET B CG  1 
ATOM 1475 S SD  . MET B 2 86  ? -12.764 1.803   2.333   1.00 47.25  ? 192 MET B SD  1 
ATOM 1476 C CE  . MET B 2 86  ? -13.951 3.036   1.788   1.00 60.04  ? 192 MET B CE  1 
ATOM 1477 N N   . TYR B 2 87  ? -10.446 -1.248  4.399   1.00 28.17  ? 193 TYR B N   1 
ATOM 1478 C CA  . TYR B 2 87  ? -9.590  -2.410  4.199   1.00 27.30  ? 193 TYR B CA  1 
ATOM 1479 C C   . TYR B 2 87  ? -9.537  -2.762  2.721   1.00 26.14  ? 193 TYR B C   1 
ATOM 1480 O O   . TYR B 2 87  ? -10.571 -2.847  2.047   1.00 29.18  ? 193 TYR B O   1 
ATOM 1481 C CB  . TYR B 2 87  ? -10.085 -3.589  5.048   1.00 29.08  ? 193 TYR B CB  1 
ATOM 1482 C CG  . TYR B 2 87  ? -9.711  -3.451  6.528   1.00 30.81  ? 193 TYR B CG  1 
ATOM 1483 C CD1 . TYR B 2 87  ? -10.270 -2.500  7.300   1.00 32.16  ? 193 TYR B CD1 1 
ATOM 1484 C CD2 . TYR B 2 87  ? -8.814  -4.284  7.085   1.00 31.75  ? 193 TYR B CD2 1 
ATOM 1485 C CE1 . TYR B 2 87  ? -9.934  -2.365  8.590   1.00 34.87  ? 193 TYR B CE1 1 
ATOM 1486 C CE2 . TYR B 2 87  ? -8.481  -4.157  8.389   1.00 33.95  ? 193 TYR B CE2 1 
ATOM 1487 C CZ  . TYR B 2 87  ? -9.041  -3.192  9.146   1.00 35.83  ? 193 TYR B CZ  1 
ATOM 1488 O OH  . TYR B 2 87  ? -8.740  -3.046  10.483  1.00 38.57  ? 193 TYR B OH  1 
ATOM 1489 N N   . PHE B 2 88  ? -8.300  -2.959  2.263   1.00 24.47  ? 194 PHE B N   1 
ATOM 1490 C CA  . PHE B 2 88  ? -8.025  -3.298  0.870   1.00 24.15  ? 194 PHE B CA  1 
ATOM 1491 C C   . PHE B 2 88  ? -7.223  -4.594  0.817   1.00 24.58  ? 194 PHE B C   1 
ATOM 1492 O O   . PHE B 2 88  ? -6.572  -4.992  1.784   1.00 24.46  ? 194 PHE B O   1 
ATOM 1493 C CB  . PHE B 2 88  ? -7.122  -2.238  0.211   1.00 23.47  ? 194 PHE B CB  1 
ATOM 1494 C CG  . PHE B 2 88  ? -7.657  -0.807  0.206   1.00 25.42  ? 194 PHE B CG  1 
ATOM 1495 C CD1 . PHE B 2 88  ? -8.611  -0.432  -0.665  1.00 30.43  ? 194 PHE B CD1 1 
ATOM 1496 C CD2 . PHE B 2 88  ? -7.150  0.100   1.061   1.00 24.15  ? 194 PHE B CD2 1 
ATOM 1497 C CE1 . PHE B 2 88  ? -9.072  0.832   -0.662  1.00 35.65  ? 194 PHE B CE1 1 
ATOM 1498 C CE2 . PHE B 2 88  ? -7.614  1.363   1.066   1.00 28.37  ? 194 PHE B CE2 1 
ATOM 1499 C CZ  . PHE B 2 88  ? -8.578  1.726   0.209   1.00 33.78  ? 194 PHE B CZ  1 
ATOM 1500 N N   . CYS B 2 89  ? -7.284  -5.203  -0.363  1.00 25.61  ? 195 CYS B N   1 
ATOM 1501 C CA  . CYS B 2 89  ? -6.506  -6.394  -0.658  1.00 26.01  ? 195 CYS B CA  1 
ATOM 1502 C C   . CYS B 2 89  ? -5.758  -6.102  -1.949  1.00 24.85  ? 195 CYS B C   1 
ATOM 1503 O O   . CYS B 2 89  ? -6.225  -5.310  -2.775  1.00 26.34  ? 195 CYS B O   1 
ATOM 1504 C CB  . CYS B 2 89  ? -7.445  -7.589  -0.834  1.00 29.95  ? 195 CYS B CB  1 
ATOM 1505 S SG  . CYS B 2 89  ? -9.137  -7.002  -1.093  1.00 33.94  ? 195 CYS B SG  1 
ATOM 1506 N N   . ALA B 2 90  ? -4.598  -6.728  -2.101  1.00 22.98  ? 196 ALA B N   1 
ATOM 1507 C CA  . ALA B 2 90  ? -3.780  -6.478  -3.278  1.00 21.57  ? 196 ALA B CA  1 
ATOM 1508 C C   . ALA B 2 90  ? -2.956  -7.712  -3.605  1.00 21.49  ? 196 ALA B C   1 
ATOM 1509 O O   . ALA B 2 90  ? -2.691  -8.521  -2.730  1.00 20.66  ? 196 ALA B O   1 
ATOM 1510 C CB  . ALA B 2 90  ? -2.859  -5.300  -3.036  1.00 18.76  ? 196 ALA B CB  1 
ATOM 1511 N N   . ARG B 2 91  ? -2.566  -7.846  -4.864  1.00 23.03  ? 197 ARG B N   1 
ATOM 1512 C CA  . ARG B 2 91  ? -1.698  -8.935  -5.276  1.00 23.34  ? 197 ARG B CA  1 
ATOM 1513 C C   . ARG B 2 91  ? -0.277  -8.448  -5.308  1.00 21.24  ? 197 ARG B C   1 
ATOM 1514 O O   . ARG B 2 91  ? -0.018  -7.289  -5.569  1.00 20.75  ? 197 ARG B O   1 
ATOM 1515 C CB  . ARG B 2 91  ? -2.039  -9.479  -6.663  1.00 30.00  ? 197 ARG B CB  1 
ATOM 1516 C CG  . ARG B 2 91  ? -3.248  -8.851  -7.344  1.00 34.78  ? 197 ARG B CG  1 
ATOM 1517 C CD  . ARG B 2 91  ? -2.895  -7.796  -8.397  1.00 41.02  ? 197 ARG B CD  1 
ATOM 1518 N NE  . ARG B 2 91  ? -3.666  -7.934  -9.631  1.00 51.44  ? 197 ARG B NE  1 
ATOM 1519 C CZ  . ARG B 2 91  ? -3.809  -6.911  -10.479 1.00 60.61  ? 197 ARG B CZ  1 
ATOM 1520 N NH1 . ARG B 2 91  ? -3.264  -5.749  -10.253 1.00 59.51  ? 197 ARG B NH1 1 
ATOM 1521 N NH2 . ARG B 2 91  ? -4.502  -7.026  -11.581 1.00 71.39  ? 197 ARG B NH2 1 
ATOM 1522 N N   . SER B 2 92  ? 0.668   -9.314  -5.055  1.00 21.23  ? 198 SER B N   1 
ATOM 1523 C CA  . SER B 2 92  ? 2.046   -8.860  -4.917  1.00 20.94  ? 198 SER B CA  1 
ATOM 1524 C C   . SER B 2 92  ? 2.851   -9.291  -6.123  1.00 26.69  ? 198 SER B C   1 
ATOM 1525 O O   . SER B 2 92  ? 2.559   -10.313 -6.743  1.00 30.99  ? 198 SER B O   1 
ATOM 1526 C CB  . SER B 2 92  ? 2.624   -9.493  -3.657  1.00 18.84  ? 198 SER B CB  1 
ATOM 1527 O OG  . SER B 2 92  ? 2.060   -8.973  -2.460  1.00 17.41  ? 198 SER B OG  1 
ATOM 1528 N N   . GLN B 2 93  ? 3.862   -8.519  -6.479  1.00 28.71  ? 199 GLN B N   1 
ATOM 1529 C CA  . GLN B 2 93  ? 4.665   -8.897  -7.622  1.00 36.44  ? 199 GLN B CA  1 
ATOM 1530 C C   . GLN B 2 93  ? 6.062   -8.595  -7.170  1.00 35.77  ? 199 GLN B C   1 
ATOM 1531 O O   . GLN B 2 93  ? 6.278   -8.085  -6.074  1.00 31.15  ? 199 GLN B O   1 
ATOM 1532 C CB  . GLN B 2 93  ? 4.354   -8.026  -8.839  1.00 42.91  ? 199 GLN B CB  1 
ATOM 1533 C CG  . GLN B 2 93  ? 2.919   -8.127  -9.343  1.00 45.39  ? 199 GLN B CG  1 
ATOM 1534 C CD  . GLN B 2 93  ? 2.665   -7.176  -10.498 1.00 53.64  ? 199 GLN B CD  1 
ATOM 1535 O OE1 . GLN B 2 93  ? 3.526   -6.407  -10.927 1.00 54.69  ? 199 GLN B OE1 1 
ATOM 1536 N NE2 . GLN B 2 93  ? 1.451   -7.233  -11.010 1.00 58.70  ? 199 GLN B NE2 1 
ATOM 1537 N N   . LEU B 2 94  ? 6.972   -8.916  -8.053  1.00 43.73  ? 200 LEU B N   1 
ATOM 1538 C CA  . LEU B 2 94  ? 8.397   -8.865  -7.782  1.00 44.61  ? 200 LEU B CA  1 
ATOM 1539 C C   . LEU B 2 94  ? 9.258   -8.597  -9.016  1.00 52.56  ? 200 LEU B C   1 
ATOM 1540 O O   . LEU B 2 94  ? 10.179  -7.812  -8.813  1.00 50.71  ? 200 LEU B O   1 
ATOM 1541 C CB  . LEU B 2 94  ? 8.905   -10.072 -7.012  1.00 43.18  ? 200 LEU B CB  1 
ATOM 1542 C CG  . LEU B 2 94  ? 8.680   -11.482 -7.566  1.00 61.98  ? 200 LEU B CG  1 
ATOM 1543 C CD1 . LEU B 2 94  ? 7.239   -11.981 -7.626  1.00 55.72  ? 200 LEU B CD1 1 
ATOM 1544 C CD2 . LEU B 2 94  ? 9.537   -11.974 -8.733  1.00 79.13  ? 200 LEU B CD2 1 
ATOM 1545 N N   . PRO B 2 95  ? 9.053   -9.217  -10.206 1.00 61.89  ? 201 PRO B N   1 
ATOM 1546 C CA  . PRO B 2 95  ? 9.796   -8.961  -11.430 1.00 69.00  ? 201 PRO B CA  1 
ATOM 1547 C C   . PRO B 2 95  ? 11.156  -8.319  -11.330 1.00 75.16  ? 201 PRO B C   1 
ATOM 1548 O O   . PRO B 2 95  ? 11.367  -7.190  -11.763 1.00 85.95  ? 201 PRO B O   1 
ATOM 1549 C CB  . PRO B 2 95  ? 8.729   -8.349  -12.329 1.00 71.63  ? 201 PRO B CB  1 
ATOM 1550 C CG  . PRO B 2 95  ? 7.523   -9.242  -12.007 1.00 73.53  ? 201 PRO B CG  1 
ATOM 1551 C CD  . PRO B 2 95  ? 7.801   -9.844  -10.625 1.00 63.88  ? 201 PRO B CD  1 
ATOM 1552 N N   . GLY B 2 96  ? 12.060  -9.016  -10.667 1.00 74.79  ? 202 GLY B N   1 
ATOM 1553 C CA  . GLY B 2 96  ? 13.225  -8.274  -10.225 1.00 91.26  ? 202 GLY B CA  1 
ATOM 1554 C C   . GLY B 2 96  ? 14.221  -9.210  -9.590  1.00 99.03  ? 202 GLY B C   1 
ATOM 1555 O O   . GLY B 2 96  ? 15.354  -8.805  -9.356  1.00 100.00 ? 202 GLY B O   1 
ATOM 1556 N N   . TYR B 2 97  ? 13.793  -10.443 -9.335  1.00 97.67  ? 203 TYR B N   1 
ATOM 1557 C CA  . TYR B 2 97  ? 14.707  -11.490 -8.862  1.00 100.00 ? 203 TYR B CA  1 
ATOM 1558 C C   . TYR B 2 97  ? 14.599  -11.627 -7.361  1.00 100.00 ? 203 TYR B C   1 
ATOM 1559 O O   . TYR B 2 97  ? 15.361  -12.381 -6.762  1.00 100.00 ? 203 TYR B O   1 
ATOM 1560 C CB  . TYR B 2 97  ? 16.183  -11.471 -9.314  1.00 100.00 ? 203 TYR B CB  1 
ATOM 1561 C CG  . TYR B 2 97  ? 16.426  -11.909 -10.744 1.00 100.00 ? 203 TYR B CG  1 
ATOM 1562 C CD1 . TYR B 2 97  ? 16.588  -13.214 -11.003 1.00 100.00 ? 203 TYR B CD1 1 
ATOM 1563 C CD2 . TYR B 2 97  ? 16.514  -11.017 -11.742 1.00 100.00 ? 203 TYR B CD2 1 
ATOM 1564 C CE1 . TYR B 2 97  ? 16.801  -13.631 -12.260 1.00 100.00 ? 203 TYR B CE1 1 
ATOM 1565 C CE2 . TYR B 2 97  ? 16.727  -11.434 -12.999 1.00 100.00 ? 203 TYR B CE2 1 
ATOM 1566 C CZ  . TYR B 2 97  ? 16.859  -12.742 -13.260 1.00 100.00 ? 203 TYR B CZ  1 
ATOM 1567 O OH  . TYR B 2 97  ? 17.044  -13.165 -14.553 1.00 100.00 ? 203 TYR B OH  1 
ATOM 1568 N N   . ASN B 2 98  ? 13.687  -10.916 -6.721  1.00 90.13  ? 204 ASN B N   1 
ATOM 1569 C CA  . ASN B 2 98  ? 13.671  -10.967 -5.261  1.00 88.72  ? 204 ASN B CA  1 
ATOM 1570 C C   . ASN B 2 98  ? 12.225  -10.931 -4.818  1.00 71.55  ? 204 ASN B C   1 
ATOM 1571 O O   . ASN B 2 98  ? 11.346  -10.965 -5.673  1.00 56.88  ? 204 ASN B O   1 
ATOM 1572 C CB  . ASN B 2 98  ? 14.426  -9.785  -4.645  1.00 90.68  ? 204 ASN B CB  1 
ATOM 1573 C CG  . ASN B 2 98  ? 15.934  -9.894  -4.819  1.00 95.43  ? 204 ASN B CG  1 
ATOM 1574 O OD1 . ASN B 2 98  ? 16.531  -10.960 -4.682  1.00 100.00 ? 204 ASN B OD1 1 
ATOM 1575 N ND2 . ASN B 2 98  ? 16.574  -8.784  -5.125  1.00 92.15  ? 204 ASN B ND2 1 
ATOM 1576 N N   . LEU B 2 99  ? 12.080  -10.887 -3.494  1.00 68.91  ? 205 LEU B N   1 
ATOM 1577 C CA  . LEU B 2 99  ? 10.795  -10.913 -2.774  1.00 46.62  ? 205 LEU B CA  1 
ATOM 1578 C C   . LEU B 2 99  ? 9.646   -10.231 -3.479  1.00 35.69  ? 205 LEU B C   1 
ATOM 1579 O O   . LEU B 2 99  ? 9.803   -9.105  -3.949  1.00 34.31  ? 205 LEU B O   1 
ATOM 1580 C CB  . LEU B 2 99  ? 10.984  -10.032 -1.536  1.00 32.96  ? 205 LEU B CB  1 
ATOM 1581 C CG  . LEU B 2 99  ? 11.734  -10.610 -0.341  1.00 40.21  ? 205 LEU B CG  1 
ATOM 1582 C CD1 . LEU B 2 99  ? 11.962  -9.535  0.721   1.00 56.76  ? 205 LEU B CD1 1 
ATOM 1583 C CD2 . LEU B 2 99  ? 10.958  -11.791 0.236   1.00 38.37  ? 205 LEU B CD2 1 
ATOM 1584 N N   . ARG B 2 100 ? 8.480   -10.870 -3.482  1.00 30.08  ? 206 ARG B N   1 
ATOM 1585 C CA  . ARG B 2 100 ? 7.308   -10.273 -4.120  1.00 28.94  ? 206 ARG B CA  1 
ATOM 1586 C C   . ARG B 2 100 ? 6.671   -9.259  -3.189  1.00 26.14  ? 206 ARG B C   1 
ATOM 1587 O O   . ARG B 2 100 ? 5.701   -9.503  -2.480  1.00 22.86  ? 206 ARG B O   1 
ATOM 1588 C CB  . ARG B 2 100 ? 6.273   -11.302 -4.593  1.00 27.76  ? 206 ARG B CB  1 
ATOM 1589 C CG  . ARG B 2 100 ? 5.503   -12.103 -3.542  1.00 25.11  ? 206 ARG B CG  1 
ATOM 1590 C CD  . ARG B 2 100 ? 4.176   -12.650 -4.060  1.00 25.12  ? 206 ARG B CD  1 
ATOM 1591 N NE  . ARG B 2 100 ? 3.455   -13.223 -2.930  1.00 23.92  ? 206 ARG B NE  1 
ATOM 1592 C CZ  . ARG B 2 100 ? 2.504   -14.109 -3.157  1.00 26.31  ? 206 ARG B CZ  1 
ATOM 1593 N NH1 . ARG B 2 100 ? 2.231   -14.496 -4.386  1.00 30.34  ? 206 ARG B NH1 1 
ATOM 1594 N NH2 . ARG B 2 100 ? 1.811   -14.598 -2.149  1.00 28.59  ? 206 ARG B NH2 1 
ATOM 1595 N N   . GLY B 2 101 ? 7.283   -8.112  -3.114  1.00 27.27  ? 207 GLY B N   1 
ATOM 1596 C CA  . GLY B 2 101 ? 7.026   -7.338  -1.927  1.00 25.39  ? 207 GLY B CA  1 
ATOM 1597 C C   . GLY B 2 101 ? 5.852   -6.426  -2.137  1.00 21.19  ? 207 GLY B C   1 
ATOM 1598 O O   . GLY B 2 101 ? 5.182   -6.036  -1.188  1.00 19.43  ? 207 GLY B O   1 
ATOM 1599 N N   . TRP B 2 102 ? 5.622   -5.995  -3.350  1.00 19.96  ? 208 TRP B N   1 
ATOM 1600 C CA  . TRP B 2 102 ? 4.710   -4.878  -3.471  1.00 17.04  ? 208 TRP B CA  1 
ATOM 1601 C C   . TRP B 2 102 ? 3.281   -5.298  -3.680  1.00 15.99  ? 208 TRP B C   1 
ATOM 1602 O O   . TRP B 2 102 ? 2.953   -6.075  -4.571  1.00 17.67  ? 208 TRP B O   1 
ATOM 1603 C CB  . TRP B 2 102 ? 5.180   -3.883  -4.506  1.00 16.55  ? 208 TRP B CB  1 
ATOM 1604 C CG  . TRP B 2 102 ? 5.235   -4.413  -5.911  1.00 20.48  ? 208 TRP B CG  1 
ATOM 1605 C CD1 . TRP B 2 102 ? 4.264   -4.212  -6.874  1.00 22.13  ? 208 TRP B CD1 1 
ATOM 1606 C CD2 . TRP B 2 102 ? 6.295   -4.971  -6.554  1.00 25.85  ? 208 TRP B CD2 1 
ATOM 1607 N NE1 . TRP B 2 102 ? 4.688   -4.729  -8.098  1.00 30.44  ? 208 TRP B NE1 1 
ATOM 1608 C CE2 . TRP B 2 102 ? 5.968   -5.150  -7.841  1.00 31.04  ? 208 TRP B CE2 1 
ATOM 1609 C CE3 . TRP B 2 102 ? 7.505   -5.216  -6.093  1.00 26.56  ? 208 TRP B CE3 1 
ATOM 1610 C CZ2 . TRP B 2 102 ? 6.848   -5.570  -8.715  1.00 37.44  ? 208 TRP B CZ2 1 
ATOM 1611 C CZ3 . TRP B 2 102 ? 8.427   -5.605  -6.979  1.00 31.83  ? 208 TRP B CZ3 1 
ATOM 1612 C CH2 . TRP B 2 102 ? 8.096   -5.762  -8.269  1.00 37.71  ? 208 TRP B CH2 1 
ATOM 1613 N N   . PHE B 2 103 ? 2.444   -4.737  -2.839  1.00 14.32  ? 209 PHE B N   1 
ATOM 1614 C CA  . PHE B 2 103 ? 1.022   -5.019  -2.912  1.00 14.56  ? 209 PHE B CA  1 
ATOM 1615 C C   . PHE B 2 103 ? 0.432   -4.101  -3.977  1.00 16.25  ? 209 PHE B C   1 
ATOM 1616 O O   . PHE B 2 103 ? 0.436   -2.878  -3.868  1.00 15.53  ? 209 PHE B O   1 
ATOM 1617 C CB  . PHE B 2 103 ? 0.420   -4.704  -1.541  1.00 13.82  ? 209 PHE B CB  1 
ATOM 1618 C CG  . PHE B 2 103 ? 1.018   -5.515  -0.407  1.00 15.51  ? 209 PHE B CG  1 
ATOM 1619 C CD1 . PHE B 2 103 ? 1.198   -6.836  -0.523  1.00 16.94  ? 209 PHE B CD1 1 
ATOM 1620 C CD2 . PHE B 2 103 ? 1.279   -4.920  0.763   1.00 16.59  ? 209 PHE B CD2 1 
ATOM 1621 C CE1 . PHE B 2 103 ? 1.619   -7.566  0.521   1.00 19.03  ? 209 PHE B CE1 1 
ATOM 1622 C CE2 . PHE B 2 103 ? 1.695   -5.647  1.807   1.00 18.47  ? 209 PHE B CE2 1 
ATOM 1623 C CZ  . PHE B 2 103 ? 1.857   -6.970  1.691   1.00 19.70  ? 209 PHE B CZ  1 
ATOM 1624 N N   . VAL B 2 104 ? -0.065  -4.732  -5.016  1.00 18.95  ? 210 VAL B N   1 
ATOM 1625 C CA  . VAL B 2 104 ? -0.613  -4.061  -6.180  1.00 24.77  ? 210 VAL B CA  1 
ATOM 1626 C C   . VAL B 2 104 ? -2.114  -4.230  -6.102  1.00 28.30  ? 210 VAL B C   1 
ATOM 1627 O O   . VAL B 2 104 ? -2.674  -5.318  -6.040  1.00 28.48  ? 210 VAL B O   1 
ATOM 1628 C CB  . VAL B 2 104 ? -0.095  -4.646  -7.507  1.00 31.54  ? 210 VAL B CB  1 
ATOM 1629 C CG1 . VAL B 2 104 ? 1.398   -4.787  -7.617  1.00 28.97  ? 210 VAL B CG1 1 
ATOM 1630 C CG2 . VAL B 2 104 ? -0.581  -5.972  -8.057  1.00 36.04  ? 210 VAL B CG2 1 
ATOM 1631 N N   . TYR B 2 105 ? -2.728  -3.084  -6.046  1.00 30.83  ? 211 TYR B N   1 
ATOM 1632 C CA  . TYR B 2 105 ? -4.145  -2.943  -5.718  1.00 33.12  ? 211 TYR B CA  1 
ATOM 1633 C C   . TYR B 2 105 ? -5.049  -3.523  -6.743  1.00 42.38  ? 211 TYR B C   1 
ATOM 1634 O O   . TYR B 2 105 ? -4.622  -3.884  -7.842  1.00 48.19  ? 211 TYR B O   1 
ATOM 1635 C CB  . TYR B 2 105 ? -4.560  -1.502  -5.962  1.00 38.93  ? 211 TYR B CB  1 
ATOM 1636 C CG  . TYR B 2 105 ? -3.660  -0.628  -5.187  1.00 32.18  ? 211 TYR B CG  1 
ATOM 1637 C CD1 . TYR B 2 105 ? -3.906  -0.439  -3.890  1.00 26.88  ? 211 TYR B CD1 1 
ATOM 1638 C CD2 . TYR B 2 105 ? -2.586  -0.105  -5.780  1.00 31.45  ? 211 TYR B CD2 1 
ATOM 1639 C CE1 . TYR B 2 105 ? -3.034  0.236   -3.149  1.00 21.13  ? 211 TYR B CE1 1 
ATOM 1640 C CE2 . TYR B 2 105 ? -1.736  0.576   -5.034  1.00 24.03  ? 211 TYR B CE2 1 
ATOM 1641 C CZ  . TYR B 2 105 ? -1.929  0.715   -3.719  1.00 19.65  ? 211 TYR B CZ  1 
ATOM 1642 O OH  . TYR B 2 105 ? -1.113  1.520   -2.973  1.00 16.25  ? 211 TYR B OH  1 
ATOM 1643 N N   . TRP B 2 106 ? -6.321  -3.519  -6.342  1.00 45.00  ? 212 TRP B N   1 
ATOM 1644 C CA  . TRP B 2 106 ? -7.386  -3.925  -7.236  1.00 55.21  ? 212 TRP B CA  1 
ATOM 1645 C C   . TRP B 2 106 ? -8.623  -3.934  -6.362  1.00 55.56  ? 212 TRP B C   1 
ATOM 1646 O O   . TRP B 2 106 ? -9.698  -4.339  -6.800  1.00 63.26  ? 212 TRP B O   1 
ATOM 1647 C CB  . TRP B 2 106 ? -7.149  -5.316  -7.841  1.00 54.82  ? 212 TRP B CB  1 
ATOM 1648 C CG  . TRP B 2 106 ? -6.816  -6.417  -6.832  1.00 43.49  ? 212 TRP B CG  1 
ATOM 1649 C CD1 . TRP B 2 106 ? -5.612  -6.511  -6.121  1.00 35.46  ? 212 TRP B CD1 1 
ATOM 1650 C CD2 . TRP B 2 106 ? -7.555  -7.549  -6.454  1.00 43.23  ? 212 TRP B CD2 1 
ATOM 1651 N NE1 . TRP B 2 106 ? -5.631  -7.643  -5.309  1.00 32.14  ? 212 TRP B NE1 1 
ATOM 1652 C CE2 . TRP B 2 106 ? -6.841  -8.240  -5.523  1.00 36.10  ? 212 TRP B CE2 1 
ATOM 1653 C CE3 . TRP B 2 106 ? -8.783  -7.961  -6.811  1.00 49.37  ? 212 TRP B CE3 1 
ATOM 1654 C CZ2 . TRP B 2 106 ? -7.278  -9.385  -4.976  1.00 35.52  ? 212 TRP B CZ2 1 
ATOM 1655 C CZ3 . TRP B 2 106 ? -9.252  -9.068  -6.200  1.00 46.55  ? 212 TRP B CZ3 1 
ATOM 1656 C CH2 . TRP B 2 106 ? -8.513  -9.779  -5.309  1.00 41.34  ? 212 TRP B CH2 1 
ATOM 1657 N N   . GLY B 2 107 ? -8.471  -3.512  -5.110  1.00 47.08  ? 213 GLY B N   1 
ATOM 1658 C CA  . GLY B 2 107 ? -9.630  -3.528  -4.222  1.00 48.00  ? 213 GLY B CA  1 
ATOM 1659 C C   . GLY B 2 107 ? -10.198 -2.123  -4.179  1.00 53.43  ? 213 GLY B C   1 
ATOM 1660 O O   . GLY B 2 107 ? -9.441  -1.163  -4.312  1.00 51.33  ? 213 GLY B O   1 
ATOM 1661 N N   . GLN B 2 108 ? -11.507 -1.988  -3.970  1.00 60.63  ? 214 GLN B N   1 
ATOM 1662 C CA  . GLN B 2 108 ? -12.065 -0.637  -3.910  1.00 66.64  ? 214 GLN B CA  1 
ATOM 1663 C C   . GLN B 2 108 ? -12.328 -0.250  -2.457  1.00 59.47  ? 214 GLN B C   1 
ATOM 1664 O O   . GLN B 2 108 ? -12.825 0.839   -2.167  1.00 64.14  ? 214 GLN B O   1 
ATOM 1665 C CB  . GLN B 2 108 ? -13.330 -0.493  -4.764  1.00 81.42  ? 214 GLN B CB  1 
ATOM 1666 C CG  . GLN B 2 108 ? -13.663 0.986   -4.969  1.00 87.42  ? 214 GLN B CG  1 
ATOM 1667 C CD  . GLN B 2 108 ? -14.826 1.231   -5.907  1.00 101.17 ? 214 GLN B CD  1 
ATOM 1668 O OE1 . GLN B 2 108 ? -15.862 1.759   -5.516  1.00 105.01 ? 214 GLN B OE1 1 
ATOM 1669 N NE2 . GLN B 2 108 ? -14.688 0.883   -7.159  1.00 107.34 ? 214 GLN B NE2 1 
ATOM 1670 N N   . GLY B 2 109 ? -11.997 -1.146  -1.530  1.00 49.81  ? 215 GLY B N   1 
ATOM 1671 C CA  . GLY B 2 109 ? -12.157 -0.816  -0.117  1.00 43.75  ? 215 GLY B CA  1 
ATOM 1672 C C   . GLY B 2 109 ? -13.301 -1.611  0.498   1.00 46.01  ? 215 GLY B C   1 
ATOM 1673 O O   . GLY B 2 109 ? -13.832 -2.535  -0.134  1.00 51.55  ? 215 GLY B O   1 
ATOM 1674 N N   . THR B 2 110 ? -13.635 -1.196  1.730   1.00 42.41  ? 216 THR B N   1 
ATOM 1675 C CA  . THR B 2 110 ? -14.672 -1.811  2.539   1.00 45.45  ? 216 THR B CA  1 
ATOM 1676 C C   . THR B 2 110 ? -14.438 -1.349  3.985   1.00 41.16  ? 216 THR B C   1 
ATOM 1677 O O   . THR B 2 110 ? -13.518 -1.796  4.673   1.00 36.62  ? 216 THR B O   1 
ATOM 1678 C CB  . THR B 2 110 ? -14.574 -3.324  2.401   1.00 43.78  ? 216 THR B CB  1 
ATOM 1679 O OG1 . THR B 2 110 ? -15.642 -3.898  3.056   1.00 47.70  ? 216 THR B OG1 1 
ATOM 1680 C CG2 . THR B 2 110 ? -13.343 -3.950  2.993   1.00 36.02  ? 216 THR B CG2 1 
ATOM 1681 N N   . LEU B 2 111 ? -15.246 -0.385  4.403   1.00 44.99  ? 217 LEU B N   1 
ATOM 1682 C CA  . LEU B 2 111 ? -15.010 0.302   5.677   1.00 43.50  ? 217 LEU B CA  1 
ATOM 1683 C C   . LEU B 2 111 ? -15.520 -0.451  6.901   1.00 42.03  ? 217 LEU B C   1 
ATOM 1684 O O   . LEU B 2 111 ? -16.718 -0.719  7.037   1.00 44.39  ? 217 LEU B O   1 
ATOM 1685 C CB  . LEU B 2 111 ? -15.726 1.653   5.631   1.00 53.60  ? 217 LEU B CB  1 
ATOM 1686 C CG  . LEU B 2 111 ? -15.282 2.622   6.730   1.00 56.70  ? 217 LEU B CG  1 
ATOM 1687 C CD1 . LEU B 2 111 ? -13.839 3.082   6.561   1.00 48.09  ? 217 LEU B CD1 1 
ATOM 1688 C CD2 . LEU B 2 111 ? -16.144 3.875   6.807   1.00 79.53  ? 217 LEU B CD2 1 
ATOM 1689 N N   . VAL B 2 112 ? -14.582 -0.739  7.800   1.00 37.92  ? 218 VAL B N   1 
ATOM 1690 C CA  . VAL B 2 112 ? -14.925 -1.331  9.090   1.00 37.65  ? 218 VAL B CA  1 
ATOM 1691 C C   . VAL B 2 112 ? -14.852 -0.241  10.135  1.00 38.74  ? 218 VAL B C   1 
ATOM 1692 O O   . VAL B 2 112 ? -13.920 0.562   10.159  1.00 39.93  ? 218 VAL B O   1 
ATOM 1693 C CB  . VAL B 2 112 ? -13.898 -2.384  9.513   1.00 37.22  ? 218 VAL B CB  1 
ATOM 1694 C CG1 . VAL B 2 112 ? -14.152 -2.901  10.930  1.00 38.05  ? 218 VAL B CG1 1 
ATOM 1695 C CG2 . VAL B 2 112 ? -13.872 -3.588  8.585   1.00 36.84  ? 218 VAL B CG2 1 
ATOM 1696 N N   . ILE B 2 113 ? -15.854 -0.213  11.003  1.00 39.68  ? 219 ILE B N   1 
ATOM 1697 C CA  . ILE B 2 113 ? -15.896 0.820   12.031  1.00 51.67  ? 219 ILE B CA  1 
ATOM 1698 C C   . ILE B 2 113 ? -16.112 0.199   13.408  1.00 57.27  ? 219 ILE B C   1 
ATOM 1699 O O   . ILE B 2 113 ? -17.196 -0.309  13.662  1.00 54.67  ? 219 ILE B O   1 
ATOM 1700 C CB  . ILE B 2 113 ? -17.042 1.791   11.728  1.00 69.39  ? 219 ILE B CB  1 
ATOM 1701 C CG1 . ILE B 2 113 ? -17.047 2.181   10.249  1.00 62.33  ? 219 ILE B CG1 1 
ATOM 1702 C CG2 . ILE B 2 113 ? -17.019 3.013   12.650  1.00 85.83  ? 219 ILE B CG2 1 
ATOM 1703 C CD1 . ILE B 2 113 ? -18.215 3.054   9.804   1.00 86.34  ? 219 ILE B CD1 1 
ATOM 1704 N N   . VAL B 2 114 ? -15.114 0.248   14.295  1.00 56.03  ? 220 VAL B N   1 
ATOM 1705 C CA  . VAL B 2 114 ? -15.285 -0.316  15.647  1.00 50.05  ? 220 VAL B CA  1 
ATOM 1706 C C   . VAL B 2 114 ? -15.676 0.737   16.679  1.00 65.09  ? 220 VAL B C   1 
ATOM 1707 O O   . VAL B 2 114 ? -14.832 1.546   17.078  1.00 67.07  ? 220 VAL B O   1 
ATOM 1708 C CB  . VAL B 2 114 ? -13.990 -0.952  16.167  1.00 45.93  ? 220 VAL B CB  1 
ATOM 1709 C CG1 . VAL B 2 114 ? -14.206 -1.553  17.557  1.00 48.93  ? 220 VAL B CG1 1 
ATOM 1710 C CG2 . VAL B 2 114 ? -13.471 -2.033  15.229  1.00 41.89  ? 220 VAL B CG2 1 
ATOM 1711 N N   . SER B 2 115 ? -16.923 0.722   17.140  1.00 76.66  ? 221 SER B N   1 
ATOM 1712 C CA  . SER B 2 115 ? -17.319 1.698   18.155  1.00 92.18  ? 221 SER B CA  1 
ATOM 1713 C C   . SER B 2 115 ? -18.402 1.170   19.096  1.00 93.04  ? 221 SER B C   1 
ATOM 1714 O O   . SER B 2 115 ? -19.298 0.439   18.631  1.00 88.06  ? 221 SER B O   1 
ATOM 1715 C CB  . SER B 2 115 ? -17.823 2.987   17.499  1.00 99.15  ? 221 SER B CB  1 
ATOM 1716 O OG  . SER B 2 115 ? -18.200 3.968   18.470  1.00 99.48  ? 221 SER B OG  1 
ATOM 1717 O OXT . SER B 2 115 ? -18.367 1.490   20.304  1.00 89.46  ? 221 SER B OXT 1 
# 
